data_3WEV
#
_entry.id   3WEV
#
_cell.length_a   194.992
_cell.length_b   126.164
_cell.length_c   70.865
_cell.angle_alpha   90.00
_cell.angle_beta   99.03
_cell.angle_gamma   90.00
#
_symmetry.space_group_name_H-M   'C 1 2 1'
#
loop_
_entity.id
_entity.type
_entity.pdbx_description
1 polymer 'L-lysine 6-oxidase'
2 non-polymer LYSINE
3 non-polymer 'SULFATE ION'
4 non-polymer 1,2-ETHANEDIOL
5 non-polymer '1,4-DIETHYLENE DIOXIDE'
6 water water
#
_entity_poly.entity_id   1
_entity_poly.type   'polypeptide(L)'
_entity_poly.pdbx_seq_one_letter_code
;MALSVHPSIGVARLGNANTDNFVLNPMEIGGLPYEHDVDLKPTTTVVNFKDEAGCIRRQGQVFKVFGASNEELTLDSPNV
KNIEWTVHLANKKAAWYEFRELNGNLLYGRDNSYSARGVPWRNASKTASSERQSLIIDLGPRSVSGVMATVEISINNIPE
TYLHPSYPSGELLQGSKHFESLGTLRTDSQGRLIVLGGYGFAGGNTDLSGYGGGDDWYDDISDGSVTCVVTYSDDSSETS
TAWMVVGSPDFAPEIVNISTLSDTCFDVGVRNFDLVPDMYDSATGHYKSDYVANFDRDILPIIQRISQYQWVSNVQSMSG
FFSFQFDYRDGSAANKANRMKYYNYFRQLDNKVIGDYDQPQQVLMSSEVEGDILPLMPMNSGSNSVSSSNFYDLTDNVVE
KFLALDATQLFLLGQWAEGEFTAGPADDYPVSDMDTASIGNCVGLPMCPGIEMTWSLQNPVIYKDAYQIKHYQDKAYFDV
NGLTPERDECEEETGCEPGDLTKRMACPWQADFFNCTIQTVNFSEPSVNKASQTETVTSRTHYEWGNLPAGVSVPDQSSV
SATKNVDEKVPLPPAYYSYW(TRQ)PPQSPWDVLTGELDTEGQLHSHLPAGQQINYARGINSYSQMVEHWSALAFIRDRN
QNNDGFPFFTETERNHELFDFKEVLVGQVTGNSEDNETSLPVFFINANKESLEGKGTKKGKLMASYFEERAFSKVRSSNI
RPRSGTRMRG
;
_entity_poly.pdbx_strand_id   A,B
#
# COMPACT_ATOMS: atom_id res chain seq x y z
N ALA A 2 -36.17 -21.24 -43.58
CA ALA A 2 -35.38 -21.35 -42.34
C ALA A 2 -35.80 -20.10 -41.50
N LEU A 3 -35.48 -20.09 -40.22
CA LEU A 3 -35.91 -18.93 -39.37
C LEU A 3 -34.75 -17.93 -39.24
N SER A 4 -34.97 -16.69 -38.85
CA SER A 4 -33.80 -15.88 -38.43
C SER A 4 -34.14 -15.17 -37.14
N VAL A 5 -33.13 -14.94 -36.29
CA VAL A 5 -33.32 -14.22 -35.03
C VAL A 5 -32.62 -12.85 -35.21
N HIS A 6 -33.26 -11.78 -34.76
CA HIS A 6 -32.64 -10.44 -34.77
C HIS A 6 -32.86 -9.82 -33.38
N PRO A 7 -31.88 -9.04 -32.90
CA PRO A 7 -30.59 -8.76 -33.54
C PRO A 7 -29.71 -10.02 -33.57
N SER A 8 -28.78 -10.05 -34.51
CA SER A 8 -27.78 -11.11 -34.55
C SER A 8 -26.81 -11.06 -33.39
N ILE A 9 -26.52 -9.86 -32.88
CA ILE A 9 -25.71 -9.71 -31.69
C ILE A 9 -26.46 -8.74 -30.78
N GLY A 10 -27.04 -9.29 -29.69
CA GLY A 10 -27.79 -8.49 -28.73
C GLY A 10 -26.84 -7.74 -27.81
N VAL A 11 -27.35 -6.63 -27.23
CA VAL A 11 -26.55 -5.79 -26.35
C VAL A 11 -27.40 -5.40 -25.16
N ALA A 12 -26.99 -5.82 -23.98
CA ALA A 12 -27.62 -5.40 -22.77
C ALA A 12 -26.58 -4.58 -21.98
N ARG A 13 -27.05 -3.86 -20.97
N ARG A 13 -27.08 -3.81 -21.00
CA ARG A 13 -26.13 -3.06 -20.17
CA ARG A 13 -26.24 -2.91 -20.17
C ARG A 13 -26.42 -3.21 -18.69
C ARG A 13 -26.43 -3.24 -18.68
N LEU A 14 -25.34 -3.23 -17.93
CA LEU A 14 -25.37 -3.50 -16.50
C LEU A 14 -26.14 -2.41 -15.80
N GLY A 15 -26.74 -2.78 -14.68
CA GLY A 15 -27.46 -1.84 -13.84
C GLY A 15 -27.67 -2.38 -12.46
N ASN A 16 -27.52 -1.50 -11.46
CA ASN A 16 -27.68 -1.90 -10.08
C ASN A 16 -28.98 -1.52 -9.46
N ALA A 17 -29.94 -1.00 -10.21
CA ALA A 17 -31.27 -0.73 -9.63
C ALA A 17 -31.99 -2.05 -9.27
N ASN A 18 -33.27 -1.98 -8.90
CA ASN A 18 -34.00 -3.20 -8.59
C ASN A 18 -34.04 -4.12 -9.85
N THR A 19 -34.00 -5.42 -9.62
CA THR A 19 -34.06 -6.41 -10.70
C THR A 19 -35.25 -6.25 -11.65
N ASP A 20 -36.35 -5.75 -11.13
CA ASP A 20 -37.56 -5.59 -11.92
C ASP A 20 -37.68 -4.24 -12.62
N ASN A 21 -36.70 -3.36 -12.42
CA ASN A 21 -36.78 -1.97 -12.91
C ASN A 21 -35.75 -1.77 -14.06
N PHE A 22 -36.21 -1.91 -15.29
CA PHE A 22 -35.33 -1.87 -16.46
C PHE A 22 -35.96 -1.12 -17.64
N VAL A 23 -35.09 -0.74 -18.57
CA VAL A 23 -35.45 -0.19 -19.84
C VAL A 23 -35.13 -1.25 -20.92
N LEU A 24 -35.77 -1.07 -22.07
CA LEU A 24 -35.53 -1.86 -23.26
C LEU A 24 -34.61 -1.17 -24.27
N ASN A 25 -34.17 -1.96 -25.24
CA ASN A 25 -33.07 -1.60 -26.11
C ASN A 25 -33.37 -0.37 -26.98
N PRO A 26 -32.32 0.34 -27.30
CA PRO A 26 -32.43 1.32 -28.36
C PRO A 26 -32.90 0.66 -29.65
N MET A 27 -33.63 1.40 -30.47
CA MET A 27 -34.20 0.89 -31.71
C MET A 27 -33.46 1.46 -32.89
N GLU A 28 -32.39 2.22 -32.64
CA GLU A 28 -31.59 2.69 -33.75
C GLU A 28 -30.24 3.12 -33.19
N ILE A 29 -29.32 3.38 -34.08
CA ILE A 29 -27.97 3.83 -33.71
C ILE A 29 -28.11 5.24 -33.19
N GLY A 30 -27.67 5.46 -31.97
CA GLY A 30 -27.78 6.78 -31.36
C GLY A 30 -29.16 6.98 -30.71
N GLY A 31 -29.98 5.91 -30.62
CA GLY A 31 -31.31 6.07 -30.04
C GLY A 31 -31.29 5.89 -28.56
N LEU A 32 -32.22 6.53 -27.89
CA LEU A 32 -32.41 6.30 -26.46
C LEU A 32 -33.02 4.90 -26.23
N PRO A 33 -32.76 4.29 -25.08
CA PRO A 33 -33.47 3.11 -24.65
C PRO A 33 -34.91 3.49 -24.22
N TYR A 34 -35.73 2.49 -24.01
CA TYR A 34 -37.21 2.65 -23.98
C TYR A 34 -37.82 2.22 -22.66
N GLU A 35 -38.78 2.99 -22.21
CA GLU A 35 -39.65 2.59 -21.11
C GLU A 35 -40.52 1.48 -21.75
N HIS A 36 -41.28 0.75 -20.91
CA HIS A 36 -42.12 -0.29 -21.43
C HIS A 36 -43.40 -0.41 -20.61
N ASP A 37 -44.39 -1.10 -21.19
CA ASP A 37 -45.68 -1.28 -20.51
C ASP A 37 -45.63 -2.61 -19.76
N VAL A 38 -46.73 -3.02 -19.12
CA VAL A 38 -46.72 -4.23 -18.25
C VAL A 38 -46.60 -5.51 -19.03
N ASP A 39 -46.89 -5.41 -20.34
CA ASP A 39 -46.58 -6.47 -21.34
C ASP A 39 -45.14 -6.49 -21.83
N LEU A 40 -44.27 -5.60 -21.31
CA LEU A 40 -42.87 -5.55 -21.72
C LEU A 40 -42.69 -5.17 -23.18
N LYS A 41 -43.64 -4.43 -23.73
CA LYS A 41 -43.50 -3.80 -25.04
C LYS A 41 -43.00 -2.36 -24.88
N PRO A 42 -42.15 -1.90 -25.80
CA PRO A 42 -41.54 -0.57 -25.65
C PRO A 42 -42.60 0.52 -25.81
N THR A 43 -42.53 1.61 -25.05
CA THR A 43 -43.53 2.62 -25.17
C THR A 43 -42.83 3.93 -25.57
N THR A 44 -42.43 4.73 -24.59
CA THR A 44 -41.76 6.03 -24.83
C THR A 44 -40.28 5.84 -24.53
N THR A 45 -39.46 6.77 -25.00
CA THR A 45 -38.02 6.78 -24.64
C THR A 45 -37.89 7.00 -23.16
N VAL A 46 -36.75 6.55 -22.65
CA VAL A 46 -36.42 6.56 -21.21
C VAL A 46 -36.72 7.92 -20.60
N VAL A 47 -37.35 7.92 -19.43
CA VAL A 47 -37.51 9.16 -18.68
C VAL A 47 -36.25 9.35 -17.85
N ASN A 48 -36.01 8.55 -16.81
CA ASN A 48 -34.75 8.63 -16.09
C ASN A 48 -33.92 7.36 -16.19
N PHE A 49 -32.60 7.50 -16.38
CA PHE A 49 -31.70 6.34 -16.46
C PHE A 49 -31.53 5.64 -15.15
N LYS A 50 -31.67 6.41 -14.07
CA LYS A 50 -31.49 5.89 -12.72
C LYS A 50 -32.83 5.90 -11.98
N ASP A 51 -32.92 5.08 -10.93
CA ASP A 51 -34.07 5.06 -10.08
C ASP A 51 -33.94 6.16 -9.06
N GLU A 52 -34.94 6.29 -8.20
CA GLU A 52 -34.91 7.39 -7.24
C GLU A 52 -33.76 7.36 -6.32
N ALA A 53 -33.24 6.17 -6.01
CA ALA A 53 -32.09 6.05 -5.16
C ALA A 53 -30.76 6.33 -5.88
N GLY A 54 -30.75 6.60 -7.19
CA GLY A 54 -29.49 6.89 -7.88
C GLY A 54 -28.77 5.64 -8.38
N CYS A 55 -29.52 4.55 -8.47
CA CYS A 55 -29.06 3.27 -9.06
C CYS A 55 -29.43 3.19 -10.54
N ILE A 56 -28.47 2.70 -11.33
CA ILE A 56 -28.67 2.62 -12.78
C ILE A 56 -29.56 1.46 -13.18
N ARG A 57 -30.60 1.75 -13.95
CA ARG A 57 -31.46 0.68 -14.48
C ARG A 57 -30.78 -0.14 -15.55
N ARG A 58 -30.85 -1.48 -15.42
CA ARG A 58 -30.47 -2.35 -16.52
C ARG A 58 -31.18 -2.01 -17.82
N GLN A 59 -30.46 -2.24 -18.93
N GLN A 59 -30.48 -2.25 -18.94
CA GLN A 59 -31.02 -2.17 -20.25
CA GLN A 59 -31.11 -2.06 -20.22
C GLN A 59 -31.07 -3.60 -20.77
C GLN A 59 -31.06 -3.46 -20.94
N GLY A 60 -32.24 -3.99 -21.25
CA GLY A 60 -32.44 -5.33 -21.76
C GLY A 60 -32.57 -5.33 -23.24
N GLN A 61 -32.20 -6.45 -23.87
CA GLN A 61 -32.33 -6.65 -25.31
C GLN A 61 -33.51 -7.56 -25.61
N VAL A 62 -34.44 -7.04 -26.41
CA VAL A 62 -35.51 -7.82 -27.06
C VAL A 62 -34.96 -8.50 -28.29
N PHE A 63 -35.19 -9.81 -28.38
CA PHE A 63 -34.91 -10.58 -29.57
C PHE A 63 -36.26 -11.03 -30.17
N LYS A 64 -36.32 -11.10 -31.50
CA LYS A 64 -37.52 -11.45 -32.27
C LYS A 64 -37.10 -12.55 -33.26
N VAL A 65 -38.04 -13.43 -33.62
CA VAL A 65 -37.72 -14.52 -34.57
C VAL A 65 -38.70 -14.38 -35.72
N PHE A 66 -38.20 -14.63 -36.94
CA PHE A 66 -38.91 -14.38 -38.20
C PHE A 66 -38.89 -15.64 -39.04
N GLY A 67 -40.01 -15.88 -39.72
CA GLY A 67 -40.11 -17.02 -40.67
C GLY A 67 -39.52 -16.74 -42.04
N ALA A 68 -39.77 -17.67 -42.96
CA ALA A 68 -38.99 -17.79 -44.19
C ALA A 68 -39.19 -16.55 -45.03
N SER A 69 -40.38 -15.98 -44.96
CA SER A 69 -40.72 -14.79 -45.71
C SER A 69 -40.62 -13.54 -44.86
N ASN A 70 -39.76 -13.61 -43.84
CA ASN A 70 -39.47 -12.45 -42.95
C ASN A 70 -40.58 -11.92 -42.12
N GLU A 71 -41.61 -12.71 -41.89
CA GLU A 71 -42.70 -12.31 -41.01
C GLU A 71 -42.35 -12.76 -39.60
N GLU A 72 -42.67 -11.93 -38.63
CA GLU A 72 -42.33 -12.20 -37.28
C GLU A 72 -43.18 -13.36 -36.80
N LEU A 73 -42.55 -14.26 -36.08
CA LEU A 73 -43.26 -15.38 -35.35
C LEU A 73 -43.33 -15.03 -33.85
N THR A 74 -44.55 -15.05 -33.33
CA THR A 74 -44.78 -14.99 -31.91
C THR A 74 -45.69 -16.14 -31.44
N LEU A 75 -45.99 -16.16 -30.14
CA LEU A 75 -46.91 -17.19 -29.61
C LEU A 75 -48.29 -17.01 -30.16
N ASP A 76 -48.57 -15.85 -30.78
CA ASP A 76 -49.87 -15.61 -31.40
C ASP A 76 -49.91 -16.03 -32.86
N SER A 77 -48.81 -16.48 -33.44
CA SER A 77 -48.85 -16.82 -34.84
C SER A 77 -49.62 -18.14 -35.03
N PRO A 78 -50.38 -18.23 -36.13
CA PRO A 78 -51.01 -19.52 -36.46
C PRO A 78 -49.92 -20.59 -36.61
N ASN A 79 -50.18 -21.76 -36.08
CA ASN A 79 -49.32 -22.92 -36.34
C ASN A 79 -48.08 -22.93 -35.45
N VAL A 80 -47.96 -21.94 -34.55
CA VAL A 80 -46.95 -21.94 -33.53
C VAL A 80 -47.50 -22.39 -32.17
N LYS A 81 -46.96 -23.46 -31.61
CA LYS A 81 -47.38 -23.81 -30.28
C LYS A 81 -46.34 -23.40 -29.27
N ASN A 82 -45.07 -23.26 -29.60
CA ASN A 82 -44.17 -22.72 -28.57
C ASN A 82 -42.96 -22.11 -29.17
N ILE A 83 -42.28 -21.26 -28.39
CA ILE A 83 -41.04 -20.62 -28.82
C ILE A 83 -40.21 -20.65 -27.58
N GLU A 84 -39.09 -21.33 -27.66
CA GLU A 84 -38.25 -21.55 -26.50
C GLU A 84 -36.88 -20.98 -26.78
N TRP A 85 -36.49 -20.05 -25.91
CA TRP A 85 -35.19 -19.43 -26.02
C TRP A 85 -34.24 -19.98 -24.96
N THR A 86 -33.04 -20.36 -25.38
CA THR A 86 -32.05 -20.84 -24.51
C THR A 86 -30.86 -19.91 -24.68
N VAL A 87 -30.45 -19.31 -23.57
CA VAL A 87 -29.30 -18.40 -23.54
C VAL A 87 -28.24 -18.89 -22.60
N HIS A 88 -27.05 -19.01 -23.15
CA HIS A 88 -25.92 -19.38 -22.39
C HIS A 88 -24.84 -18.28 -22.31
N LEU A 89 -24.82 -17.56 -21.19
CA LEU A 89 -23.89 -16.43 -20.96
C LEU A 89 -22.76 -16.94 -20.07
N ALA A 90 -21.53 -16.47 -20.29
CA ALA A 90 -20.39 -16.82 -19.43
C ALA A 90 -19.43 -15.64 -19.39
N ASN A 91 -18.58 -15.62 -18.38
CA ASN A 91 -17.52 -14.62 -18.28
C ASN A 91 -16.24 -15.38 -18.17
N LYS A 92 -15.45 -15.31 -19.23
CA LYS A 92 -14.17 -16.04 -19.24
C LYS A 92 -12.99 -15.15 -18.91
N LYS A 93 -13.22 -13.89 -18.47
CA LYS A 93 -12.15 -12.95 -18.27
C LYS A 93 -11.00 -13.44 -17.36
N ALA A 94 -11.34 -13.98 -16.18
CA ALA A 94 -10.33 -14.42 -15.23
C ALA A 94 -9.44 -15.59 -15.73
N ALA A 95 -9.93 -16.29 -16.74
CA ALA A 95 -9.28 -17.40 -17.36
C ALA A 95 -8.45 -17.05 -18.58
N TRP A 96 -8.57 -15.80 -19.07
CA TRP A 96 -7.93 -15.41 -20.31
C TRP A 96 -6.53 -14.80 -20.07
N TYR A 97 -5.90 -14.39 -21.16
CA TYR A 97 -4.61 -13.70 -21.10
C TYR A 97 -4.71 -12.27 -20.57
N GLU A 98 -3.62 -11.79 -20.03
CA GLU A 98 -3.51 -10.39 -19.71
C GLU A 98 -3.65 -9.57 -21.03
N PHE A 99 -4.32 -8.43 -20.96
CA PHE A 99 -4.39 -7.54 -22.10
C PHE A 99 -3.07 -6.79 -22.36
N ARG A 100 -2.52 -7.03 -23.57
CA ARG A 100 -1.31 -6.39 -24.00
C ARG A 100 -1.47 -5.76 -25.34
N GLU A 101 -2.41 -4.79 -25.39
CA GLU A 101 -2.70 -4.12 -26.62
C GLU A 101 -2.93 -5.15 -27.76
N LEU A 102 -2.21 -5.01 -28.86
CA LEU A 102 -2.45 -5.82 -30.05
C LEU A 102 -1.84 -7.21 -30.04
N ASN A 103 -1.03 -7.50 -29.02
CA ASN A 103 -0.47 -8.87 -28.89
C ASN A 103 -1.61 -9.85 -28.75
N GLY A 104 -1.53 -10.86 -29.62
CA GLY A 104 -2.52 -11.93 -29.64
C GLY A 104 -3.48 -11.82 -30.79
N ASN A 105 -3.40 -10.71 -31.52
CA ASN A 105 -4.30 -10.42 -32.60
C ASN A 105 -3.74 -11.03 -33.87
N LEU A 106 -4.43 -12.06 -34.38
CA LEU A 106 -3.89 -12.86 -35.46
C LEU A 106 -4.08 -12.20 -36.79
N LEU A 107 -4.79 -11.06 -36.84
CA LEU A 107 -4.81 -10.33 -38.06
C LEU A 107 -3.42 -9.81 -38.44
N TYR A 108 -2.49 -9.77 -37.49
CA TYR A 108 -1.12 -9.30 -37.77
C TYR A 108 -0.21 -10.54 -38.10
N GLY A 109 -0.81 -11.71 -38.23
CA GLY A 109 -0.03 -12.91 -38.47
C GLY A 109 0.23 -13.79 -37.28
N ARG A 110 0.61 -15.03 -37.56
CA ARG A 110 0.86 -16.00 -36.53
C ARG A 110 2.00 -15.63 -35.63
N ASP A 111 2.93 -14.85 -36.11
CA ASP A 111 4.03 -14.40 -35.26
C ASP A 111 3.58 -13.41 -34.22
N ASN A 112 2.28 -13.00 -34.29
CA ASN A 112 1.73 -12.11 -33.24
C ASN A 112 0.78 -12.86 -32.33
N SER A 113 0.78 -14.21 -32.36
CA SER A 113 -0.06 -15.02 -31.46
C SER A 113 0.27 -14.76 -30.05
N TYR A 114 -0.68 -15.02 -29.15
CA TYR A 114 -0.39 -14.93 -27.72
C TYR A 114 0.86 -15.75 -27.31
N SER A 115 0.99 -16.98 -27.81
N SER A 115 0.99 -16.99 -27.82
CA SER A 115 2.17 -17.81 -27.48
CA SER A 115 2.17 -17.85 -27.55
C SER A 115 3.46 -17.25 -28.04
C SER A 115 3.44 -17.22 -28.03
N ALA A 116 3.46 -16.83 -29.29
CA ALA A 116 4.68 -16.28 -29.85
C ALA A 116 5.07 -15.00 -29.17
N ARG A 117 4.10 -14.24 -28.65
CA ARG A 117 4.40 -13.01 -27.94
C ARG A 117 4.63 -13.20 -26.47
N GLY A 118 4.48 -14.42 -25.95
CA GLY A 118 4.75 -14.59 -24.54
C GLY A 118 3.74 -13.94 -23.58
N VAL A 119 2.48 -13.82 -23.96
CA VAL A 119 1.58 -13.09 -23.12
C VAL A 119 1.20 -13.97 -21.96
N PRO A 120 1.28 -13.46 -20.73
CA PRO A 120 0.92 -14.33 -19.62
C PRO A 120 -0.57 -14.52 -19.41
N TRP A 121 -0.94 -15.66 -18.83
CA TRP A 121 -2.30 -15.88 -18.42
C TRP A 121 -2.57 -15.00 -17.19
N ARG A 122 -3.76 -14.44 -17.10
CA ARG A 122 -4.32 -13.97 -15.84
C ARG A 122 -4.37 -15.11 -14.79
N ASN A 123 -4.23 -14.76 -13.51
CA ASN A 123 -4.25 -15.80 -12.46
C ASN A 123 -3.26 -16.95 -12.81
N ALA A 124 -2.03 -16.51 -13.04
CA ALA A 124 -0.99 -17.37 -13.63
C ALA A 124 -0.53 -18.57 -12.75
N SER A 125 -0.80 -18.52 -11.45
CA SER A 125 -0.46 -19.64 -10.57
C SER A 125 -1.41 -20.83 -10.80
N LYS A 126 -2.57 -20.57 -11.40
CA LYS A 126 -3.44 -21.64 -11.83
C LYS A 126 -3.03 -22.11 -13.21
N THR A 127 -2.48 -23.31 -13.32
CA THR A 127 -1.93 -23.87 -14.58
C THR A 127 -2.62 -25.15 -15.11
N ALA A 128 -3.25 -25.94 -14.23
CA ALA A 128 -4.05 -27.12 -14.70
C ALA A 128 -5.37 -26.69 -15.32
N SER A 129 -5.78 -27.40 -16.36
CA SER A 129 -6.98 -27.06 -17.09
C SER A 129 -8.22 -26.94 -16.24
N SER A 130 -8.38 -27.83 -15.27
CA SER A 130 -9.56 -27.80 -14.46
C SER A 130 -9.50 -26.57 -13.51
N GLU A 131 -8.32 -26.22 -13.03
CA GLU A 131 -8.19 -25.00 -12.26
C GLU A 131 -8.53 -23.75 -13.15
N ARG A 132 -8.07 -23.74 -14.38
CA ARG A 132 -8.38 -22.61 -15.26
C ARG A 132 -9.88 -22.55 -15.54
N GLN A 133 -10.49 -23.70 -15.77
CA GLN A 133 -11.90 -23.68 -16.02
C GLN A 133 -12.69 -23.09 -14.86
N SER A 134 -12.23 -23.26 -13.65
CA SER A 134 -13.07 -22.85 -12.54
C SER A 134 -12.99 -21.29 -12.33
N LEU A 135 -12.05 -20.65 -13.00
CA LEU A 135 -11.93 -19.20 -12.96
C LEU A 135 -13.06 -18.53 -13.79
N ILE A 136 -13.63 -19.28 -14.73
CA ILE A 136 -14.69 -18.85 -15.56
C ILE A 136 -15.89 -18.70 -14.69
N ILE A 137 -16.67 -17.65 -14.95
CA ILE A 137 -18.03 -17.59 -14.41
C ILE A 137 -19.00 -18.16 -15.43
N ASP A 138 -19.57 -19.32 -15.11
CA ASP A 138 -20.39 -20.10 -16.00
C ASP A 138 -21.41 -20.86 -15.13
N LEU A 139 -22.66 -20.45 -15.27
CA LEU A 139 -23.77 -20.92 -14.47
C LEU A 139 -24.62 -21.83 -15.32
N GLY A 140 -24.13 -22.17 -16.52
CA GLY A 140 -24.91 -22.90 -17.49
C GLY A 140 -25.94 -22.07 -18.23
N PRO A 141 -26.65 -22.72 -19.14
CA PRO A 141 -27.71 -22.15 -19.94
C PRO A 141 -28.97 -21.99 -19.08
N ARG A 142 -29.83 -21.05 -19.48
CA ARG A 142 -31.18 -20.98 -18.98
C ARG A 142 -32.08 -20.91 -20.15
N SER A 143 -33.33 -21.34 -19.96
CA SER A 143 -34.37 -21.31 -20.97
C SER A 143 -35.62 -20.61 -20.48
N VAL A 144 -36.33 -20.03 -21.43
N VAL A 144 -36.27 -19.90 -21.39
CA VAL A 144 -37.50 -19.28 -21.12
CA VAL A 144 -37.55 -19.26 -21.08
C VAL A 144 -38.46 -19.44 -22.29
C VAL A 144 -38.46 -19.47 -22.27
N SER A 145 -39.75 -19.57 -22.01
CA SER A 145 -40.78 -19.66 -23.06
C SER A 145 -42.11 -19.32 -22.49
N GLY A 146 -43.02 -18.92 -23.34
CA GLY A 146 -44.33 -18.56 -22.89
C GLY A 146 -44.53 -17.06 -22.66
N VAL A 147 -45.66 -16.76 -22.04
CA VAL A 147 -46.15 -15.40 -21.79
C VAL A 147 -45.58 -14.92 -20.49
N MET A 148 -44.88 -13.78 -20.56
CA MET A 148 -44.38 -13.14 -19.34
C MET A 148 -43.64 -14.07 -18.40
N ALA A 149 -42.65 -14.80 -18.89
CA ALA A 149 -41.83 -15.66 -18.04
C ALA A 149 -40.63 -14.88 -17.50
N THR A 150 -40.05 -15.36 -16.39
CA THR A 150 -38.87 -14.75 -15.79
C THR A 150 -38.03 -15.86 -15.17
N VAL A 151 -36.75 -15.94 -15.54
N VAL A 151 -36.73 -15.86 -15.49
CA VAL A 151 -35.85 -16.76 -14.79
CA VAL A 151 -35.78 -16.85 -15.01
C VAL A 151 -34.45 -16.20 -14.70
C VAL A 151 -34.44 -16.13 -14.70
N GLU A 152 -33.93 -16.25 -13.49
CA GLU A 152 -32.63 -15.66 -13.17
C GLU A 152 -31.51 -16.56 -13.68
N ILE A 153 -30.40 -15.96 -14.09
CA ILE A 153 -29.19 -16.77 -14.35
C ILE A 153 -28.41 -16.77 -13.08
N SER A 154 -28.88 -17.56 -12.09
CA SER A 154 -28.45 -17.46 -10.70
C SER A 154 -27.58 -18.63 -10.30
N ILE A 155 -26.71 -18.42 -9.32
CA ILE A 155 -25.94 -19.56 -8.77
C ILE A 155 -26.94 -20.50 -8.07
N ASN A 156 -28.16 -20.07 -7.79
CA ASN A 156 -29.16 -20.95 -7.15
C ASN A 156 -30.09 -21.76 -8.05
N ASN A 157 -29.99 -21.67 -9.38
CA ASN A 157 -30.83 -22.48 -10.22
C ASN A 157 -30.05 -23.04 -11.42
N ILE A 158 -28.83 -23.47 -11.13
CA ILE A 158 -27.99 -24.05 -12.11
C ILE A 158 -28.66 -25.40 -12.46
N PRO A 159 -28.95 -25.67 -13.73
CA PRO A 159 -29.58 -26.98 -14.01
C PRO A 159 -28.72 -28.16 -13.57
N GLU A 160 -29.36 -29.18 -12.98
CA GLU A 160 -28.67 -30.49 -12.68
C GLU A 160 -27.87 -31.09 -13.84
N THR A 161 -28.32 -30.91 -15.07
CA THR A 161 -27.60 -31.43 -16.26
C THR A 161 -26.31 -30.67 -16.62
N TYR A 162 -26.08 -29.52 -15.98
CA TYR A 162 -24.90 -28.72 -16.22
C TYR A 162 -23.85 -29.12 -15.20
N LEU A 163 -22.91 -29.94 -15.65
CA LEU A 163 -22.04 -30.66 -14.74
C LEU A 163 -20.86 -29.83 -14.24
N HIS A 164 -20.51 -28.75 -14.93
CA HIS A 164 -19.32 -27.97 -14.55
C HIS A 164 -19.58 -26.47 -14.38
N PRO A 165 -20.43 -26.10 -13.45
CA PRO A 165 -20.62 -24.67 -13.20
C PRO A 165 -19.44 -24.14 -12.49
N SER A 166 -19.22 -22.84 -12.54
CA SER A 166 -18.13 -22.22 -11.77
C SER A 166 -18.40 -20.77 -11.55
N TYR A 167 -17.77 -20.25 -10.49
CA TYR A 167 -17.96 -18.87 -10.07
C TYR A 167 -17.16 -18.55 -8.83
N PRO A 168 -16.91 -17.27 -8.57
CA PRO A 168 -16.22 -16.91 -7.34
C PRO A 168 -17.16 -17.09 -6.16
N SER A 169 -16.86 -18.10 -5.37
CA SER A 169 -17.77 -18.45 -4.29
C SER A 169 -17.31 -17.90 -2.96
N GLY A 170 -18.22 -17.86 -2.03
CA GLY A 170 -18.00 -17.17 -0.78
C GLY A 170 -17.72 -15.67 -0.82
N GLU A 171 -17.39 -15.17 0.37
CA GLU A 171 -17.21 -13.76 0.60
C GLU A 171 -15.86 -13.28 0.04
N LEU A 172 -15.94 -12.40 -0.95
CA LEU A 172 -14.76 -11.77 -1.54
C LEU A 172 -14.24 -10.65 -0.67
N LEU A 173 -12.91 -10.52 -0.66
CA LEU A 173 -12.25 -9.62 0.30
C LEU A 173 -12.23 -8.14 -0.07
N GLN A 174 -12.40 -7.79 -1.36
CA GLN A 174 -12.51 -6.39 -1.79
C GLN A 174 -13.60 -6.13 -2.84
N GLY A 175 -14.16 -4.92 -2.86
CA GLY A 175 -15.32 -4.65 -3.77
C GLY A 175 -16.57 -5.44 -3.42
N SER A 176 -17.34 -5.82 -4.43
CA SER A 176 -18.55 -6.59 -4.19
C SER A 176 -18.19 -7.91 -3.41
N LYS A 177 -18.96 -8.21 -2.39
CA LYS A 177 -18.68 -9.34 -1.47
C LYS A 177 -19.14 -10.68 -1.97
N HIS A 178 -20.29 -10.71 -2.65
CA HIS A 178 -21.01 -11.96 -2.98
C HIS A 178 -21.54 -11.98 -4.39
N PHE A 179 -21.03 -12.88 -5.20
CA PHE A 179 -21.54 -13.04 -6.56
C PHE A 179 -22.76 -13.95 -6.52
N GLU A 180 -23.77 -13.60 -7.30
CA GLU A 180 -25.03 -14.31 -7.27
C GLU A 180 -25.63 -14.60 -8.67
N SER A 181 -25.44 -13.68 -9.62
CA SER A 181 -26.15 -13.76 -10.85
C SER A 181 -25.41 -13.15 -12.04
N LEU A 182 -25.62 -13.73 -13.22
CA LEU A 182 -25.19 -13.08 -14.49
C LEU A 182 -26.28 -12.28 -15.23
N GLY A 183 -27.51 -12.40 -14.73
CA GLY A 183 -28.64 -11.65 -15.27
C GLY A 183 -29.95 -12.36 -15.22
N THR A 184 -30.86 -11.96 -16.09
CA THR A 184 -32.25 -12.41 -16.04
C THR A 184 -32.72 -12.62 -17.47
N LEU A 185 -33.40 -13.73 -17.76
CA LEU A 185 -34.12 -13.92 -18.98
C LEU A 185 -35.59 -13.69 -18.75
N ARG A 186 -36.23 -13.01 -19.68
CA ARG A 186 -37.69 -12.84 -19.59
C ARG A 186 -38.30 -13.15 -20.94
N THR A 187 -39.61 -13.33 -20.96
CA THR A 187 -40.37 -13.13 -22.18
C THR A 187 -41.39 -12.07 -21.97
N ASP A 188 -41.79 -11.44 -23.05
CA ASP A 188 -42.86 -10.44 -23.05
C ASP A 188 -44.20 -11.19 -23.18
N SER A 189 -45.27 -10.43 -23.39
CA SER A 189 -46.58 -11.02 -23.46
C SER A 189 -46.83 -11.91 -24.68
N GLN A 190 -45.98 -11.87 -25.70
CA GLN A 190 -46.18 -12.65 -26.87
C GLN A 190 -45.04 -13.67 -27.06
N GLY A 191 -44.21 -13.89 -26.03
CA GLY A 191 -43.13 -14.90 -26.10
C GLY A 191 -41.74 -14.46 -26.62
N ARG A 192 -41.56 -13.16 -26.94
CA ARG A 192 -40.26 -12.64 -27.36
C ARG A 192 -39.33 -12.67 -26.19
N LEU A 193 -38.07 -12.90 -26.47
CA LEU A 193 -37.05 -12.94 -25.47
C LEU A 193 -36.59 -11.53 -25.09
N ILE A 194 -36.36 -11.33 -23.81
CA ILE A 194 -35.66 -10.16 -23.27
C ILE A 194 -34.51 -10.66 -22.45
N VAL A 195 -33.28 -10.29 -22.82
CA VAL A 195 -32.16 -10.63 -21.99
C VAL A 195 -31.65 -9.38 -21.27
N LEU A 196 -31.55 -9.52 -19.97
CA LEU A 196 -31.00 -8.55 -19.08
C LEU A 196 -29.71 -9.17 -18.56
N GLY A 197 -28.71 -8.30 -18.39
CA GLY A 197 -27.38 -8.72 -17.95
C GLY A 197 -27.08 -8.49 -16.47
N GLY A 198 -25.81 -8.33 -16.15
CA GLY A 198 -25.43 -8.18 -14.76
C GLY A 198 -25.87 -6.90 -14.08
N TYR A 199 -25.51 -6.86 -12.79
CA TYR A 199 -25.91 -5.88 -11.84
C TYR A 199 -24.81 -4.92 -11.48
N GLY A 200 -23.63 -5.09 -12.05
CA GLY A 200 -22.45 -4.27 -11.77
C GLY A 200 -21.47 -4.82 -10.72
N PHE A 201 -21.70 -6.07 -10.31
CA PHE A 201 -20.76 -6.82 -9.47
C PHE A 201 -19.30 -6.67 -9.95
N ALA A 202 -18.41 -6.35 -9.03
CA ALA A 202 -16.98 -6.29 -9.31
C ALA A 202 -16.28 -6.39 -7.94
N GLY A 203 -15.67 -7.54 -7.75
CA GLY A 203 -15.05 -7.91 -6.48
C GLY A 203 -13.87 -8.89 -6.68
N GLY A 204 -13.00 -8.92 -5.70
CA GLY A 204 -11.90 -9.91 -5.68
C GLY A 204 -11.17 -10.06 -4.35
N ASN A 205 -10.11 -10.86 -4.37
CA ASN A 205 -9.47 -11.24 -3.13
C ASN A 205 -8.08 -10.62 -3.00
N THR A 206 -7.72 -9.70 -3.87
CA THR A 206 -6.47 -8.93 -3.72
C THR A 206 -6.75 -7.46 -3.84
N ASP A 207 -5.75 -6.65 -3.49
CA ASP A 207 -5.78 -5.21 -3.67
C ASP A 207 -5.15 -4.81 -5.01
N GLY A 213 -1.20 -6.72 -7.47
CA GLY A 213 -2.60 -6.75 -6.97
C GLY A 213 -3.58 -6.75 -8.15
N GLY A 214 -4.70 -7.48 -8.08
CA GLY A 214 -5.53 -7.62 -9.28
C GLY A 214 -5.88 -9.04 -9.69
N ASP A 215 -5.20 -9.99 -9.06
CA ASP A 215 -5.46 -11.38 -9.34
C ASP A 215 -6.71 -11.68 -8.57
N ASP A 216 -7.43 -12.66 -9.05
CA ASP A 216 -8.50 -13.20 -8.32
C ASP A 216 -9.54 -12.09 -8.22
N TRP A 217 -9.69 -11.38 -9.34
CA TRP A 217 -10.82 -10.43 -9.55
C TRP A 217 -11.84 -10.88 -10.60
N TYR A 218 -13.07 -10.40 -10.41
CA TYR A 218 -14.20 -10.80 -11.23
C TYR A 218 -15.15 -9.66 -11.45
N ASP A 219 -15.83 -9.69 -12.59
CA ASP A 219 -17.03 -8.90 -12.78
C ASP A 219 -18.14 -9.74 -13.35
N ASP A 220 -19.30 -9.11 -13.59
CA ASP A 220 -20.47 -9.80 -14.07
C ASP A 220 -20.83 -9.41 -15.47
N ILE A 221 -19.88 -8.85 -16.21
CA ILE A 221 -19.96 -8.76 -17.68
C ILE A 221 -20.08 -10.21 -18.12
N SER A 222 -20.74 -10.41 -19.25
CA SER A 222 -20.81 -11.73 -19.88
C SER A 222 -21.17 -11.62 -21.35
N ASP A 223 -21.02 -12.74 -22.06
CA ASP A 223 -21.59 -12.84 -23.40
C ASP A 223 -21.82 -14.31 -23.72
N GLY A 224 -22.64 -14.54 -24.74
CA GLY A 224 -22.84 -15.93 -25.23
C GLY A 224 -23.99 -16.17 -26.16
N SER A 225 -24.35 -17.47 -26.32
CA SER A 225 -25.20 -17.91 -27.38
C SER A 225 -26.64 -17.77 -27.06
N VAL A 226 -27.39 -17.50 -28.12
CA VAL A 226 -28.86 -17.46 -28.06
C VAL A 226 -29.33 -18.54 -29.02
N THR A 227 -30.17 -19.47 -28.54
CA THR A 227 -30.84 -20.44 -29.39
C THR A 227 -32.36 -20.29 -29.31
N CYS A 228 -33.00 -20.28 -30.44
CA CYS A 228 -34.42 -20.18 -30.50
C CYS A 228 -34.95 -21.43 -31.17
N VAL A 229 -35.85 -22.13 -30.50
CA VAL A 229 -36.58 -23.29 -31.12
C VAL A 229 -38.05 -22.92 -31.20
N VAL A 230 -38.57 -22.93 -32.41
CA VAL A 230 -39.97 -22.68 -32.64
C VAL A 230 -40.60 -24.05 -32.93
N THR A 231 -41.59 -24.40 -32.13
CA THR A 231 -42.33 -25.65 -32.29
C THR A 231 -43.71 -25.31 -32.88
N TYR A 232 -43.98 -25.96 -33.99
CA TYR A 232 -45.24 -25.80 -34.70
C TYR A 232 -46.29 -26.79 -34.16
N SER A 233 -47.54 -26.60 -34.51
CA SER A 233 -48.66 -27.36 -33.97
C SER A 233 -48.53 -28.86 -34.13
N ASP A 234 -47.85 -29.32 -35.17
CA ASP A 234 -47.66 -30.76 -35.35
C ASP A 234 -46.43 -31.29 -34.65
N ASP A 235 -45.86 -30.51 -33.74
CA ASP A 235 -44.63 -30.87 -33.05
C ASP A 235 -43.34 -30.93 -33.83
N SER A 236 -43.35 -30.50 -35.10
CA SER A 236 -42.07 -30.32 -35.77
C SER A 236 -41.55 -28.96 -35.24
N SER A 237 -40.29 -28.70 -35.54
CA SER A 237 -39.66 -27.52 -35.06
C SER A 237 -38.62 -27.04 -36.04
N GLU A 238 -38.34 -25.73 -35.95
CA GLU A 238 -37.14 -25.15 -36.51
C GLU A 238 -36.34 -24.39 -35.46
N THR A 239 -35.04 -24.34 -35.70
CA THR A 239 -34.09 -23.77 -34.76
C THR A 239 -33.19 -22.74 -35.42
N SER A 240 -32.94 -21.62 -34.75
CA SER A 240 -31.99 -20.61 -35.29
C SER A 240 -31.27 -19.93 -34.12
N THR A 241 -30.14 -19.27 -34.42
CA THR A 241 -29.20 -18.84 -33.38
C THR A 241 -28.78 -17.36 -33.53
N ALA A 242 -28.27 -16.82 -32.43
CA ALA A 242 -27.71 -15.46 -32.40
C ALA A 242 -26.72 -15.42 -31.28
N TRP A 243 -26.21 -14.23 -30.95
CA TRP A 243 -25.31 -14.09 -29.86
C TRP A 243 -25.78 -12.93 -29.01
N MET A 244 -25.23 -12.80 -27.80
CA MET A 244 -25.64 -11.82 -26.82
C MET A 244 -24.42 -11.28 -26.08
N VAL A 245 -24.34 -9.96 -25.91
CA VAL A 245 -23.20 -9.35 -25.23
C VAL A 245 -23.70 -8.36 -24.19
N VAL A 246 -23.10 -8.38 -23.03
CA VAL A 246 -23.45 -7.43 -22.00
C VAL A 246 -22.27 -6.41 -21.86
N GLY A 247 -22.64 -5.14 -21.83
CA GLY A 247 -21.67 -4.08 -21.64
C GLY A 247 -21.95 -3.29 -20.41
N SER A 248 -20.97 -2.49 -19.99
CA SER A 248 -21.18 -1.53 -18.90
C SER A 248 -22.08 -0.39 -19.43
N PRO A 249 -22.56 0.51 -18.52
CA PRO A 249 -23.57 1.45 -18.98
C PRO A 249 -23.09 2.35 -20.15
N ASP A 250 -24.02 2.65 -21.03
CA ASP A 250 -23.86 3.69 -22.06
C ASP A 250 -24.27 5.05 -21.43
N PHE A 251 -23.26 5.82 -21.06
CA PHE A 251 -23.43 7.06 -20.33
C PHE A 251 -23.74 8.28 -21.23
N ALA A 252 -23.80 8.04 -22.54
CA ALA A 252 -24.14 9.07 -23.52
C ALA A 252 -24.74 8.47 -24.74
N PRO A 253 -25.96 7.91 -24.59
CA PRO A 253 -26.50 7.06 -25.64
C PRO A 253 -26.85 7.76 -26.96
N GLU A 254 -27.07 9.05 -26.94
CA GLU A 254 -27.38 9.80 -28.14
C GLU A 254 -26.18 10.19 -28.98
N ILE A 255 -24.99 9.96 -28.44
CA ILE A 255 -23.76 10.33 -29.09
C ILE A 255 -23.16 9.03 -29.65
N VAL A 256 -22.88 9.07 -30.94
CA VAL A 256 -22.49 7.88 -31.71
C VAL A 256 -20.99 7.91 -32.03
N ASN A 257 -20.35 6.75 -31.92
CA ASN A 257 -18.95 6.56 -32.24
C ASN A 257 -18.74 6.67 -33.74
N ILE A 258 -17.70 7.41 -34.12
CA ILE A 258 -17.35 7.60 -35.53
C ILE A 258 -17.26 6.26 -36.27
N SER A 259 -16.59 5.28 -35.70
CA SER A 259 -16.66 3.88 -36.12
C SER A 259 -17.27 3.01 -35.00
N THR A 260 -18.50 2.55 -35.24
CA THR A 260 -19.23 1.68 -34.36
C THR A 260 -18.94 0.21 -34.66
N LEU A 261 -19.36 -0.66 -33.74
CA LEU A 261 -19.21 -2.10 -34.04
C LEU A 261 -20.07 -2.60 -35.18
N SER A 262 -21.19 -1.91 -35.49
CA SER A 262 -21.89 -2.21 -36.74
C SER A 262 -20.99 -1.93 -37.95
N ASP A 263 -20.30 -0.78 -37.94
CA ASP A 263 -19.34 -0.47 -39.03
C ASP A 263 -18.28 -1.57 -39.10
N THR A 264 -17.83 -2.05 -37.95
CA THR A 264 -16.87 -3.17 -37.93
C THR A 264 -17.44 -4.44 -38.67
N CYS A 265 -18.59 -4.94 -38.21
CA CYS A 265 -19.25 -6.09 -38.85
C CYS A 265 -19.50 -5.89 -40.31
N PHE A 266 -19.96 -4.69 -40.68
CA PHE A 266 -20.16 -4.31 -42.07
C PHE A 266 -18.86 -4.43 -42.89
N ASP A 267 -17.79 -3.80 -42.37
CA ASP A 267 -16.47 -3.84 -43.04
C ASP A 267 -15.96 -5.28 -43.19
N VAL A 268 -16.02 -6.07 -42.12
CA VAL A 268 -15.64 -7.48 -42.18
C VAL A 268 -16.45 -8.21 -43.22
N GLY A 269 -17.75 -7.88 -43.26
CA GLY A 269 -18.69 -8.44 -44.22
C GLY A 269 -18.35 -8.16 -45.68
N VAL A 270 -18.03 -6.91 -45.96
CA VAL A 270 -17.73 -6.49 -47.31
C VAL A 270 -16.44 -7.16 -47.78
N ARG A 271 -15.42 -7.16 -46.92
CA ARG A 271 -14.10 -7.64 -47.34
C ARG A 271 -13.98 -9.17 -47.28
N ASN A 272 -14.84 -9.83 -46.54
CA ASN A 272 -14.64 -11.26 -46.33
C ASN A 272 -15.83 -12.12 -46.69
N PHE A 273 -17.02 -11.57 -46.84
CA PHE A 273 -18.22 -12.45 -47.00
C PHE A 273 -19.05 -12.03 -48.15
N ASP A 274 -18.48 -11.24 -49.05
CA ASP A 274 -19.17 -10.80 -50.23
C ASP A 274 -20.48 -10.11 -49.95
N LEU A 275 -20.53 -9.33 -48.86
CA LEU A 275 -21.77 -8.76 -48.45
C LEU A 275 -22.33 -7.74 -49.48
N VAL A 276 -21.45 -7.04 -50.16
CA VAL A 276 -21.83 -6.03 -51.13
C VAL A 276 -20.93 -6.21 -52.40
N PRO A 277 -21.29 -7.20 -53.25
CA PRO A 277 -20.47 -7.54 -54.45
C PRO A 277 -20.15 -6.34 -55.32
N ASP A 278 -21.08 -5.44 -55.49
CA ASP A 278 -20.76 -4.19 -56.25
C ASP A 278 -19.65 -3.32 -55.65
N MET A 279 -19.35 -3.47 -54.36
CA MET A 279 -18.43 -2.51 -53.69
C MET A 279 -17.02 -3.06 -53.68
N TYR A 280 -16.91 -4.39 -53.71
CA TYR A 280 -15.64 -5.05 -53.45
C TYR A 280 -15.52 -6.35 -54.24
N ASP A 281 -14.39 -6.56 -54.88
CA ASP A 281 -14.20 -7.75 -55.73
C ASP A 281 -13.47 -8.78 -54.91
N SER A 282 -14.21 -9.75 -54.43
CA SER A 282 -13.65 -10.80 -53.62
C SER A 282 -12.60 -11.63 -54.39
N ALA A 283 -12.77 -11.81 -55.68
CA ALA A 283 -11.72 -12.57 -56.43
C ALA A 283 -10.32 -11.90 -56.36
N THR A 284 -10.25 -10.58 -56.49
CA THR A 284 -8.98 -9.88 -56.45
C THR A 284 -8.61 -9.29 -55.09
N GLY A 285 -9.59 -9.02 -54.23
CA GLY A 285 -9.25 -8.47 -52.93
C GLY A 285 -9.14 -6.98 -52.97
N HIS A 286 -9.92 -6.34 -53.85
CA HIS A 286 -9.91 -4.90 -53.94
C HIS A 286 -11.29 -4.34 -54.04
N TYR A 287 -11.45 -3.13 -53.52
CA TYR A 287 -12.68 -2.41 -53.72
C TYR A 287 -12.85 -2.08 -55.19
N LYS A 288 -14.10 -1.89 -55.62
CA LYS A 288 -14.37 -1.52 -57.00
C LYS A 288 -14.50 -0.02 -57.16
N SER A 289 -13.60 0.54 -57.98
CA SER A 289 -13.51 1.99 -58.09
C SER A 289 -14.67 2.66 -58.84
N ASP A 290 -15.52 1.85 -59.47
CA ASP A 290 -16.73 2.34 -60.06
C ASP A 290 -17.91 2.36 -59.09
N TYR A 291 -17.74 1.90 -57.83
CA TYR A 291 -18.89 1.90 -56.91
C TYR A 291 -19.33 3.31 -56.58
N VAL A 292 -20.59 3.62 -56.75
CA VAL A 292 -21.07 4.99 -56.49
C VAL A 292 -21.66 5.05 -55.07
N ALA A 293 -21.09 5.88 -54.19
CA ALA A 293 -21.56 5.97 -52.81
C ALA A 293 -22.77 6.80 -52.74
N ASN A 294 -23.41 6.85 -51.57
CA ASN A 294 -24.59 7.68 -51.44
C ASN A 294 -24.34 8.68 -50.29
N PHE A 295 -24.55 9.97 -50.51
CA PHE A 295 -24.18 10.96 -49.50
C PHE A 295 -24.91 10.71 -48.17
N ASP A 296 -26.22 10.65 -48.17
CA ASP A 296 -26.92 10.47 -46.93
C ASP A 296 -26.60 9.13 -46.22
N ARG A 297 -26.49 8.03 -46.95
CA ARG A 297 -26.29 6.71 -46.34
C ARG A 297 -24.83 6.53 -45.87
N ASP A 298 -23.89 7.01 -46.65
CA ASP A 298 -22.48 6.62 -46.46
C ASP A 298 -21.60 7.69 -45.84
N ILE A 299 -21.91 8.93 -46.07
CA ILE A 299 -21.00 9.99 -45.75
C ILE A 299 -21.54 10.86 -44.61
N LEU A 300 -22.77 11.29 -44.75
CA LEU A 300 -23.39 12.07 -43.72
C LEU A 300 -23.27 11.53 -42.30
N PRO A 301 -23.45 10.26 -42.08
CA PRO A 301 -23.31 9.79 -40.70
C PRO A 301 -21.90 10.08 -40.12
N ILE A 302 -20.88 10.07 -40.95
CA ILE A 302 -19.53 10.32 -40.44
C ILE A 302 -19.40 11.76 -39.99
N ILE A 303 -19.91 12.65 -40.81
CA ILE A 303 -19.90 14.06 -40.51
C ILE A 303 -20.74 14.35 -39.26
N GLN A 304 -21.94 13.79 -39.16
CA GLN A 304 -22.82 13.98 -37.97
C GLN A 304 -22.13 13.45 -36.67
N ARG A 305 -21.50 12.27 -36.74
CA ARG A 305 -20.85 11.70 -35.58
C ARG A 305 -19.68 12.58 -35.14
N ILE A 306 -18.89 13.06 -36.10
CA ILE A 306 -17.78 13.93 -35.77
C ILE A 306 -18.32 15.16 -35.02
N SER A 307 -19.42 15.72 -35.50
CA SER A 307 -20.03 16.97 -34.98
C SER A 307 -20.53 16.89 -33.54
N GLN A 308 -20.76 15.70 -32.99
CA GLN A 308 -21.25 15.56 -31.61
C GLN A 308 -20.18 15.25 -30.56
N TYR A 309 -18.92 15.03 -30.97
CA TYR A 309 -17.90 14.74 -29.99
C TYR A 309 -17.63 15.93 -29.08
N GLN A 310 -17.93 17.14 -29.52
CA GLN A 310 -17.70 18.35 -28.74
C GLN A 310 -18.44 18.39 -27.39
N TRP A 311 -19.49 17.57 -27.25
CA TRP A 311 -20.26 17.54 -25.98
C TRP A 311 -19.61 16.70 -24.88
N VAL A 312 -18.59 15.93 -25.24
CA VAL A 312 -17.92 15.03 -24.33
C VAL A 312 -16.38 15.08 -24.41
N SER A 313 -15.81 15.97 -25.24
CA SER A 313 -14.38 16.04 -25.44
C SER A 313 -14.07 17.41 -26.14
N ASN A 314 -12.83 17.85 -26.09
CA ASN A 314 -12.37 19.06 -26.77
C ASN A 314 -11.55 18.66 -28.00
N VAL A 315 -12.26 18.60 -29.13
CA VAL A 315 -11.70 18.19 -30.39
C VAL A 315 -12.06 19.23 -31.47
N GLN A 316 -11.72 20.48 -31.18
CA GLN A 316 -12.16 21.59 -32.02
C GLN A 316 -11.48 21.51 -33.41
N SER A 317 -10.30 20.88 -33.48
CA SER A 317 -9.62 20.69 -34.78
C SER A 317 -10.42 19.86 -35.74
N MET A 318 -11.44 19.14 -35.26
CA MET A 318 -12.36 18.42 -36.13
C MET A 318 -13.51 19.28 -36.69
N SER A 319 -13.59 20.54 -36.27
CA SER A 319 -14.73 21.41 -36.60
C SER A 319 -14.81 21.69 -38.10
N GLY A 320 -13.69 21.72 -38.75
CA GLY A 320 -13.67 22.00 -40.19
C GLY A 320 -14.27 20.86 -40.99
N PHE A 321 -14.43 19.70 -40.38
CA PHE A 321 -14.99 18.56 -41.07
C PHE A 321 -16.50 18.47 -40.96
N PHE A 322 -17.09 19.41 -40.22
CA PHE A 322 -18.54 19.53 -40.26
C PHE A 322 -19.05 20.97 -40.36
N SER A 323 -18.23 21.85 -40.86
CA SER A 323 -18.68 23.25 -40.92
C SER A 323 -19.54 23.59 -42.11
N PHE A 324 -19.56 22.74 -43.12
CA PHE A 324 -20.15 23.03 -44.45
C PHE A 324 -19.60 24.41 -44.94
N GLN A 325 -18.29 24.56 -44.83
CA GLN A 325 -17.58 25.74 -45.32
C GLN A 325 -17.65 25.68 -46.82
N PHE A 326 -17.83 24.49 -47.39
CA PHE A 326 -18.19 24.37 -48.80
C PHE A 326 -19.32 23.37 -48.75
N ASP A 327 -19.89 23.12 -49.90
CA ASP A 327 -20.99 22.23 -50.03
C ASP A 327 -20.60 20.77 -50.18
N TYR A 328 -20.85 19.98 -49.13
CA TYR A 328 -20.49 18.57 -49.13
C TYR A 328 -21.34 17.76 -50.14
N ARG A 329 -22.49 18.30 -50.57
N ARG A 329 -22.51 18.25 -50.58
CA ARG A 329 -23.40 17.56 -51.46
CA ARG A 329 -23.33 17.45 -51.51
C ARG A 329 -23.08 17.76 -52.93
C ARG A 329 -23.04 17.73 -52.96
N ASP A 330 -22.22 18.73 -53.22
CA ASP A 330 -21.83 19.09 -54.60
C ASP A 330 -20.74 18.20 -55.11
N GLY A 331 -21.16 17.28 -55.99
CA GLY A 331 -20.34 16.31 -56.64
C GLY A 331 -19.63 16.78 -57.92
N SER A 332 -19.76 18.04 -58.26
CA SER A 332 -19.16 18.55 -59.53
C SER A 332 -17.64 18.69 -59.50
N ALA A 333 -17.04 18.76 -60.70
CA ALA A 333 -15.62 18.99 -60.86
C ALA A 333 -15.16 20.24 -60.17
N ALA A 334 -15.98 21.28 -60.21
CA ALA A 334 -15.61 22.56 -59.62
C ALA A 334 -15.38 22.40 -58.10
N ASN A 335 -15.99 21.39 -57.48
CA ASN A 335 -15.89 21.25 -56.02
C ASN A 335 -14.95 20.12 -55.66
N LYS A 336 -14.33 19.48 -56.66
CA LYS A 336 -13.53 18.31 -56.39
C LYS A 336 -12.27 18.62 -55.56
N ALA A 337 -11.59 19.72 -55.85
CA ALA A 337 -10.40 20.06 -55.09
C ALA A 337 -10.77 20.18 -53.59
N ASN A 338 -11.96 20.72 -53.29
CA ASN A 338 -12.41 20.85 -51.90
C ASN A 338 -12.69 19.47 -51.24
N ARG A 339 -13.39 18.59 -51.97
CA ARG A 339 -13.71 17.27 -51.41
C ARG A 339 -12.39 16.51 -51.18
N MET A 340 -11.47 16.59 -52.15
CA MET A 340 -10.23 15.86 -52.03
C MET A 340 -9.37 16.36 -50.84
N LYS A 341 -9.34 17.65 -50.63
CA LYS A 341 -8.61 18.22 -49.48
C LYS A 341 -9.18 17.70 -48.16
N TYR A 342 -10.51 17.60 -48.05
CA TYR A 342 -11.21 17.06 -46.86
C TYR A 342 -10.82 15.59 -46.66
N TYR A 343 -10.89 14.80 -47.74
CA TYR A 343 -10.53 13.39 -47.71
C TYR A 343 -9.06 13.15 -47.34
N ASN A 344 -8.20 13.98 -47.93
CA ASN A 344 -6.76 13.81 -47.76
C ASN A 344 -6.31 14.16 -46.36
N TYR A 345 -7.17 14.76 -45.54
CA TYR A 345 -6.88 14.98 -44.14
C TYR A 345 -7.18 13.77 -43.24
N PHE A 346 -7.82 12.73 -43.80
CA PHE A 346 -8.04 11.47 -43.08
C PHE A 346 -6.81 10.61 -43.19
N ARG A 347 -6.45 9.96 -42.08
CA ARG A 347 -5.39 8.95 -42.08
C ARG A 347 -5.80 7.71 -42.88
N GLN A 348 -4.90 7.30 -43.80
CA GLN A 348 -5.00 5.99 -44.42
C GLN A 348 -4.74 4.94 -43.37
N LEU A 349 -5.14 3.69 -43.65
CA LEU A 349 -4.95 2.61 -42.68
C LEU A 349 -3.54 2.06 -42.67
N ASP A 350 -2.99 1.70 -41.50
CA ASP A 350 -1.71 0.96 -41.56
C ASP A 350 -1.98 -0.45 -42.16
N ASN A 351 -0.95 -1.05 -42.76
CA ASN A 351 -0.98 -2.49 -43.14
C ASN A 351 -0.90 -3.26 -41.82
N LYS A 352 -1.14 -4.54 -41.87
CA LYS A 352 -1.08 -5.30 -40.62
C LYS A 352 0.15 -6.17 -40.64
N VAL A 353 1.28 -5.53 -40.86
CA VAL A 353 2.61 -6.22 -40.91
C VAL A 353 3.42 -5.92 -39.66
N ILE A 354 3.93 -6.94 -39.00
CA ILE A 354 4.74 -6.79 -37.81
C ILE A 354 6.03 -6.04 -38.15
N GLY A 355 6.50 -5.17 -37.27
CA GLY A 355 7.73 -4.43 -37.49
C GLY A 355 7.74 -3.31 -38.48
N ASP A 356 6.59 -2.84 -38.98
CA ASP A 356 6.56 -1.77 -39.93
C ASP A 356 5.94 -0.51 -39.21
N TYR A 357 6.77 0.45 -38.85
CA TYR A 357 6.36 1.53 -37.96
C TYR A 357 6.09 2.79 -38.69
N ASP A 358 6.82 3.05 -39.78
CA ASP A 358 6.65 4.33 -40.44
C ASP A 358 5.48 4.28 -41.41
N GLN A 359 4.29 4.50 -40.85
CA GLN A 359 3.01 4.23 -41.51
C GLN A 359 2.08 5.35 -41.15
N PRO A 360 0.97 5.50 -41.90
CA PRO A 360 0.12 6.66 -41.73
C PRO A 360 -0.47 6.82 -40.33
N GLN A 361 -0.67 5.74 -39.60
CA GLN A 361 -1.29 5.87 -38.24
C GLN A 361 -0.35 6.32 -37.16
N GLN A 362 0.93 6.40 -37.50
CA GLN A 362 1.92 7.02 -36.61
C GLN A 362 2.16 8.49 -36.87
N VAL A 363 1.45 9.08 -37.83
CA VAL A 363 1.56 10.50 -38.16
C VAL A 363 0.40 11.26 -37.47
N LEU A 364 0.76 12.26 -36.73
CA LEU A 364 -0.20 13.12 -36.09
C LEU A 364 -0.79 14.20 -37.03
N MET A 365 0.08 15.07 -37.55
CA MET A 365 -0.31 16.28 -38.26
C MET A 365 -0.17 16.15 -39.78
N SER A 366 -0.95 16.96 -40.52
CA SER A 366 -0.74 17.19 -41.97
C SER A 366 0.68 17.64 -42.28
N SER A 367 1.26 18.52 -41.44
CA SER A 367 2.58 19.06 -41.66
C SER A 367 2.95 19.67 -40.34
N GLU A 368 4.23 19.94 -40.15
CA GLU A 368 4.64 20.80 -39.09
C GLU A 368 5.24 22.13 -39.56
N VAL A 369 4.95 22.53 -40.80
CA VAL A 369 5.22 23.87 -41.25
C VAL A 369 4.12 24.85 -40.81
N GLU A 370 4.48 25.96 -40.18
CA GLU A 370 3.43 26.85 -39.64
C GLU A 370 2.58 27.35 -40.74
N GLY A 371 1.27 27.39 -40.53
CA GLY A 371 0.38 27.68 -41.66
C GLY A 371 -0.34 26.48 -42.24
N ASP A 372 0.25 25.30 -42.08
CA ASP A 372 -0.19 24.02 -42.70
C ASP A 372 -0.36 22.93 -41.68
N ILE A 373 -0.59 23.31 -40.43
CA ILE A 373 -0.69 22.39 -39.32
C ILE A 373 -2.12 22.08 -38.91
N LEU A 374 -2.50 20.82 -39.11
CA LEU A 374 -3.84 20.31 -38.70
C LEU A 374 -3.70 18.83 -38.29
N PRO A 375 -4.29 18.46 -37.16
CA PRO A 375 -4.33 17.05 -36.76
C PRO A 375 -5.17 16.27 -37.76
N LEU A 376 -4.62 15.15 -38.22
CA LEU A 376 -5.32 14.29 -39.13
C LEU A 376 -6.48 13.55 -38.49
N MET A 377 -7.33 12.98 -39.34
CA MET A 377 -8.66 12.64 -38.95
C MET A 377 -8.92 11.13 -39.06
N PRO A 378 -9.81 10.63 -38.20
CA PRO A 378 -10.34 11.30 -37.01
C PRO A 378 -9.24 11.50 -35.99
N MET A 379 -9.36 12.57 -35.19
CA MET A 379 -8.32 12.89 -34.23
C MET A 379 -8.64 12.25 -32.87
N ASN A 380 -7.93 11.15 -32.59
CA ASN A 380 -8.20 10.29 -31.46
C ASN A 380 -7.04 9.32 -31.35
N SER A 381 -6.87 8.69 -30.22
CA SER A 381 -5.93 7.51 -30.18
C SER A 381 -6.34 6.41 -31.15
N GLY A 382 -5.31 5.71 -31.64
CA GLY A 382 -5.44 4.41 -32.28
C GLY A 382 -5.37 3.26 -31.29
N SER A 383 -5.23 2.06 -31.86
CA SER A 383 -5.38 0.82 -31.12
C SER A 383 -4.09 0.39 -30.38
N ASN A 384 -3.00 1.14 -30.56
CA ASN A 384 -1.93 1.06 -29.64
C ASN A 384 -1.04 2.29 -29.59
N SER A 385 -1.40 3.14 -28.64
CA SER A 385 -0.63 4.34 -28.30
C SER A 385 0.01 4.19 -26.97
N VAL A 386 0.05 2.96 -26.41
CA VAL A 386 0.43 2.65 -25.06
C VAL A 386 1.80 2.01 -24.94
N SER A 387 2.07 1.00 -25.76
CA SER A 387 3.36 0.28 -25.68
C SER A 387 4.23 0.48 -26.92
N SER A 388 5.54 0.60 -26.71
CA SER A 388 6.49 0.78 -27.79
C SER A 388 6.85 -0.53 -28.52
N SER A 389 7.55 -0.42 -29.64
CA SER A 389 8.06 -1.61 -30.39
C SER A 389 8.85 -2.57 -29.52
N ASN A 390 9.53 -2.02 -28.49
CA ASN A 390 10.52 -2.78 -27.67
C ASN A 390 10.05 -3.19 -26.25
N PHE A 391 8.73 -3.21 -26.03
CA PHE A 391 8.13 -3.65 -24.78
C PHE A 391 7.94 -5.15 -24.78
N TYR A 392 7.66 -5.67 -23.59
CA TYR A 392 7.35 -7.08 -23.34
C TYR A 392 8.44 -8.06 -23.81
N ASP A 393 9.68 -7.62 -23.78
CA ASP A 393 10.83 -8.39 -24.32
C ASP A 393 10.74 -8.66 -25.82
N LEU A 394 10.00 -7.85 -26.59
CA LEU A 394 9.93 -7.95 -28.03
C LEU A 394 10.75 -6.85 -28.66
N THR A 395 10.96 -6.95 -29.97
CA THR A 395 11.58 -5.86 -30.68
C THR A 395 10.67 -5.37 -31.75
N ASP A 396 9.54 -6.03 -31.94
CA ASP A 396 8.64 -5.66 -33.02
C ASP A 396 7.16 -5.67 -32.62
N ASN A 397 6.92 -5.29 -31.37
CA ASN A 397 5.56 -5.10 -30.84
C ASN A 397 4.79 -4.15 -31.77
N VAL A 398 3.54 -4.47 -32.06
CA VAL A 398 2.75 -3.68 -33.04
C VAL A 398 2.27 -2.37 -32.42
N VAL A 399 2.56 -1.30 -33.13
CA VAL A 399 2.19 0.05 -32.72
C VAL A 399 1.11 0.62 -33.66
N GLU A 400 0.09 1.26 -33.09
CA GLU A 400 -0.87 2.02 -33.89
C GLU A 400 -1.32 3.30 -33.10
N LYS A 401 -0.63 4.40 -33.30
CA LYS A 401 -0.69 5.54 -32.39
C LYS A 401 -2.05 6.27 -32.51
N PHE A 402 -2.45 6.55 -33.74
CA PHE A 402 -3.58 7.44 -34.05
C PHE A 402 -4.66 6.80 -34.88
N LEU A 403 -5.89 7.29 -34.68
CA LEU A 403 -7.07 6.67 -35.26
C LEU A 403 -7.18 6.83 -36.78
N ALA A 404 -7.73 5.79 -37.40
CA ALA A 404 -8.27 5.89 -38.75
C ALA A 404 -9.71 5.38 -38.75
N LEU A 405 -10.45 5.80 -39.77
CA LEU A 405 -11.69 5.11 -40.11
C LEU A 405 -11.44 3.61 -40.44
N ASP A 406 -12.49 2.80 -40.54
CA ASP A 406 -12.32 1.46 -41.03
C ASP A 406 -12.20 1.51 -42.55
N ALA A 407 -11.73 0.41 -43.15
CA ALA A 407 -11.37 0.40 -44.56
C ALA A 407 -12.54 0.67 -45.46
N THR A 408 -13.72 0.22 -45.04
CA THR A 408 -14.91 0.46 -45.84
C THR A 408 -15.43 1.86 -45.75
N GLN A 409 -15.50 2.44 -44.51
CA GLN A 409 -15.81 3.84 -44.39
C GLN A 409 -14.90 4.70 -45.24
N LEU A 410 -13.62 4.40 -45.17
CA LEU A 410 -12.61 5.22 -45.86
C LEU A 410 -12.73 5.08 -47.39
N PHE A 411 -13.00 3.85 -47.85
CA PHE A 411 -13.25 3.65 -49.30
C PHE A 411 -14.41 4.54 -49.75
N LEU A 412 -15.48 4.53 -49.00
CA LEU A 412 -16.66 5.26 -49.39
C LEU A 412 -16.40 6.75 -49.33
N LEU A 413 -15.65 7.18 -48.33
CA LEU A 413 -15.24 8.59 -48.29
C LEU A 413 -14.41 9.04 -49.51
N GLY A 414 -13.50 8.17 -49.93
CA GLY A 414 -12.70 8.36 -51.18
C GLY A 414 -13.58 8.45 -52.42
N GLN A 415 -14.64 7.64 -52.50
CA GLN A 415 -15.57 7.71 -53.62
C GLN A 415 -16.28 9.06 -53.60
N TRP A 416 -16.75 9.53 -52.42
CA TRP A 416 -17.22 10.89 -52.31
C TRP A 416 -16.22 11.88 -52.83
N ALA A 417 -14.98 11.76 -52.39
CA ALA A 417 -13.97 12.77 -52.75
C ALA A 417 -13.80 12.80 -54.28
N GLU A 418 -13.82 11.62 -54.87
CA GLU A 418 -13.75 11.49 -56.36
C GLU A 418 -14.99 12.00 -57.11
N GLY A 419 -16.10 12.26 -56.45
CA GLY A 419 -17.28 12.70 -57.14
C GLY A 419 -18.19 11.51 -57.55
N GLU A 420 -17.84 10.30 -57.16
CA GLU A 420 -18.66 9.08 -57.34
C GLU A 420 -19.63 8.88 -56.18
N PHE A 421 -20.60 9.75 -56.10
CA PHE A 421 -21.65 9.64 -55.16
C PHE A 421 -22.87 10.36 -55.61
N THR A 422 -23.97 9.96 -55.02
CA THR A 422 -25.26 10.57 -55.30
C THR A 422 -25.82 11.30 -54.11
N ALA A 423 -26.80 12.12 -54.42
CA ALA A 423 -27.67 12.84 -53.50
C ALA A 423 -29.02 12.20 -53.70
N GLY A 424 -29.78 12.06 -52.63
CA GLY A 424 -31.08 11.39 -52.68
C GLY A 424 -30.98 10.03 -51.99
N PRO A 425 -32.04 9.26 -52.05
CA PRO A 425 -32.19 8.01 -51.34
C PRO A 425 -31.30 6.94 -51.95
N ALA A 426 -30.77 6.05 -51.15
CA ALA A 426 -30.02 4.93 -51.69
C ALA A 426 -30.77 3.73 -51.35
N ASP A 427 -30.53 2.63 -52.02
CA ASP A 427 -31.08 1.37 -51.46
C ASP A 427 -30.26 1.00 -50.20
N ASP A 428 -30.93 0.45 -49.18
CA ASP A 428 -30.24 -0.11 -48.02
C ASP A 428 -29.36 -1.27 -48.43
N TYR A 429 -28.28 -1.39 -47.74
CA TYR A 429 -27.49 -2.60 -47.80
C TYR A 429 -28.32 -3.77 -47.31
N PRO A 430 -27.94 -5.00 -47.71
CA PRO A 430 -28.60 -6.22 -47.25
C PRO A 430 -28.19 -6.58 -45.84
N VAL A 431 -28.53 -5.71 -44.92
CA VAL A 431 -28.30 -5.85 -43.50
C VAL A 431 -29.59 -5.39 -42.81
N SER A 432 -30.13 -6.18 -41.92
CA SER A 432 -31.33 -5.78 -41.15
C SER A 432 -31.02 -4.58 -40.28
N ASP A 433 -31.95 -3.62 -40.15
CA ASP A 433 -31.83 -2.53 -39.18
C ASP A 433 -31.82 -2.99 -37.76
N MET A 434 -32.46 -4.13 -37.45
CA MET A 434 -32.39 -4.63 -36.09
C MET A 434 -30.99 -5.12 -35.73
N ASP A 435 -30.23 -5.53 -36.75
CA ASP A 435 -28.85 -5.95 -36.52
C ASP A 435 -27.88 -4.76 -36.30
N THR A 436 -28.18 -3.63 -36.94
CA THR A 436 -27.32 -2.50 -36.76
C THR A 436 -27.61 -1.76 -35.47
N ALA A 437 -28.87 -1.83 -35.01
CA ALA A 437 -29.30 -1.03 -33.86
C ALA A 437 -28.70 -1.45 -32.54
N SER A 438 -28.26 -2.70 -32.41
CA SER A 438 -27.70 -3.18 -31.19
C SER A 438 -26.20 -2.77 -31.14
N ILE A 439 -25.43 -3.32 -32.08
CA ILE A 439 -23.96 -3.18 -32.04
C ILE A 439 -23.54 -1.85 -32.61
N GLY A 440 -24.45 -1.15 -33.28
CA GLY A 440 -24.18 0.20 -33.77
C GLY A 440 -24.04 1.14 -32.59
N ASN A 441 -24.53 0.69 -31.44
CA ASN A 441 -24.33 1.48 -30.20
C ASN A 441 -23.12 1.08 -29.35
N CYS A 442 -22.22 0.26 -29.92
CA CYS A 442 -21.00 -0.18 -29.26
C CYS A 442 -19.82 0.38 -30.00
N VAL A 443 -18.71 0.57 -29.28
CA VAL A 443 -17.50 1.11 -29.85
C VAL A 443 -16.93 0.17 -30.90
N GLY A 444 -16.58 0.71 -32.09
CA GLY A 444 -15.87 -0.13 -33.08
C GLY A 444 -14.37 0.10 -33.10
N LEU A 445 -13.98 1.39 -33.01
CA LEU A 445 -12.54 1.71 -32.97
C LEU A 445 -12.32 2.98 -32.10
N PRO A 446 -11.16 3.09 -31.47
CA PRO A 446 -10.04 2.17 -31.41
C PRO A 446 -10.35 1.05 -30.39
N MET A 447 -9.53 0.03 -30.37
CA MET A 447 -9.74 -1.10 -29.50
C MET A 447 -8.46 -1.48 -28.75
N CYS A 448 -8.30 -0.91 -27.57
CA CYS A 448 -7.09 -1.05 -26.77
C CYS A 448 -7.44 -1.05 -25.30
N PRO A 449 -8.40 -1.88 -24.90
CA PRO A 449 -9.07 -2.94 -25.67
C PRO A 449 -10.37 -2.46 -26.27
N GLY A 450 -10.87 -1.36 -25.74
CA GLY A 450 -12.19 -0.86 -26.14
C GLY A 450 -13.13 -0.89 -24.97
N ILE A 451 -14.44 -0.98 -25.26
CA ILE A 451 -15.44 -0.91 -24.17
C ILE A 451 -16.20 -2.18 -24.11
N GLU A 452 -17.10 -2.41 -25.03
CA GLU A 452 -17.90 -3.66 -24.96
C GLU A 452 -17.10 -4.93 -25.39
N MET A 453 -16.39 -4.79 -26.50
CA MET A 453 -15.68 -5.83 -27.21
C MET A 453 -14.37 -5.32 -27.76
N THR A 454 -13.49 -6.26 -28.14
CA THR A 454 -12.18 -5.84 -28.69
C THR A 454 -11.95 -6.52 -30.05
N TRP A 455 -10.69 -6.58 -30.47
CA TRP A 455 -10.38 -6.69 -31.89
C TRP A 455 -10.56 -8.14 -32.43
N SER A 456 -11.02 -9.04 -31.58
CA SER A 456 -11.51 -10.36 -32.12
C SER A 456 -12.64 -10.16 -33.03
N LEU A 457 -13.42 -9.09 -32.82
CA LEU A 457 -14.57 -8.83 -33.64
C LEU A 457 -14.22 -8.40 -35.04
N GLN A 458 -12.95 -8.06 -35.25
CA GLN A 458 -12.48 -7.75 -36.58
C GLN A 458 -12.06 -9.00 -37.37
N ASN A 459 -11.99 -10.12 -36.69
CA ASN A 459 -11.46 -11.31 -37.30
C ASN A 459 -12.56 -12.13 -37.98
N PRO A 460 -12.51 -12.25 -39.30
CA PRO A 460 -13.60 -12.92 -39.98
C PRO A 460 -13.78 -14.38 -39.57
N VAL A 461 -12.76 -15.00 -38.97
CA VAL A 461 -12.92 -16.43 -38.60
C VAL A 461 -13.89 -16.70 -37.47
N ILE A 462 -14.30 -15.66 -36.73
CA ILE A 462 -15.34 -15.85 -35.70
C ILE A 462 -16.76 -15.80 -36.19
N TYR A 463 -16.96 -15.44 -37.44
CA TYR A 463 -18.25 -15.31 -38.04
C TYR A 463 -18.60 -16.45 -38.99
N LYS A 464 -19.86 -16.86 -39.06
N LYS A 464 -19.88 -16.83 -39.00
CA LYS A 464 -20.27 -17.74 -40.17
CA LYS A 464 -20.48 -17.69 -40.03
C LYS A 464 -20.79 -16.95 -41.37
C LYS A 464 -20.73 -16.93 -41.32
N ASP A 465 -21.17 -15.69 -41.18
CA ASP A 465 -21.48 -14.81 -42.31
C ASP A 465 -21.52 -13.41 -41.72
N ALA A 466 -21.66 -12.39 -42.56
CA ALA A 466 -21.64 -11.00 -42.06
C ALA A 466 -22.68 -10.82 -40.94
N TYR A 467 -22.23 -10.18 -39.86
CA TYR A 467 -23.02 -9.89 -38.65
C TYR A 467 -23.38 -11.12 -37.81
N GLN A 468 -22.95 -12.34 -38.21
CA GLN A 468 -23.36 -13.56 -37.51
C GLN A 468 -22.25 -14.35 -36.93
N ILE A 469 -22.29 -14.47 -35.61
CA ILE A 469 -21.24 -15.13 -34.90
C ILE A 469 -21.39 -16.64 -35.09
N LYS A 470 -20.29 -17.28 -35.44
CA LYS A 470 -20.23 -18.73 -35.53
C LYS A 470 -20.16 -19.37 -34.17
N HIS A 471 -20.99 -20.38 -33.94
CA HIS A 471 -21.02 -21.08 -32.67
C HIS A 471 -20.15 -22.32 -32.76
N TYR A 472 -19.34 -22.53 -31.76
CA TYR A 472 -18.60 -23.77 -31.54
C TYR A 472 -19.45 -24.72 -30.67
N GLN A 473 -19.70 -25.93 -31.13
CA GLN A 473 -20.40 -26.95 -30.28
C GLN A 473 -21.85 -26.55 -29.95
N ASP A 474 -22.45 -27.15 -28.92
CA ASP A 474 -23.91 -27.03 -28.67
C ASP A 474 -24.24 -27.38 -27.23
N LYS A 475 -25.52 -27.32 -26.84
CA LYS A 475 -25.86 -27.39 -25.40
C LYS A 475 -25.36 -28.75 -24.85
N ALA A 476 -25.49 -29.79 -25.63
CA ALA A 476 -25.23 -31.12 -25.04
C ALA A 476 -23.72 -31.25 -24.74
N TYR A 477 -22.85 -30.65 -25.61
CA TYR A 477 -21.40 -30.67 -25.37
C TYR A 477 -21.02 -29.96 -24.04
N PHE A 478 -21.54 -28.75 -23.85
CA PHE A 478 -21.18 -27.98 -22.69
C PHE A 478 -21.79 -28.55 -21.42
N ASP A 479 -22.99 -29.15 -21.54
CA ASP A 479 -23.62 -29.82 -20.41
C ASP A 479 -22.58 -30.79 -19.76
N VAL A 480 -21.87 -31.56 -20.58
CA VAL A 480 -20.97 -32.62 -20.12
C VAL A 480 -19.58 -32.09 -19.77
N ASN A 481 -19.10 -31.13 -20.57
CA ASN A 481 -17.70 -30.72 -20.51
C ASN A 481 -17.40 -29.34 -19.98
N GLY A 482 -18.37 -28.46 -19.99
CA GLY A 482 -18.11 -27.08 -19.57
C GLY A 482 -17.39 -26.39 -20.70
N LEU A 483 -16.93 -25.16 -20.39
CA LEU A 483 -16.31 -24.32 -21.37
C LEU A 483 -14.82 -24.57 -21.36
N THR A 484 -14.18 -24.17 -22.46
CA THR A 484 -12.77 -24.49 -22.72
C THR A 484 -11.92 -23.21 -22.40
N PRO A 485 -11.25 -23.18 -21.25
CA PRO A 485 -10.64 -21.88 -20.78
C PRO A 485 -9.51 -21.37 -21.71
N GLU A 486 -8.68 -22.27 -22.25
CA GLU A 486 -7.56 -21.82 -23.08
C GLU A 486 -7.86 -21.67 -24.54
N ARG A 487 -9.05 -22.00 -25.00
CA ARG A 487 -9.28 -22.05 -26.43
C ARG A 487 -9.48 -20.64 -27.01
N ASP A 488 -8.70 -20.35 -28.03
CA ASP A 488 -8.86 -19.16 -28.84
C ASP A 488 -9.66 -19.44 -30.09
N GLU A 489 -10.91 -18.96 -30.11
CA GLU A 489 -11.75 -19.01 -31.25
C GLU A 489 -11.15 -18.42 -32.50
N CYS A 490 -10.26 -17.43 -32.36
CA CYS A 490 -9.58 -16.87 -33.52
C CYS A 490 -8.50 -17.80 -34.08
N GLU A 491 -7.91 -18.61 -33.21
CA GLU A 491 -6.95 -19.63 -33.61
C GLU A 491 -7.65 -20.87 -34.19
N GLU A 492 -8.67 -21.39 -33.54
CA GLU A 492 -9.30 -22.64 -34.06
C GLU A 492 -10.19 -22.45 -35.25
N GLU A 493 -10.83 -21.27 -35.38
CA GLU A 493 -11.67 -20.91 -36.52
C GLU A 493 -13.00 -21.67 -36.56
N THR A 494 -13.27 -22.48 -35.57
CA THR A 494 -14.47 -23.34 -35.63
C THR A 494 -15.61 -22.76 -34.77
N GLY A 495 -15.50 -21.49 -34.37
CA GLY A 495 -16.63 -20.83 -33.69
C GLY A 495 -16.32 -20.32 -32.30
N CYS A 496 -17.29 -19.63 -31.70
CA CYS A 496 -17.16 -19.05 -30.36
C CYS A 496 -17.89 -19.85 -29.28
N GLU A 497 -17.36 -19.81 -28.09
CA GLU A 497 -17.99 -20.34 -26.91
C GLU A 497 -18.54 -19.21 -26.12
N PRO A 498 -19.56 -19.47 -25.27
CA PRO A 498 -19.92 -18.45 -24.27
C PRO A 498 -18.72 -17.81 -23.54
N GLY A 499 -18.72 -16.47 -23.42
CA GLY A 499 -17.62 -15.76 -22.84
C GLY A 499 -16.52 -15.29 -23.77
N ASP A 500 -16.52 -15.75 -25.01
CA ASP A 500 -15.43 -15.42 -25.89
C ASP A 500 -15.40 -13.96 -26.37
N LEU A 501 -16.54 -13.34 -26.59
CA LEU A 501 -16.54 -11.95 -27.10
C LEU A 501 -16.10 -10.88 -26.06
N THR A 502 -16.18 -11.19 -24.78
CA THR A 502 -15.85 -10.21 -23.73
C THR A 502 -14.64 -10.60 -22.88
N LYS A 503 -14.10 -11.79 -23.05
CA LYS A 503 -13.03 -12.24 -22.16
C LYS A 503 -11.73 -11.42 -22.16
N ARG A 504 -11.39 -10.80 -23.28
CA ARG A 504 -10.17 -10.03 -23.43
C ARG A 504 -10.18 -8.70 -22.71
N MET A 505 -11.35 -8.20 -22.35
CA MET A 505 -11.47 -6.87 -21.74
C MET A 505 -10.97 -6.89 -20.31
N ALA A 506 -10.85 -5.70 -19.75
CA ALA A 506 -10.25 -5.60 -18.44
C ALA A 506 -11.11 -6.32 -17.44
N CYS A 507 -10.44 -6.93 -16.49
CA CYS A 507 -11.09 -7.69 -15.43
C CYS A 507 -10.69 -7.09 -14.07
N PRO A 508 -11.56 -6.25 -13.47
CA PRO A 508 -12.95 -5.86 -13.81
C PRO A 508 -12.98 -4.69 -14.83
N TRP A 509 -14.12 -4.56 -15.51
CA TRP A 509 -14.33 -3.55 -16.57
C TRP A 509 -14.09 -2.12 -16.10
N GLN A 510 -14.31 -1.85 -14.81
CA GLN A 510 -14.18 -0.46 -14.30
C GLN A 510 -12.75 0.04 -14.47
N ALA A 511 -11.77 -0.85 -14.63
CA ALA A 511 -10.43 -0.46 -15.06
C ALA A 511 -10.40 0.05 -16.48
N ASP A 512 -11.09 -0.56 -17.43
CA ASP A 512 -11.18 0.01 -18.79
C ASP A 512 -11.78 1.44 -18.59
N PHE A 513 -12.79 1.57 -17.72
CA PHE A 513 -13.61 2.79 -17.63
C PHE A 513 -12.75 3.86 -17.02
N PHE A 514 -12.00 3.54 -15.95
CA PHE A 514 -11.13 4.53 -15.31
C PHE A 514 -10.06 5.10 -16.25
N ASN A 515 -9.56 4.31 -17.16
CA ASN A 515 -8.47 4.70 -18.07
C ASN A 515 -8.94 5.08 -19.50
N CYS A 516 -10.27 4.98 -19.77
CA CYS A 516 -10.79 5.30 -21.12
C CYS A 516 -11.01 6.84 -21.09
N THR A 517 -9.93 7.58 -21.11
CA THR A 517 -10.00 9.02 -20.94
C THR A 517 -9.28 9.72 -22.08
N ILE A 518 -7.96 9.97 -21.88
CA ILE A 518 -7.08 10.52 -22.82
C ILE A 518 -5.75 9.78 -22.73
N GLN A 519 -5.00 9.85 -23.82
CA GLN A 519 -3.62 9.38 -23.87
C GLN A 519 -2.74 10.52 -24.36
N THR A 520 -1.55 10.66 -23.77
CA THR A 520 -0.59 11.61 -24.20
C THR A 520 0.34 10.80 -25.14
N VAL A 521 0.29 11.05 -26.44
CA VAL A 521 0.89 10.18 -27.49
C VAL A 521 2.04 10.88 -28.21
N ASN A 522 3.21 10.25 -28.14
CA ASN A 522 4.37 10.71 -28.86
C ASN A 522 4.09 10.80 -30.31
N PHE A 523 4.59 11.85 -30.96
CA PHE A 523 4.44 11.94 -32.39
C PHE A 523 5.74 12.17 -33.19
N SER A 524 6.89 11.85 -32.63
CA SER A 524 8.22 12.10 -33.28
C SER A 524 8.92 10.82 -33.67
N GLU A 525 8.66 9.73 -32.99
CA GLU A 525 9.35 8.46 -33.30
C GLU A 525 8.33 7.35 -33.47
N PRO A 526 8.18 6.88 -34.71
CA PRO A 526 7.08 5.97 -35.01
C PRO A 526 7.05 4.67 -34.16
N SER A 527 8.22 4.19 -33.72
CA SER A 527 8.32 2.90 -33.02
C SER A 527 8.17 3.06 -31.51
N VAL A 528 8.08 4.30 -31.03
CA VAL A 528 8.06 4.60 -29.62
C VAL A 528 6.74 5.21 -29.15
N ASN A 529 6.22 4.61 -28.10
CA ASN A 529 5.13 5.27 -27.36
C ASN A 529 5.59 5.81 -26.03
N LYS A 530 6.31 4.98 -25.29
CA LYS A 530 6.85 5.37 -23.99
C LYS A 530 8.35 5.06 -23.89
N ALA A 531 9.01 5.77 -23.01
CA ALA A 531 10.46 5.64 -22.80
C ALA A 531 10.73 5.92 -21.36
N SER A 532 11.96 5.61 -20.93
CA SER A 532 12.31 6.05 -19.57
C SER A 532 12.73 7.50 -19.66
N GLN A 533 12.46 8.25 -18.59
CA GLN A 533 12.80 9.61 -18.50
C GLN A 533 13.57 9.81 -17.22
N THR A 534 14.73 10.42 -17.33
CA THR A 534 15.51 10.81 -16.15
C THR A 534 15.63 12.29 -16.08
N GLU A 535 15.21 12.85 -14.95
CA GLU A 535 15.21 14.29 -14.72
C GLU A 535 16.15 14.54 -13.57
N THR A 536 17.26 15.17 -13.87
CA THR A 536 18.27 15.53 -12.84
C THR A 536 18.27 17.04 -12.61
N VAL A 537 18.09 17.46 -11.36
CA VAL A 537 18.06 18.87 -11.07
C VAL A 537 19.19 19.14 -10.10
N THR A 538 20.17 19.91 -10.55
CA THR A 538 21.32 20.26 -9.74
C THR A 538 21.26 21.72 -9.35
N SER A 539 21.31 21.98 -8.04
CA SER A 539 20.99 23.29 -7.46
C SER A 539 22.14 23.75 -6.60
N ARG A 540 22.59 24.96 -6.84
CA ARG A 540 23.60 25.59 -6.00
C ARG A 540 22.93 26.74 -5.24
N THR A 541 23.01 26.67 -3.93
CA THR A 541 22.47 27.67 -3.04
C THR A 541 23.61 28.54 -2.53
N HIS A 542 23.47 29.83 -2.68
CA HIS A 542 24.48 30.76 -2.26
C HIS A 542 23.85 31.76 -1.30
N TYR A 543 24.47 31.95 -0.13
CA TYR A 543 23.96 32.85 0.87
C TYR A 543 24.92 34.01 1.01
N GLU A 544 24.37 35.22 1.14
CA GLU A 544 25.18 36.41 1.45
C GLU A 544 24.44 37.25 2.46
N TRP A 545 25.16 37.92 3.32
CA TRP A 545 24.51 38.75 4.33
C TRP A 545 24.90 40.22 4.13
N GLY A 546 23.94 41.11 4.26
CA GLY A 546 24.18 42.55 4.07
C GLY A 546 23.49 43.38 5.16
N ASN A 547 23.29 44.64 4.87
CA ASN A 547 22.81 45.62 5.80
C ASN A 547 23.61 45.57 7.10
N LEU A 548 24.91 45.29 6.96
CA LEU A 548 25.80 45.15 8.09
C LEU A 548 26.44 46.51 8.43
N PRO A 549 26.89 46.71 9.68
CA PRO A 549 27.53 47.97 10.04
C PRO A 549 28.82 48.19 9.27
N ALA A 550 29.23 49.45 9.15
CA ALA A 550 30.48 49.75 8.54
C ALA A 550 31.61 48.96 9.24
N GLY A 551 32.49 48.35 8.47
CA GLY A 551 33.60 47.59 9.09
C GLY A 551 33.31 46.10 9.37
N VAL A 552 32.05 45.69 9.23
CA VAL A 552 31.69 44.29 9.52
C VAL A 552 31.47 43.57 8.18
N SER A 553 31.99 42.38 8.07
CA SER A 553 31.62 41.51 6.95
C SER A 553 31.53 40.10 7.47
N VAL A 554 30.73 39.32 6.77
CA VAL A 554 30.57 37.93 7.03
C VAL A 554 30.76 37.15 5.71
N PRO A 555 31.46 36.05 5.78
CA PRO A 555 31.73 35.27 4.61
C PRO A 555 30.41 34.73 4.03
N ASP A 556 30.31 34.72 2.71
CA ASP A 556 29.25 34.00 2.00
C ASP A 556 29.32 32.50 2.33
N GLN A 557 28.26 31.77 2.06
CA GLN A 557 28.27 30.33 2.23
C GLN A 557 27.58 29.79 0.99
N SER A 558 28.01 28.63 0.54
CA SER A 558 27.26 27.99 -0.54
C SER A 558 27.35 26.51 -0.45
N SER A 559 26.35 25.84 -1.00
CA SER A 559 26.36 24.37 -1.05
C SER A 559 25.63 23.92 -2.33
N VAL A 560 25.86 22.68 -2.71
CA VAL A 560 25.25 22.12 -3.89
C VAL A 560 24.48 20.90 -3.48
N SER A 561 23.34 20.70 -4.13
CA SER A 561 22.40 19.61 -3.87
C SER A 561 21.93 19.12 -5.26
N ALA A 562 21.51 17.87 -5.36
CA ALA A 562 20.91 17.36 -6.61
C ALA A 562 19.84 16.34 -6.34
N THR A 563 18.86 16.32 -7.25
CA THR A 563 17.82 15.33 -7.15
C THR A 563 17.83 14.62 -8.49
N LYS A 564 17.49 13.33 -8.46
CA LYS A 564 17.41 12.52 -9.68
C LYS A 564 16.14 11.74 -9.65
N ASN A 565 15.27 12.02 -10.61
CA ASN A 565 14.00 11.34 -10.72
C ASN A 565 13.97 10.47 -11.98
N VAL A 566 13.74 9.18 -11.80
CA VAL A 566 13.63 8.26 -12.91
C VAL A 566 12.22 7.65 -13.02
N ASP A 567 11.61 7.79 -14.20
CA ASP A 567 10.34 7.14 -14.49
C ASP A 567 10.59 6.24 -15.66
N GLU A 568 10.32 4.98 -15.42
CA GLU A 568 10.56 3.90 -16.36
C GLU A 568 9.79 3.97 -17.66
N LYS A 569 8.53 4.42 -17.60
CA LYS A 569 7.70 4.38 -18.83
C LYS A 569 6.77 5.57 -18.86
N VAL A 570 7.19 6.64 -19.49
CA VAL A 570 6.40 7.80 -19.69
C VAL A 570 6.35 8.09 -21.17
N PRO A 571 5.25 8.69 -21.62
CA PRO A 571 5.15 9.15 -23.01
C PRO A 571 6.38 9.97 -23.42
N LEU A 572 7.00 9.64 -24.53
CA LEU A 572 8.11 10.38 -25.03
C LEU A 572 7.66 11.71 -25.61
N PRO A 573 8.22 12.83 -25.15
CA PRO A 573 7.89 14.09 -25.83
C PRO A 573 8.58 14.18 -27.17
N PRO A 574 8.07 14.98 -28.13
CA PRO A 574 6.81 15.74 -27.95
C PRO A 574 5.55 14.88 -28.13
N ALA A 575 4.50 15.21 -27.34
CA ALA A 575 3.31 14.35 -27.29
C ALA A 575 2.06 15.15 -27.45
N TYR A 576 0.99 14.48 -27.92
CA TYR A 576 -0.30 15.15 -28.20
C TYR A 576 -1.40 14.54 -27.37
N TYR A 577 -2.20 15.44 -26.78
CA TYR A 577 -3.34 15.06 -25.93
C TYR A 577 -4.46 14.45 -26.79
N SER A 578 -4.68 13.15 -26.66
CA SER A 578 -5.56 12.40 -27.56
C SER A 578 -6.62 11.66 -26.80
N TYR A 579 -7.87 11.75 -27.24
CA TYR A 579 -8.94 11.01 -26.60
C TYR A 579 -8.94 9.50 -26.87
N TRP A 580 -9.61 8.75 -26.00
CA TRP A 580 -9.80 7.35 -26.15
C TRP A 580 -11.15 7.07 -26.81
N PRO A 582 -14.70 9.17 -26.51
CA PRO A 582 -15.49 10.22 -25.88
C PRO A 582 -17.00 9.90 -25.78
N PRO A 583 -17.60 9.20 -26.77
CA PRO A 583 -19.03 8.91 -26.69
C PRO A 583 -19.35 7.89 -25.57
N GLN A 584 -18.40 7.00 -25.26
CA GLN A 584 -18.60 5.91 -24.31
C GLN A 584 -17.98 6.13 -22.97
N SER A 585 -17.09 7.10 -22.90
CA SER A 585 -16.41 7.41 -21.67
C SER A 585 -16.09 8.89 -21.66
N PRO A 586 -17.09 9.73 -21.33
CA PRO A 586 -16.96 11.18 -21.54
C PRO A 586 -15.90 11.76 -20.67
N TRP A 587 -15.38 12.89 -21.07
CA TRP A 587 -14.31 13.49 -20.29
C TRP A 587 -14.57 14.95 -19.99
N ASP A 588 -14.89 15.72 -21.02
CA ASP A 588 -15.14 17.17 -20.86
C ASP A 588 -16.63 17.44 -21.19
N VAL A 589 -17.42 17.74 -20.16
CA VAL A 589 -18.88 17.82 -20.27
C VAL A 589 -19.39 19.06 -19.61
N LEU A 590 -20.63 19.44 -19.99
CA LEU A 590 -21.27 20.58 -19.42
C LEU A 590 -22.11 20.23 -18.20
N THR A 591 -22.01 21.07 -17.16
CA THR A 591 -22.88 20.94 -16.01
C THR A 591 -24.30 21.29 -16.40
N GLY A 592 -25.25 20.58 -15.79
CA GLY A 592 -26.66 20.75 -16.17
C GLY A 592 -27.71 21.06 -15.11
N GLU A 593 -27.29 21.22 -13.85
CA GLU A 593 -28.30 21.52 -12.79
C GLU A 593 -28.81 22.94 -12.98
N LEU A 594 -30.10 23.11 -13.25
CA LEU A 594 -30.69 24.39 -13.51
C LEU A 594 -31.46 24.93 -12.27
N ASP A 595 -31.53 24.17 -11.19
N ASP A 595 -31.56 24.14 -11.20
CA ASP A 595 -32.23 24.65 -9.97
CA ASP A 595 -32.24 24.59 -9.94
C ASP A 595 -31.25 24.81 -8.80
C ASP A 595 -31.28 24.76 -8.78
N THR A 596 -31.64 25.61 -7.81
CA THR A 596 -30.75 25.95 -6.73
C THR A 596 -30.24 24.70 -5.99
N GLU A 597 -31.13 23.76 -5.71
CA GLU A 597 -30.75 22.59 -4.92
C GLU A 597 -29.61 21.78 -5.60
N GLY A 598 -29.82 21.45 -6.87
CA GLY A 598 -28.76 20.77 -7.69
C GLY A 598 -27.48 21.59 -7.84
N GLN A 599 -27.57 22.91 -7.94
CA GLN A 599 -26.35 23.73 -7.96
C GLN A 599 -25.59 23.74 -6.65
N LEU A 600 -26.32 23.79 -5.54
CA LEU A 600 -25.64 23.65 -4.21
C LEU A 600 -25.02 22.31 -4.05
N HIS A 601 -25.71 21.27 -4.46
CA HIS A 601 -25.10 19.95 -4.28
C HIS A 601 -23.93 19.69 -5.23
N SER A 602 -23.99 20.26 -6.43
CA SER A 602 -22.92 19.96 -7.44
C SER A 602 -21.73 20.97 -7.29
N HIS A 603 -21.98 22.08 -6.59
CA HIS A 603 -21.07 23.22 -6.31
C HIS A 603 -20.76 23.99 -7.58
N LEU A 604 -21.58 23.86 -8.60
CA LEU A 604 -21.24 24.50 -9.88
C LEU A 604 -22.47 25.17 -10.50
N PRO A 605 -22.26 26.28 -11.21
CA PRO A 605 -23.30 26.87 -12.03
C PRO A 605 -23.55 25.99 -13.23
N ALA A 606 -24.71 26.13 -13.87
CA ALA A 606 -25.00 25.37 -15.06
C ALA A 606 -24.17 25.91 -16.26
N GLY A 607 -23.94 25.04 -17.21
CA GLY A 607 -23.37 25.50 -18.48
C GLY A 607 -21.82 25.50 -18.51
N GLN A 608 -21.19 25.04 -17.42
CA GLN A 608 -19.74 25.12 -17.32
C GLN A 608 -19.13 23.78 -17.75
N GLN A 609 -18.04 23.78 -18.52
CA GLN A 609 -17.42 22.56 -18.92
C GLN A 609 -16.48 22.09 -17.82
N ILE A 610 -16.70 20.88 -17.31
N ILE A 610 -16.62 20.83 -17.40
CA ILE A 610 -15.84 20.34 -16.29
CA ILE A 610 -15.96 20.32 -16.24
C ILE A 610 -15.54 18.88 -16.54
C ILE A 610 -15.54 18.90 -16.54
N ASN A 611 -14.59 18.33 -15.77
CA ASN A 611 -14.28 16.93 -15.88
C ASN A 611 -15.40 15.95 -15.50
N TYR A 612 -15.75 15.05 -16.41
CA TYR A 612 -16.86 14.14 -16.21
C TYR A 612 -16.69 13.26 -14.98
N ALA A 613 -15.46 12.84 -14.71
CA ALA A 613 -15.19 11.90 -13.65
C ALA A 613 -14.72 12.54 -12.38
N ARG A 614 -14.87 13.87 -12.21
CA ARG A 614 -14.34 14.60 -11.05
C ARG A 614 -14.85 13.93 -9.78
N GLY A 615 -13.95 13.72 -8.82
CA GLY A 615 -14.29 13.07 -7.60
C GLY A 615 -13.95 11.58 -7.54
N ILE A 616 -13.82 10.94 -8.70
CA ILE A 616 -13.43 9.56 -8.81
C ILE A 616 -11.97 9.60 -9.02
N ASN A 617 -11.26 9.61 -7.91
CA ASN A 617 -9.82 9.95 -7.95
C ASN A 617 -8.88 8.73 -8.04
N SER A 618 -9.44 7.53 -7.94
CA SER A 618 -8.62 6.33 -8.00
C SER A 618 -9.37 5.22 -8.70
N TYR A 619 -8.65 4.20 -9.09
N TYR A 619 -8.59 4.22 -9.12
CA TYR A 619 -9.24 3.04 -9.77
CA TYR A 619 -9.07 2.93 -9.68
C TYR A 619 -10.20 2.33 -8.81
C TYR A 619 -10.16 2.37 -8.80
N SER A 620 -9.81 2.23 -7.54
CA SER A 620 -10.68 1.58 -6.54
C SER A 620 -12.02 2.35 -6.38
N GLN A 621 -11.95 3.66 -6.39
CA GLN A 621 -13.20 4.45 -6.37
C GLN A 621 -14.09 4.21 -7.55
N MET A 622 -13.52 4.05 -8.74
CA MET A 622 -14.31 3.75 -9.93
C MET A 622 -14.94 2.41 -9.80
N VAL A 623 -14.19 1.46 -9.23
CA VAL A 623 -14.76 0.13 -9.07
C VAL A 623 -16.01 0.20 -8.16
N GLU A 624 -15.95 1.02 -7.11
CA GLU A 624 -17.09 1.10 -6.20
C GLU A 624 -18.20 2.08 -6.65
N HIS A 625 -17.85 3.18 -7.34
CA HIS A 625 -18.78 4.28 -7.54
C HIS A 625 -19.08 4.73 -8.96
N TRP A 626 -18.72 3.89 -9.93
CA TRP A 626 -19.11 4.05 -11.32
C TRP A 626 -20.56 4.51 -11.51
N SER A 627 -21.45 3.96 -10.69
CA SER A 627 -22.85 4.22 -10.93
C SER A 627 -23.30 5.59 -10.50
N ALA A 628 -22.42 6.34 -9.83
CA ALA A 628 -22.72 7.71 -9.39
C ALA A 628 -22.60 8.70 -10.55
N LEU A 629 -21.97 8.29 -11.65
CA LEU A 629 -21.67 9.23 -12.76
C LEU A 629 -22.90 9.62 -13.56
N ALA A 630 -22.74 10.73 -14.29
CA ALA A 630 -23.83 11.36 -15.01
C ALA A 630 -24.12 10.62 -16.30
N PHE A 631 -25.35 10.78 -16.77
CA PHE A 631 -25.66 10.46 -18.15
C PHE A 631 -25.73 11.78 -18.92
N ILE A 632 -24.96 11.83 -20.00
CA ILE A 632 -24.89 13.01 -20.91
C ILE A 632 -26.03 12.86 -21.89
N ARG A 633 -26.90 13.88 -21.91
CA ARG A 633 -28.15 13.78 -22.61
C ARG A 633 -28.57 15.12 -23.23
N ASP A 634 -29.30 15.05 -24.34
CA ASP A 634 -29.76 16.21 -25.05
C ASP A 634 -30.99 16.81 -24.33
N ARG A 635 -30.77 17.93 -23.68
CA ARG A 635 -31.84 18.67 -22.98
C ARG A 635 -32.86 19.34 -23.92
N ASN A 636 -32.49 19.44 -25.21
CA ASN A 636 -33.30 20.04 -26.26
C ASN A 636 -33.73 19.04 -27.34
N GLN A 637 -33.92 17.80 -26.90
CA GLN A 637 -34.21 16.66 -27.77
C GLN A 637 -35.45 16.85 -28.65
N ASN A 638 -36.46 17.61 -28.20
N ASN A 638 -36.41 17.60 -28.13
CA ASN A 638 -37.65 17.83 -29.07
CA ASN A 638 -37.66 17.83 -28.85
C ASN A 638 -37.40 18.63 -30.31
C ASN A 638 -37.54 18.87 -29.98
N ASN A 639 -36.30 19.34 -30.30
CA ASN A 639 -36.05 20.26 -31.39
C ASN A 639 -34.86 19.84 -32.22
N ASP A 640 -35.15 19.09 -33.26
CA ASP A 640 -34.13 18.50 -34.08
C ASP A 640 -33.21 19.58 -34.63
N GLY A 641 -31.92 19.35 -34.51
CA GLY A 641 -30.96 20.26 -35.09
C GLY A 641 -30.36 21.27 -34.10
N PHE A 642 -30.92 21.37 -32.88
CA PHE A 642 -30.46 22.36 -31.89
C PHE A 642 -30.10 21.65 -30.58
N PRO A 643 -29.12 20.70 -30.64
CA PRO A 643 -28.76 19.93 -29.47
C PRO A 643 -28.19 20.79 -28.33
N PHE A 644 -28.47 20.38 -27.08
CA PHE A 644 -27.81 20.92 -25.91
C PHE A 644 -27.60 19.78 -24.93
N PHE A 645 -26.37 19.21 -24.90
CA PHE A 645 -26.07 18.07 -24.05
C PHE A 645 -25.41 18.56 -22.76
N THR A 646 -25.96 18.12 -21.64
CA THR A 646 -25.38 18.29 -20.37
C THR A 646 -25.42 17.01 -19.57
N GLU A 647 -24.65 16.98 -18.51
CA GLU A 647 -24.81 16.01 -17.41
C GLU A 647 -26.27 16.05 -16.91
N THR A 648 -26.79 14.84 -16.65
CA THR A 648 -28.06 14.61 -15.93
C THR A 648 -27.81 13.46 -14.96
N GLU A 649 -28.53 13.47 -13.85
CA GLU A 649 -28.62 12.32 -12.94
C GLU A 649 -27.30 11.92 -12.28
N ARG A 650 -26.39 12.88 -12.11
CA ARG A 650 -25.17 12.59 -11.33
C ARG A 650 -25.56 12.51 -9.86
N ASN A 651 -24.95 11.58 -9.09
CA ASN A 651 -25.27 11.40 -7.64
C ASN A 651 -24.33 12.33 -6.88
N HIS A 652 -24.70 13.60 -6.94
CA HIS A 652 -23.84 14.67 -6.43
C HIS A 652 -23.58 14.54 -4.94
N GLU A 653 -24.59 13.99 -4.24
CA GLU A 653 -24.50 13.81 -2.78
C GLU A 653 -23.36 12.85 -2.33
N LEU A 654 -22.90 12.01 -3.24
CA LEU A 654 -21.74 11.14 -2.96
C LEU A 654 -20.49 11.90 -2.71
N PHE A 655 -20.35 13.04 -3.38
CA PHE A 655 -19.09 13.71 -3.48
C PHE A 655 -18.93 14.83 -2.46
N ASP A 656 -17.75 15.04 -1.94
CA ASP A 656 -17.47 16.20 -1.14
C ASP A 656 -16.72 17.14 -2.03
N PHE A 657 -16.48 18.33 -1.51
CA PHE A 657 -15.95 19.39 -2.30
C PHE A 657 -15.08 20.33 -1.44
N LYS A 658 -13.93 20.75 -1.94
CA LYS A 658 -13.17 21.79 -1.27
C LYS A 658 -12.65 22.74 -2.29
N GLU A 659 -12.73 24.01 -1.97
CA GLU A 659 -12.16 25.03 -2.79
C GLU A 659 -10.82 25.41 -2.19
N VAL A 660 -9.75 25.12 -2.89
CA VAL A 660 -8.40 25.37 -2.40
C VAL A 660 -7.90 26.68 -3.01
N LEU A 661 -7.49 27.64 -2.17
CA LEU A 661 -6.95 28.91 -2.66
C LEU A 661 -5.55 28.65 -3.22
N VAL A 662 -5.18 29.28 -4.32
CA VAL A 662 -3.91 28.95 -4.95
C VAL A 662 -2.71 29.23 -4.02
N GLY A 663 -2.83 30.22 -3.14
CA GLY A 663 -1.79 30.53 -2.19
C GLY A 663 -1.56 29.46 -1.14
N GLN A 664 -2.51 28.55 -0.98
CA GLN A 664 -2.34 27.37 -0.13
C GLN A 664 -1.25 26.48 -0.68
N VAL A 665 -1.23 26.34 -1.99
CA VAL A 665 -0.21 25.60 -2.70
C VAL A 665 1.09 26.34 -2.81
N THR A 666 1.07 27.62 -3.15
CA THR A 666 2.32 28.29 -3.47
C THR A 666 2.95 28.92 -2.30
N GLY A 667 2.19 29.19 -1.25
CA GLY A 667 2.76 29.96 -0.14
C GLY A 667 2.63 31.47 -0.29
N ASN A 668 2.17 31.95 -1.43
CA ASN A 668 1.99 33.38 -1.66
C ASN A 668 0.55 33.83 -1.52
N SER A 669 0.20 34.57 -0.44
CA SER A 669 -1.19 34.86 -0.23
C SER A 669 -1.81 35.75 -1.33
N GLU A 670 -1.02 36.45 -2.10
CA GLU A 670 -1.58 37.21 -3.21
C GLU A 670 -2.25 36.26 -4.23
N ASP A 671 -1.82 34.99 -4.29
CA ASP A 671 -2.46 34.03 -5.20
C ASP A 671 -3.85 33.61 -4.82
N ASN A 672 -4.31 33.94 -3.61
CA ASN A 672 -5.56 33.50 -3.14
C ASN A 672 -6.73 34.16 -3.83
N GLU A 673 -6.47 35.10 -4.73
CA GLU A 673 -7.49 35.61 -5.58
C GLU A 673 -8.00 34.56 -6.57
N THR A 674 -7.28 33.45 -6.72
CA THR A 674 -7.68 32.35 -7.58
C THR A 674 -7.80 31.07 -6.73
N SER A 675 -8.74 30.21 -7.09
CA SER A 675 -8.98 29.01 -6.35
C SER A 675 -9.19 27.85 -7.31
N LEU A 676 -9.07 26.66 -6.78
CA LEU A 676 -9.13 25.40 -7.53
C LEU A 676 -10.20 24.56 -6.88
N PRO A 677 -11.18 24.10 -7.68
CA PRO A 677 -12.23 23.29 -7.07
C PRO A 677 -11.72 21.88 -6.95
N VAL A 678 -11.96 21.22 -5.84
CA VAL A 678 -11.54 19.81 -5.71
C VAL A 678 -12.70 18.94 -5.27
N PHE A 679 -13.03 17.96 -6.11
CA PHE A 679 -14.06 16.98 -5.81
C PHE A 679 -13.42 15.67 -5.37
N PHE A 680 -14.06 15.00 -4.43
CA PHE A 680 -13.57 13.75 -3.85
C PHE A 680 -14.68 13.01 -3.15
N ILE A 681 -14.37 11.80 -2.77
CA ILE A 681 -15.30 10.91 -2.08
C ILE A 681 -14.70 10.59 -0.71
N ASN A 682 -15.41 10.99 0.30
CA ASN A 682 -14.99 10.74 1.66
C ASN A 682 -15.61 9.39 2.05
N ALA A 683 -14.82 8.36 2.25
CA ALA A 683 -15.37 7.03 2.75
C ALA A 683 -16.24 7.13 4.06
N ASN A 684 -15.89 8.10 4.90
CA ASN A 684 -16.59 8.28 6.15
C ASN A 684 -17.98 8.88 6.03
N LYS A 685 -18.43 9.25 4.82
N LYS A 685 -18.39 9.21 4.79
CA LYS A 685 -19.74 9.88 4.70
CA LYS A 685 -19.74 9.65 4.46
C LYS A 685 -20.87 8.84 4.82
C LYS A 685 -20.81 8.72 5.04
N GLU A 686 -21.96 9.29 5.44
CA GLU A 686 -23.17 8.51 5.68
C GLU A 686 -24.31 9.12 4.90
N ALA B 2 39.98 -21.35 40.59
CA ALA B 2 39.02 -21.37 39.43
C ALA B 2 39.10 -19.96 38.80
N LEU B 3 38.79 -19.84 37.52
CA LEU B 3 39.01 -18.58 36.78
C LEU B 3 37.69 -17.85 36.82
N SER B 4 37.69 -16.54 36.55
CA SER B 4 36.41 -15.88 36.29
C SER B 4 36.64 -14.89 35.12
N VAL B 5 35.58 -14.72 34.31
CA VAL B 5 35.61 -13.82 33.15
C VAL B 5 34.68 -12.66 33.41
N HIS B 6 35.13 -11.43 33.08
CA HIS B 6 34.37 -10.23 33.30
C HIS B 6 34.47 -9.38 32.03
N PRO B 7 33.39 -8.76 31.61
CA PRO B 7 32.08 -8.84 32.27
C PRO B 7 31.38 -10.19 32.09
N SER B 8 30.49 -10.49 33.05
CA SER B 8 29.67 -11.66 32.98
C SER B 8 28.74 -11.62 31.80
N ILE B 9 28.29 -10.43 31.41
CA ILE B 9 27.41 -10.27 30.29
C ILE B 9 27.94 -9.03 29.55
N GLY B 10 28.62 -9.28 28.45
CA GLY B 10 29.21 -8.23 27.63
C GLY B 10 28.18 -7.53 26.78
N VAL B 11 28.52 -6.32 26.38
CA VAL B 11 27.63 -5.50 25.54
C VAL B 11 28.42 -4.82 24.47
N ALA B 12 28.05 -5.10 23.24
CA ALA B 12 28.61 -4.42 22.11
C ALA B 12 27.44 -3.68 21.38
N ARG B 13 27.78 -2.73 20.50
CA ARG B 13 26.75 -1.96 19.78
C ARG B 13 27.03 -1.91 18.29
N LEU B 14 25.97 -2.01 17.52
CA LEU B 14 26.02 -2.07 16.08
C LEU B 14 26.61 -0.80 15.55
N GLY B 15 27.26 -0.94 14.39
CA GLY B 15 27.77 0.21 13.69
C GLY B 15 28.06 -0.09 12.24
N ASN B 16 27.78 0.89 11.38
CA ASN B 16 27.98 0.74 9.93
C ASN B 16 29.23 1.43 9.37
N ALA B 17 30.08 1.98 10.26
CA ALA B 17 31.40 2.45 9.79
C ALA B 17 32.30 1.30 9.28
N ASN B 18 33.56 1.64 8.98
CA ASN B 18 34.49 0.62 8.47
C ASN B 18 34.67 -0.39 9.58
N THR B 19 34.76 -1.64 9.17
CA THR B 19 35.00 -2.77 10.06
C THR B 19 36.17 -2.55 11.05
N ASP B 20 37.18 -1.79 10.66
CA ASP B 20 38.36 -1.60 11.49
C ASP B 20 38.25 -0.35 12.37
N ASN B 21 37.12 0.35 12.28
CA ASN B 21 36.94 1.64 12.95
C ASN B 21 35.90 1.54 14.11
N PHE B 22 36.42 1.34 15.30
CA PHE B 22 35.55 1.04 16.46
C PHE B 22 36.01 1.77 17.72
N VAL B 23 35.14 1.82 18.72
CA VAL B 23 35.45 2.30 20.04
C VAL B 23 35.30 1.11 20.95
N LEU B 24 35.85 1.19 22.17
CA LEU B 24 35.72 0.16 23.16
C LEU B 24 34.74 0.54 24.26
N ASN B 25 34.39 -0.47 25.07
CA ASN B 25 33.24 -0.38 25.95
C ASN B 25 33.38 0.72 26.98
N PRO B 26 32.26 1.26 27.39
CA PRO B 26 32.31 2.10 28.59
C PRO B 26 32.89 1.37 29.80
N MET B 27 33.48 2.12 30.73
CA MET B 27 34.11 1.53 31.91
C MET B 27 33.28 1.76 33.15
N GLU B 28 32.14 2.43 33.04
CA GLU B 28 31.30 2.63 34.21
C GLU B 28 29.87 2.89 33.70
N ILE B 29 28.91 2.86 34.60
CA ILE B 29 27.51 3.15 34.23
C ILE B 29 27.44 4.63 33.88
N GLY B 30 26.90 4.95 32.73
CA GLY B 30 26.86 6.35 32.22
C GLY B 30 28.19 6.89 31.68
N GLY B 31 29.18 5.97 31.51
CA GLY B 31 30.47 6.31 30.93
C GLY B 31 30.47 6.37 29.44
N LEU B 32 31.22 7.32 28.88
CA LEU B 32 31.46 7.27 27.45
C LEU B 32 32.24 6.02 27.04
N PRO B 33 32.01 5.53 25.82
CA PRO B 33 32.92 4.57 25.22
C PRO B 33 34.31 5.19 24.92
N TYR B 34 35.31 4.34 24.60
CA TYR B 34 36.75 4.71 24.60
C TYR B 34 37.36 4.59 23.21
N GLU B 35 38.11 5.59 22.84
CA GLU B 35 39.11 5.46 21.79
C GLU B 35 40.12 4.43 22.31
N HIS B 36 41.00 3.96 21.40
CA HIS B 36 42.00 3.01 21.72
C HIS B 36 43.31 3.21 20.92
N ASP B 37 44.40 2.60 21.40
CA ASP B 37 45.69 2.70 20.71
C ASP B 37 45.85 1.52 19.79
N VAL B 38 47.03 1.37 19.17
CA VAL B 38 47.20 0.30 18.17
C VAL B 38 47.25 -1.05 18.81
N ASP B 39 47.46 -1.10 20.11
CA ASP B 39 47.41 -2.39 20.85
C ASP B 39 45.97 -2.74 21.28
N LEU B 40 45.01 -1.88 20.89
CA LEU B 40 43.61 -2.11 21.24
C LEU B 40 43.38 -1.98 22.78
N LYS B 41 44.18 -1.16 23.42
CA LYS B 41 43.95 -0.76 24.80
C LYS B 41 43.22 0.55 24.82
N PRO B 42 42.28 0.68 25.77
CA PRO B 42 41.56 1.96 25.85
C PRO B 42 42.47 3.14 26.21
N THR B 43 42.18 4.30 25.66
CA THR B 43 42.95 5.51 25.93
C THR B 43 42.11 6.56 26.61
N THR B 44 41.50 7.44 25.82
CA THR B 44 40.70 8.56 26.28
C THR B 44 39.28 8.26 25.77
N THR B 45 38.27 8.90 26.34
CA THR B 45 36.91 8.70 25.85
C THR B 45 36.73 9.18 24.42
N VAL B 46 35.65 8.69 23.83
CA VAL B 46 35.36 8.91 22.43
C VAL B 46 35.44 10.36 22.01
N VAL B 47 36.02 10.57 20.85
CA VAL B 47 36.04 11.88 20.20
C VAL B 47 34.72 12.02 19.38
N ASN B 48 34.64 11.37 18.22
CA ASN B 48 33.43 11.34 17.45
C ASN B 48 32.85 9.91 17.44
N PHE B 49 31.54 9.81 17.64
CA PHE B 49 30.82 8.53 17.51
C PHE B 49 30.70 8.02 16.09
N LYS B 50 30.72 8.94 15.12
CA LYS B 50 30.61 8.61 13.71
C LYS B 50 31.92 8.89 12.98
N ASP B 51 32.14 8.19 11.88
CA ASP B 51 33.30 8.49 11.04
C ASP B 51 33.01 9.74 10.22
N GLU B 52 33.94 10.09 9.35
CA GLU B 52 33.77 11.29 8.49
C GLU B 52 32.63 11.22 7.58
N ALA B 53 32.26 10.03 7.11
CA ALA B 53 31.08 9.87 6.25
C ALA B 53 29.75 9.82 6.99
N GLY B 54 29.73 10.00 8.30
CA GLY B 54 28.48 9.94 9.04
C GLY B 54 28.02 8.50 9.36
N CYS B 55 28.94 7.52 9.34
CA CYS B 55 28.61 6.14 9.69
C CYS B 55 28.98 5.86 11.14
N ILE B 56 28.10 5.16 11.84
CA ILE B 56 28.30 4.94 13.25
C ILE B 56 29.40 3.88 13.48
N ARG B 57 30.35 4.22 14.34
CA ARG B 57 31.40 3.27 14.74
C ARG B 57 30.86 2.17 15.67
N ARG B 58 31.19 0.91 15.38
CA ARG B 58 30.95 -0.17 16.33
C ARG B 58 31.55 0.10 17.67
N GLN B 59 30.88 -0.42 18.71
N GLN B 59 30.89 -0.39 18.74
CA GLN B 59 31.41 -0.48 20.02
CA GLN B 59 31.44 -0.35 20.07
C GLN B 59 31.70 -1.90 20.34
C GLN B 59 31.66 -1.79 20.58
N GLY B 60 32.92 -2.15 20.81
CA GLY B 60 33.32 -3.52 21.12
C GLY B 60 33.45 -3.70 22.58
N GLN B 61 33.25 -4.95 23.04
CA GLN B 61 33.43 -5.31 24.42
C GLN B 61 34.75 -6.08 24.67
N VAL B 62 35.59 -5.53 25.55
CA VAL B 62 36.79 -6.20 26.09
C VAL B 62 36.35 -7.13 27.21
N PHE B 63 36.74 -8.40 27.12
CA PHE B 63 36.66 -9.35 28.20
C PHE B 63 38.06 -9.65 28.78
N LYS B 64 38.11 -9.84 30.11
CA LYS B 64 39.35 -10.19 30.84
C LYS B 64 39.03 -11.42 31.67
N VAL B 65 40.07 -12.20 31.93
CA VAL B 65 40.00 -13.42 32.71
C VAL B 65 40.92 -13.28 33.90
N PHE B 66 40.44 -13.72 35.06
CA PHE B 66 41.17 -13.58 36.30
C PHE B 66 41.35 -14.95 36.97
N GLY B 67 42.45 -15.08 37.69
CA GLY B 67 42.83 -16.32 38.41
C GLY B 67 42.17 -16.37 39.76
N ALA B 68 42.44 -17.47 40.46
CA ALA B 68 41.83 -17.76 41.76
C ALA B 68 42.09 -16.63 42.78
N SER B 69 43.21 -15.89 42.63
CA SER B 69 43.51 -14.70 43.44
C SER B 69 42.84 -13.42 42.94
N ASN B 70 41.94 -13.49 41.96
CA ASN B 70 41.44 -12.26 41.33
C ASN B 70 42.49 -11.39 40.66
N GLU B 71 43.59 -12.01 40.26
CA GLU B 71 44.63 -11.36 39.49
C GLU B 71 44.30 -11.62 38.04
N GLU B 72 44.45 -10.61 37.18
CA GLU B 72 44.22 -10.76 35.76
C GLU B 72 45.25 -11.65 35.16
N LEU B 73 44.83 -12.59 34.30
CA LEU B 73 45.74 -13.36 33.47
C LEU B 73 45.71 -12.85 32.04
N THR B 74 46.92 -12.65 31.51
CA THR B 74 47.09 -12.35 30.09
C THR B 74 48.24 -13.22 29.52
N LEU B 75 48.45 -13.08 28.22
CA LEU B 75 49.56 -13.78 27.56
C LEU B 75 50.91 -13.38 28.14
N ASP B 76 50.99 -12.26 28.88
CA ASP B 76 52.22 -11.83 29.50
C ASP B 76 52.38 -12.37 30.89
N SER B 77 51.39 -13.08 31.41
CA SER B 77 51.54 -13.59 32.76
C SER B 77 52.55 -14.77 32.78
N PRO B 78 53.40 -14.82 33.82
CA PRO B 78 54.40 -15.87 34.00
C PRO B 78 53.95 -17.27 33.56
N ASN B 79 52.89 -17.78 34.19
CA ASN B 79 52.64 -19.19 33.99
C ASN B 79 51.65 -19.44 32.87
N VAL B 80 51.43 -18.46 31.99
CA VAL B 80 50.42 -18.63 30.95
C VAL B 80 50.99 -18.91 29.57
N LYS B 81 50.67 -20.06 29.03
CA LYS B 81 51.04 -20.45 27.70
C LYS B 81 50.05 -19.97 26.62
N ASN B 82 48.75 -20.03 26.89
CA ASN B 82 47.77 -19.55 25.93
C ASN B 82 46.46 -19.25 26.61
N ILE B 83 45.67 -18.41 25.94
CA ILE B 83 44.32 -18.06 26.34
C ILE B 83 43.52 -18.14 25.07
N GLU B 84 42.51 -18.99 25.05
CA GLU B 84 41.74 -19.22 23.87
C GLU B 84 40.24 -18.91 24.17
N TRP B 85 39.68 -18.02 23.36
CA TRP B 85 38.32 -17.55 23.51
C TRP B 85 37.45 -18.12 22.42
N THR B 86 36.26 -18.60 22.79
CA THR B 86 35.31 -19.08 21.79
C THR B 86 33.98 -18.45 22.03
N VAL B 87 33.45 -17.81 21.00
CA VAL B 87 32.22 -17.06 21.12
C VAL B 87 31.22 -17.55 20.10
N HIS B 88 30.05 -17.88 20.59
CA HIS B 88 29.01 -18.35 19.75
C HIS B 88 27.79 -17.44 19.83
N LEU B 89 27.68 -16.59 18.83
CA LEU B 89 26.59 -15.58 18.79
C LEU B 89 25.55 -16.14 17.80
N ALA B 90 24.29 -15.83 18.03
CA ALA B 90 23.25 -16.14 17.06
C ALA B 90 22.08 -15.17 17.21
N ASN B 91 21.27 -15.15 16.17
CA ASN B 91 20.04 -14.36 16.16
C ASN B 91 18.89 -15.32 15.91
N LYS B 92 18.06 -15.50 16.94
CA LYS B 92 16.89 -16.37 16.84
C LYS B 92 15.59 -15.63 16.59
N LYS B 93 15.67 -14.30 16.33
CA LYS B 93 14.49 -13.49 16.29
C LYS B 93 13.47 -14.05 15.30
N ALA B 94 13.88 -14.33 14.08
CA ALA B 94 12.92 -14.79 13.06
C ALA B 94 12.21 -16.11 13.35
N ALA B 95 12.79 -16.90 14.24
CA ALA B 95 12.28 -18.19 14.64
C ALA B 95 11.46 -18.11 15.95
N TRP B 96 11.38 -16.94 16.59
CA TRP B 96 10.63 -16.88 17.83
C TRP B 96 9.16 -16.42 17.62
N TYR B 97 8.50 -16.20 18.71
CA TYR B 97 7.12 -15.74 18.74
C TYR B 97 7.05 -14.27 18.41
N GLU B 98 5.91 -13.83 17.92
CA GLU B 98 5.60 -12.40 17.77
C GLU B 98 5.60 -11.82 19.18
N PHE B 99 6.08 -10.59 19.29
CA PHE B 99 6.07 -9.94 20.59
C PHE B 99 4.68 -9.46 20.94
N ARG B 100 4.14 -9.86 22.09
CA ARG B 100 2.82 -9.45 22.50
C ARG B 100 2.85 -9.01 23.94
N GLU B 101 3.61 -7.92 24.18
CA GLU B 101 3.80 -7.38 25.50
C GLU B 101 4.16 -8.49 26.52
N LEU B 102 3.37 -8.66 27.57
CA LEU B 102 3.78 -9.56 28.64
C LEU B 102 3.35 -11.01 28.42
N ASN B 103 2.66 -11.29 27.33
CA ASN B 103 2.35 -12.70 26.97
C ASN B 103 3.62 -13.47 26.72
N GLY B 104 3.65 -14.61 27.38
CA GLY B 104 4.81 -15.50 27.41
C GLY B 104 5.72 -15.40 28.62
N ASN B 105 5.52 -14.36 29.41
CA ASN B 105 6.34 -14.11 30.58
C ASN B 105 5.86 -14.98 31.72
N LEU B 106 6.69 -15.94 32.11
CA LEU B 106 6.29 -16.97 33.08
C LEU B 106 6.38 -16.49 34.50
N LEU B 107 6.85 -15.25 34.74
CA LEU B 107 6.76 -14.71 36.09
C LEU B 107 5.32 -14.42 36.47
N TYR B 108 4.40 -14.40 35.51
CA TYR B 108 2.96 -14.25 35.78
C TYR B 108 2.25 -15.61 35.85
N GLY B 109 2.99 -16.72 35.83
CA GLY B 109 2.42 -18.05 36.01
C GLY B 109 2.30 -18.76 34.70
N ARG B 110 2.09 -20.06 34.81
CA ARG B 110 2.03 -20.93 33.65
C ARG B 110 0.87 -20.63 32.75
N ASP B 111 -0.18 -20.01 33.29
CA ASP B 111 -1.33 -19.62 32.47
C ASP B 111 -1.02 -18.43 31.56
N ASN B 112 0.13 -17.81 31.80
CA ASN B 112 0.64 -16.72 30.91
C ASN B 112 1.69 -17.22 29.94
N SER B 113 1.83 -18.55 29.78
CA SER B 113 2.82 -19.10 28.82
C SER B 113 2.46 -18.78 27.37
N TYR B 114 3.46 -18.84 26.49
CA TYR B 114 3.19 -18.51 25.09
C TYR B 114 2.07 -19.44 24.54
N SER B 115 2.15 -20.73 24.84
N SER B 115 2.21 -20.72 24.85
CA SER B 115 1.10 -21.68 24.42
CA SER B 115 1.20 -21.75 24.56
C SER B 115 -0.24 -21.43 25.04
C SER B 115 -0.18 -21.42 25.04
N ALA B 116 -0.30 -21.16 26.34
CA ALA B 116 -1.61 -20.92 26.92
C ALA B 116 -2.20 -19.66 26.38
N ARG B 117 -1.36 -18.69 26.01
CA ARG B 117 -1.87 -17.42 25.48
C ARG B 117 -2.05 -17.46 23.99
N GLY B 118 -1.75 -18.59 23.33
CA GLY B 118 -1.84 -18.68 21.90
C GLY B 118 -1.06 -17.69 21.08
N VAL B 119 0.14 -17.32 21.54
CA VAL B 119 0.95 -16.38 20.77
C VAL B 119 1.41 -17.03 19.48
N PRO B 120 1.28 -16.35 18.32
CA PRO B 120 1.78 -17.02 17.13
C PRO B 120 3.29 -16.94 16.91
N TRP B 121 3.80 -17.87 16.16
CA TRP B 121 5.19 -17.82 15.75
C TRP B 121 5.32 -16.78 14.67
N ARG B 122 6.45 -16.11 14.64
CA ARG B 122 6.87 -15.36 13.46
C ARG B 122 7.06 -16.33 12.30
N ASN B 123 6.84 -15.85 11.08
CA ASN B 123 6.99 -16.64 9.86
C ASN B 123 6.20 -17.96 10.10
N ALA B 124 4.94 -17.77 10.43
CA ALA B 124 4.06 -18.84 10.90
C ALA B 124 3.79 -19.92 9.81
N SER B 125 4.09 -19.64 8.55
CA SER B 125 3.90 -20.65 7.53
C SER B 125 4.95 -21.72 7.62
N LYS B 126 6.03 -21.47 8.33
CA LYS B 126 7.02 -22.48 8.52
C LYS B 126 6.74 -23.22 9.83
N THR B 127 6.43 -24.51 9.77
CA THR B 127 6.03 -25.27 10.95
C THR B 127 6.89 -26.45 11.30
N ALA B 128 7.57 -27.09 10.34
CA ALA B 128 8.52 -28.16 10.68
C ALA B 128 9.71 -27.59 11.38
N SER B 129 10.25 -28.37 12.34
CA SER B 129 11.36 -27.93 13.16
C SER B 129 12.60 -27.55 12.33
N SER B 130 12.87 -28.30 11.25
CA SER B 130 14.03 -28.00 10.43
C SER B 130 13.81 -26.67 9.71
N GLU B 131 12.60 -26.39 9.26
CA GLU B 131 12.39 -25.09 8.62
C GLU B 131 12.41 -23.91 9.64
N ARG B 132 12.02 -24.14 10.87
CA ARG B 132 12.09 -23.09 11.89
C ARG B 132 13.56 -22.81 12.21
N GLN B 133 14.31 -23.90 12.37
CA GLN B 133 15.73 -23.77 12.63
C GLN B 133 16.44 -22.92 11.57
N SER B 134 16.02 -23.00 10.33
CA SER B 134 16.74 -22.34 9.27
C SER B 134 16.40 -20.80 9.25
N LEU B 135 15.40 -20.40 10.03
CA LEU B 135 15.14 -18.98 10.22
C LEU B 135 16.17 -18.30 11.15
N ILE B 136 16.82 -19.08 12.00
CA ILE B 136 17.90 -18.62 12.84
C ILE B 136 19.10 -18.16 12.00
N ILE B 137 19.73 -17.06 12.42
CA ILE B 137 21.03 -16.69 11.88
C ILE B 137 22.05 -17.28 12.86
N ASP B 138 22.71 -18.35 12.43
CA ASP B 138 23.66 -19.07 13.25
C ASP B 138 24.79 -19.54 12.33
N LEU B 139 25.97 -18.95 12.51
CA LEU B 139 27.14 -19.18 11.70
C LEU B 139 28.18 -20.01 12.45
N GLY B 140 27.74 -20.64 13.54
CA GLY B 140 28.58 -21.37 14.44
C GLY B 140 29.50 -20.49 15.30
N PRO B 141 30.34 -21.13 16.08
CA PRO B 141 31.25 -20.46 16.95
C PRO B 141 32.46 -20.06 16.20
N ARG B 142 33.11 -19.03 16.73
CA ARG B 142 34.45 -18.67 16.29
C ARG B 142 35.32 -18.66 17.49
N SER B 143 36.59 -18.92 17.26
CA SER B 143 37.66 -18.81 18.25
C SER B 143 38.74 -17.86 17.87
N VAL B 144 39.34 -17.26 18.87
CA VAL B 144 40.45 -16.36 18.66
C VAL B 144 41.42 -16.56 19.82
N SER B 145 42.73 -16.46 19.54
CA SER B 145 43.74 -16.49 20.62
C SER B 145 44.99 -15.84 20.16
N GLY B 146 45.83 -15.41 21.08
CA GLY B 146 47.13 -14.84 20.68
C GLY B 146 47.08 -13.29 20.62
N VAL B 147 48.15 -12.72 20.13
CA VAL B 147 48.35 -11.29 20.04
C VAL B 147 47.68 -10.69 18.80
N MET B 148 46.78 -9.73 18.99
CA MET B 148 46.21 -8.98 17.85
C MET B 148 45.62 -9.87 16.76
N ALA B 149 44.83 -10.85 17.16
CA ALA B 149 44.13 -11.66 16.18
C ALA B 149 42.81 -11.03 15.82
N THR B 150 42.34 -11.39 14.63
CA THR B 150 41.05 -10.97 14.09
C THR B 150 40.41 -12.13 13.37
N VAL B 151 39.16 -12.43 13.69
CA VAL B 151 38.39 -13.43 12.96
C VAL B 151 36.96 -12.92 12.82
N GLU B 152 36.42 -12.95 11.60
CA GLU B 152 35.08 -12.47 11.35
C GLU B 152 34.11 -13.59 11.70
N ILE B 153 32.92 -13.19 12.16
CA ILE B 153 31.81 -14.16 12.26
C ILE B 153 31.03 -14.14 10.95
N SER B 154 31.64 -14.72 9.89
CA SER B 154 31.20 -14.58 8.53
C SER B 154 30.55 -15.82 8.00
N ILE B 155 29.65 -15.61 7.04
CA ILE B 155 29.07 -16.73 6.24
C ILE B 155 30.17 -17.47 5.48
N ASN B 156 31.34 -16.84 5.31
CA ASN B 156 32.45 -17.46 4.56
C ASN B 156 33.45 -18.23 5.37
N ASN B 157 33.33 -18.28 6.70
CA ASN B 157 34.28 -19.09 7.51
C ASN B 157 33.58 -19.93 8.55
N ILE B 158 32.43 -20.47 8.21
CA ILE B 158 31.74 -21.39 9.12
C ILE B 158 32.62 -22.65 9.33
N PRO B 159 32.88 -23.07 10.59
CA PRO B 159 33.68 -24.27 10.80
C PRO B 159 33.02 -25.50 10.18
N GLU B 160 33.84 -26.33 9.57
CA GLU B 160 33.34 -27.54 8.93
C GLU B 160 32.62 -28.45 9.93
N THR B 161 33.04 -28.42 11.17
CA THR B 161 32.39 -29.22 12.22
C THR B 161 31.02 -28.70 12.63
N TYR B 162 30.61 -27.51 12.15
CA TYR B 162 29.32 -26.94 12.56
C TYR B 162 28.35 -27.34 11.50
N LEU B 163 27.53 -28.36 11.77
CA LEU B 163 26.79 -29.02 10.70
C LEU B 163 25.54 -28.26 10.23
N HIS B 164 24.96 -27.39 11.06
CA HIS B 164 23.72 -26.73 10.65
C HIS B 164 23.78 -25.19 10.78
N PRO B 165 24.59 -24.53 9.95
CA PRO B 165 24.58 -23.07 9.89
C PRO B 165 23.32 -22.65 9.17
N SER B 166 22.83 -21.43 9.39
CA SER B 166 21.68 -20.90 8.71
C SER B 166 21.76 -19.39 8.72
N TYR B 167 21.17 -18.79 7.71
CA TYR B 167 21.16 -17.33 7.55
C TYR B 167 20.36 -17.02 6.34
N PRO B 168 19.97 -15.76 6.15
CA PRO B 168 19.13 -15.41 4.99
C PRO B 168 20.04 -15.27 3.76
N SER B 169 19.95 -16.22 2.83
CA SER B 169 20.86 -16.28 1.69
C SER B 169 20.23 -15.57 0.52
N GLY B 170 21.03 -15.30 -0.48
CA GLY B 170 20.55 -14.59 -1.66
C GLY B 170 20.33 -13.12 -1.41
N GLU B 171 19.65 -12.48 -2.35
CA GLU B 171 19.45 -11.04 -2.32
C GLU B 171 18.04 -10.71 -1.79
N LEU B 172 17.99 -10.00 -0.67
CA LEU B 172 16.73 -9.67 -0.08
C LEU B 172 16.11 -8.55 -0.86
N LEU B 173 14.79 -8.57 -0.88
CA LEU B 173 14.02 -7.71 -1.70
C LEU B 173 13.80 -6.34 -1.16
N GLN B 174 13.94 -6.16 0.15
CA GLN B 174 13.73 -4.82 0.79
C GLN B 174 14.82 -4.57 1.84
N GLY B 175 15.21 -3.32 2.04
CA GLY B 175 16.28 -2.95 2.98
C GLY B 175 17.62 -3.53 2.60
N SER B 176 18.41 -3.95 3.58
CA SER B 176 19.75 -4.43 3.30
C SER B 176 19.67 -5.65 2.36
N LYS B 177 20.49 -5.69 1.31
CA LYS B 177 20.39 -6.76 0.31
C LYS B 177 21.09 -8.09 0.67
N HIS B 178 22.26 -8.04 1.25
CA HIS B 178 23.10 -9.27 1.38
C HIS B 178 23.61 -9.39 2.80
N PHE B 179 23.15 -10.39 3.52
CA PHE B 179 23.72 -10.74 4.83
C PHE B 179 25.09 -11.45 4.73
N GLU B 180 26.08 -11.01 5.51
CA GLU B 180 27.39 -11.65 5.51
C GLU B 180 28.02 -11.94 6.85
N SER B 181 27.64 -11.20 7.90
CA SER B 181 28.37 -11.29 9.16
C SER B 181 27.54 -10.92 10.39
N LEU B 182 27.82 -11.58 11.52
CA LEU B 182 27.27 -11.19 12.81
C LEU B 182 28.23 -10.31 13.61
N GLY B 183 29.46 -10.17 13.13
CA GLY B 183 30.47 -9.39 13.85
C GLY B 183 31.88 -9.84 13.71
N THR B 184 32.73 -9.44 14.67
CA THR B 184 34.19 -9.69 14.59
C THR B 184 34.71 -10.02 15.96
N LEU B 185 35.55 -11.05 16.08
CA LEU B 185 36.29 -11.30 17.27
C LEU B 185 37.70 -10.82 17.07
N ARG B 186 38.22 -10.14 18.09
CA ARG B 186 39.64 -9.80 18.11
C ARG B 186 40.26 -10.15 19.44
N THR B 187 41.61 -10.15 19.48
CA THR B 187 42.34 -10.03 20.74
C THR B 187 43.20 -8.82 20.66
N ASP B 188 43.52 -8.27 21.83
CA ASP B 188 44.38 -7.10 21.93
C ASP B 188 45.83 -7.58 22.00
N SER B 189 46.76 -6.68 22.32
CA SER B 189 48.18 -7.06 22.33
C SER B 189 48.58 -8.01 23.42
N GLN B 190 47.71 -8.22 24.39
CA GLN B 190 48.00 -9.15 25.49
C GLN B 190 47.09 -10.36 25.50
N GLY B 191 46.35 -10.53 24.44
CA GLY B 191 45.47 -11.65 24.30
C GLY B 191 44.07 -11.55 24.88
N ARG B 192 43.68 -10.37 25.35
CA ARG B 192 42.27 -10.18 25.82
C ARG B 192 41.33 -10.25 24.65
N LEU B 193 40.10 -10.71 24.90
CA LEU B 193 39.07 -10.73 23.89
C LEU B 193 38.39 -9.41 23.71
N ILE B 194 38.21 -9.05 22.46
CA ILE B 194 37.26 -8.03 22.03
C ILE B 194 36.20 -8.62 21.10
N VAL B 195 34.92 -8.43 21.45
CA VAL B 195 33.82 -8.85 20.59
C VAL B 195 33.14 -7.60 20.03
N LEU B 196 33.13 -7.52 18.73
CA LEU B 196 32.34 -6.56 18.01
C LEU B 196 31.18 -7.32 17.34
N GLY B 197 29.99 -6.67 17.37
CA GLY B 197 28.77 -7.17 16.81
C GLY B 197 28.49 -6.68 15.40
N GLY B 198 27.20 -6.61 15.08
CA GLY B 198 26.81 -6.41 13.72
C GLY B 198 27.07 -5.02 13.20
N TYR B 199 26.71 -4.88 11.93
CA TYR B 199 26.97 -3.69 11.13
C TYR B 199 25.70 -2.87 10.86
N GLY B 200 24.58 -3.30 11.41
CA GLY B 200 23.31 -2.64 11.17
C GLY B 200 22.43 -3.19 10.06
N PHE B 201 22.83 -4.34 9.54
CA PHE B 201 22.01 -5.06 8.54
C PHE B 201 20.55 -5.19 8.97
N ALA B 202 19.63 -4.76 8.09
CA ALA B 202 18.18 -5.04 8.28
C ALA B 202 17.53 -5.07 6.92
N GLY B 203 17.07 -6.26 6.57
CA GLY B 203 16.49 -6.51 5.26
C GLY B 203 15.53 -7.65 5.31
N GLY B 204 14.64 -7.68 4.32
CA GLY B 204 13.70 -8.79 4.23
C GLY B 204 13.02 -8.90 2.86
N ASN B 205 12.09 -9.83 2.76
CA ASN B 205 11.53 -10.14 1.45
C ASN B 205 10.11 -9.71 1.35
N THR B 206 9.59 -9.00 2.34
CA THR B 206 8.24 -8.47 2.29
C THR B 206 8.24 -6.97 2.52
N ASP B 207 7.19 -6.28 2.09
N ASP B 207 7.14 -6.35 2.11
CA ASP B 207 7.16 -4.82 2.24
CA ASP B 207 6.88 -4.97 2.44
C ASP B 207 6.57 -4.40 3.60
C ASP B 207 6.89 -4.78 3.93
N LEU B 208 7.33 -3.59 4.35
CA LEU B 208 6.91 -3.03 5.63
C LEU B 208 6.01 -1.77 5.42
N SER B 209 5.40 -1.57 4.25
CA SER B 209 4.56 -0.39 3.99
C SER B 209 3.29 -0.78 3.25
N GLY B 213 2.62 -8.01 6.24
CA GLY B 213 3.91 -7.38 5.84
C GLY B 213 4.97 -7.47 6.96
N GLY B 214 6.19 -7.95 6.67
CA GLY B 214 7.20 -8.02 7.73
C GLY B 214 7.62 -9.42 8.13
N ASP B 215 7.01 -10.43 7.50
CA ASP B 215 7.53 -11.78 7.52
C ASP B 215 8.83 -11.78 6.77
N ASP B 216 9.69 -12.74 7.08
CA ASP B 216 10.90 -13.00 6.30
C ASP B 216 11.79 -11.77 6.29
N TRP B 217 11.87 -11.12 7.48
CA TRP B 217 12.79 -10.02 7.84
C TRP B 217 13.86 -10.46 8.86
N TYR B 218 15.03 -9.77 8.82
CA TYR B 218 16.19 -10.17 9.60
C TYR B 218 16.95 -8.92 9.99
N ASP B 219 17.62 -8.98 11.14
CA ASP B 219 18.64 -7.99 11.48
C ASP B 219 19.90 -8.71 11.97
N ASP B 220 20.96 -7.98 12.33
CA ASP B 220 22.23 -8.61 12.73
C ASP B 220 22.52 -8.36 14.19
N ILE B 221 21.49 -8.09 14.98
CA ILE B 221 21.58 -8.19 16.44
C ILE B 221 21.91 -9.66 16.72
N SER B 222 22.58 -9.92 17.81
CA SER B 222 22.85 -11.29 18.26
C SER B 222 23.19 -11.30 19.71
N ASP B 223 23.25 -12.50 20.28
CA ASP B 223 23.79 -12.72 21.60
C ASP B 223 24.23 -14.19 21.72
N GLY B 224 25.02 -14.46 22.73
CA GLY B 224 25.51 -15.86 22.95
C GLY B 224 26.67 -16.03 23.88
N SER B 225 27.22 -17.25 23.87
CA SER B 225 28.13 -17.67 24.92
C SER B 225 29.55 -17.29 24.61
N VAL B 226 30.26 -17.02 25.69
CA VAL B 226 31.69 -16.78 25.72
C VAL B 226 32.37 -17.89 26.54
N THR B 227 33.37 -18.57 25.95
CA THR B 227 34.19 -19.55 26.71
C THR B 227 35.67 -19.13 26.69
N CYS B 228 36.29 -19.13 27.86
CA CYS B 228 37.70 -18.87 27.97
C CYS B 228 38.43 -20.15 28.46
N VAL B 229 39.45 -20.58 27.75
CA VAL B 229 40.31 -21.70 28.18
C VAL B 229 41.69 -21.17 28.36
N VAL B 230 42.17 -21.24 29.58
CA VAL B 230 43.52 -20.76 29.82
C VAL B 230 44.44 -21.98 29.97
N THR B 231 45.52 -22.02 29.21
CA THR B 231 46.47 -23.13 29.22
C THR B 231 47.75 -22.62 29.88
N TYR B 232 48.21 -23.34 30.87
CA TYR B 232 49.41 -22.97 31.61
C TYR B 232 50.68 -23.66 31.03
N SER B 233 51.83 -23.21 31.53
CA SER B 233 53.14 -23.69 31.04
C SER B 233 53.22 -25.22 31.09
N ASP B 234 52.74 -25.82 32.17
CA ASP B 234 52.71 -27.29 32.25
C ASP B 234 51.66 -27.99 31.34
N ASP B 235 50.90 -27.20 30.57
CA ASP B 235 49.92 -27.70 29.61
C ASP B 235 48.60 -28.12 30.24
N SER B 236 48.50 -27.97 31.54
CA SER B 236 47.21 -28.00 32.21
C SER B 236 46.38 -26.80 31.79
N SER B 237 45.09 -26.85 32.09
CA SER B 237 44.20 -25.78 31.67
C SER B 237 43.02 -25.65 32.59
N GLU B 238 42.47 -24.43 32.66
CA GLU B 238 41.17 -24.20 33.27
C GLU B 238 40.26 -23.43 32.30
N THR B 239 38.95 -23.54 32.51
CA THR B 239 37.96 -22.99 31.62
C THR B 239 36.98 -22.17 32.43
N SER B 240 36.48 -21.09 31.86
CA SER B 240 35.43 -20.29 32.53
C SER B 240 34.55 -19.67 31.44
N THR B 241 33.32 -19.27 31.80
CA THR B 241 32.35 -18.82 30.83
C THR B 241 31.72 -17.45 31.16
N ALA B 242 31.16 -16.86 30.12
CA ALA B 242 30.37 -15.63 30.26
C ALA B 242 29.34 -15.61 29.14
N TRP B 243 28.68 -14.45 28.98
CA TRP B 243 27.74 -14.29 27.92
C TRP B 243 28.04 -12.99 27.22
N MET B 244 27.41 -12.80 26.08
CA MET B 244 27.63 -11.63 25.21
C MET B 244 26.33 -11.19 24.54
N VAL B 245 26.12 -9.87 24.46
CA VAL B 245 24.89 -9.35 23.88
C VAL B 245 25.21 -8.15 23.03
N VAL B 246 24.59 -8.11 21.87
CA VAL B 246 24.76 -7.00 20.95
C VAL B 246 23.46 -6.20 20.92
N GLY B 247 23.60 -4.89 21.06
CA GLY B 247 22.46 -3.95 21.04
C GLY B 247 22.65 -2.90 19.96
N SER B 248 21.57 -2.18 19.65
CA SER B 248 21.64 -1.11 18.66
C SER B 248 22.37 0.08 19.31
N PRO B 249 22.66 1.18 18.54
CA PRO B 249 23.53 2.21 19.17
C PRO B 249 22.97 2.82 20.42
N ASP B 250 23.87 3.18 21.34
CA ASP B 250 23.53 4.04 22.48
C ASP B 250 23.71 5.54 22.07
N PHE B 251 22.59 6.16 21.80
CA PHE B 251 22.57 7.52 21.25
C PHE B 251 22.68 8.62 22.32
N ALA B 252 22.76 8.23 23.59
CA ALA B 252 22.91 9.17 24.72
C ALA B 252 23.62 8.50 25.89
N PRO B 253 24.87 8.07 25.64
CA PRO B 253 25.55 7.18 26.56
C PRO B 253 25.80 7.77 27.95
N GLU B 254 25.91 9.09 28.08
CA GLU B 254 26.08 9.70 29.42
C GLU B 254 24.81 9.76 30.26
N ILE B 255 23.66 9.45 29.66
CA ILE B 255 22.39 9.53 30.36
C ILE B 255 21.98 8.10 30.76
N VAL B 256 21.75 7.92 32.04
CA VAL B 256 21.54 6.63 32.63
C VAL B 256 20.04 6.37 32.90
N ASN B 257 19.60 5.13 32.66
CA ASN B 257 18.26 4.69 32.92
C ASN B 257 18.05 4.56 34.41
N ILE B 258 16.90 5.05 34.86
CA ILE B 258 16.57 4.97 36.27
C ILE B 258 16.67 3.55 36.81
N SER B 259 16.12 2.56 36.11
CA SER B 259 16.42 1.16 36.37
C SER B 259 17.16 0.57 35.17
N THR B 260 18.43 0.28 35.36
CA THR B 260 19.28 -0.34 34.34
C THR B 260 19.19 -1.89 34.44
N LEU B 261 19.77 -2.59 33.46
CA LEU B 261 19.78 -4.05 33.50
C LEU B 261 20.70 -4.60 34.64
N SER B 262 21.69 -3.78 35.04
CA SER B 262 22.45 -4.11 36.25
C SER B 262 21.56 -4.13 37.47
N ASP B 263 20.71 -3.12 37.57
CA ASP B 263 19.71 -3.13 38.64
C ASP B 263 18.84 -4.41 38.54
N THR B 264 18.47 -4.80 37.34
CA THR B 264 17.67 -6.02 37.16
C THR B 264 18.40 -7.25 37.71
N CYS B 265 19.66 -7.41 37.30
CA CYS B 265 20.46 -8.57 37.75
C CYS B 265 20.66 -8.55 39.24
N PHE B 266 20.93 -7.37 39.79
CA PHE B 266 21.06 -7.20 41.20
C PHE B 266 19.81 -7.62 41.96
N ASP B 267 18.66 -7.10 41.52
CA ASP B 267 17.36 -7.40 42.11
C ASP B 267 17.10 -8.88 42.08
N VAL B 268 17.29 -9.49 40.93
CA VAL B 268 17.12 -10.91 40.75
C VAL B 268 18.06 -11.68 41.71
N GLY B 269 19.28 -11.19 41.85
CA GLY B 269 20.29 -11.77 42.73
C GLY B 269 19.93 -11.76 44.23
N VAL B 270 19.41 -10.63 44.67
CA VAL B 270 19.03 -10.42 46.04
C VAL B 270 17.89 -11.31 46.38
N ARG B 271 16.89 -11.35 45.49
CA ARG B 271 15.64 -12.06 45.79
C ARG B 271 15.74 -13.59 45.56
N ASN B 272 16.67 -14.03 44.74
CA ASN B 272 16.68 -15.43 44.29
C ASN B 272 18.00 -16.15 44.52
N PHE B 273 19.10 -15.44 44.66
CA PHE B 273 20.41 -16.14 44.80
C PHE B 273 21.19 -15.74 46.07
N ASP B 274 20.51 -15.16 47.04
CA ASP B 274 21.16 -14.85 48.31
C ASP B 274 22.37 -13.92 48.17
N LEU B 275 22.31 -12.99 47.21
CA LEU B 275 23.44 -12.19 46.88
C LEU B 275 23.81 -11.27 48.04
N VAL B 276 22.81 -10.82 48.80
CA VAL B 276 23.06 -9.94 49.95
C VAL B 276 22.23 -10.39 51.16
N PRO B 277 22.74 -11.42 51.86
CA PRO B 277 22.00 -11.99 53.02
C PRO B 277 21.49 -10.97 54.06
N ASP B 278 22.23 -9.88 54.33
CA ASP B 278 21.73 -8.86 55.26
C ASP B 278 20.51 -8.06 54.76
N MET B 279 20.26 -8.06 53.45
CA MET B 279 19.11 -7.27 52.93
C MET B 279 17.84 -8.06 52.79
N TYR B 280 17.97 -9.36 52.59
CA TYR B 280 16.82 -10.13 52.21
C TYR B 280 16.89 -11.51 52.87
N ASP B 281 15.79 -11.94 53.45
CA ASP B 281 15.74 -13.28 54.07
C ASP B 281 15.24 -14.31 53.07
N SER B 282 16.15 -15.13 52.54
CA SER B 282 15.76 -16.13 51.56
C SER B 282 14.94 -17.26 52.17
N ALA B 283 14.95 -17.48 53.48
CA ALA B 283 14.05 -18.51 54.05
C ALA B 283 12.58 -18.06 54.15
N THR B 284 12.33 -16.81 54.43
CA THR B 284 10.95 -16.33 54.42
C THR B 284 10.51 -15.57 53.17
N GLY B 285 11.45 -15.18 52.32
CA GLY B 285 11.10 -14.48 51.13
C GLY B 285 10.70 -13.06 51.39
N HIS B 286 11.35 -12.40 52.35
CA HIS B 286 11.12 -10.97 52.65
C HIS B 286 12.41 -10.22 52.84
N TYR B 287 12.41 -8.94 52.47
CA TYR B 287 13.50 -8.07 52.82
C TYR B 287 13.61 -7.96 54.34
N LYS B 288 14.78 -7.64 54.86
CA LYS B 288 15.00 -7.41 56.29
C LYS B 288 14.93 -5.94 56.66
N SER B 289 13.91 -5.58 57.46
CA SER B 289 13.66 -4.19 57.78
C SER B 289 14.70 -3.51 58.62
N ASP B 290 15.64 -4.28 59.14
CA ASP B 290 16.73 -3.70 59.84
C ASP B 290 17.96 -3.40 58.95
N TYR B 291 17.91 -3.69 57.64
CA TYR B 291 19.02 -3.35 56.73
C TYR B 291 19.22 -1.87 56.62
N VAL B 292 20.44 -1.42 56.80
CA VAL B 292 20.72 -0.02 56.78
C VAL B 292 21.26 0.31 55.39
N ALA B 293 20.56 1.15 54.62
CA ALA B 293 21.03 1.53 53.30
C ALA B 293 22.14 2.54 53.40
N ASN B 294 22.69 2.92 52.24
CA ASN B 294 23.70 3.92 52.17
C ASN B 294 23.28 4.97 51.16
N PHE B 295 23.30 6.24 51.55
CA PHE B 295 22.77 7.32 50.65
C PHE B 295 23.52 7.36 49.32
N ASP B 296 24.84 7.48 49.38
CA ASP B 296 25.63 7.62 48.14
C ASP B 296 25.54 6.41 47.22
N ARG B 297 25.61 5.21 47.76
CA ARG B 297 25.53 3.95 47.01
C ARG B 297 24.15 3.65 46.47
N ASP B 298 23.12 3.84 47.28
CA ASP B 298 21.78 3.26 47.03
C ASP B 298 20.75 4.23 46.54
N ILE B 299 20.90 5.47 46.95
CA ILE B 299 19.84 6.44 46.79
C ILE B 299 20.23 7.52 45.79
N LEU B 300 21.39 8.11 46.01
CA LEU B 300 21.90 9.14 45.13
C LEU B 300 21.83 8.77 43.66
N PRO B 301 22.17 7.55 43.30
CA PRO B 301 22.10 7.33 41.83
C PRO B 301 20.68 7.48 41.26
N ILE B 302 19.69 7.09 42.01
CA ILE B 302 18.30 7.26 41.55
C ILE B 302 17.99 8.71 41.31
N ILE B 303 18.35 9.54 42.27
CA ILE B 303 18.14 10.97 42.19
C ILE B 303 18.90 11.56 40.97
N GLN B 304 20.15 11.17 40.82
CA GLN B 304 20.97 11.64 39.70
C GLN B 304 20.39 11.23 38.32
N ARG B 305 19.96 9.98 38.19
CA ARG B 305 19.39 9.50 36.98
C ARG B 305 18.12 10.28 36.65
N ILE B 306 17.21 10.47 37.63
CA ILE B 306 16.01 11.27 37.41
C ILE B 306 16.37 12.68 36.83
N SER B 307 17.41 13.28 37.37
CA SER B 307 17.78 14.64 37.04
C SER B 307 18.32 14.81 35.59
N GLN B 308 18.73 13.73 34.92
N GLN B 308 18.67 13.76 34.89
CA GLN B 308 19.24 13.79 33.54
CA GLN B 308 19.19 13.95 33.57
C GLN B 308 18.16 13.66 32.47
C GLN B 308 18.24 13.50 32.46
N TYR B 309 16.99 13.10 32.82
CA TYR B 309 15.97 12.82 31.79
C TYR B 309 15.57 14.10 31.06
N GLN B 310 15.65 15.27 31.71
CA GLN B 310 15.20 16.53 31.09
C GLN B 310 15.89 16.86 29.77
N TRP B 311 17.07 16.26 29.52
CA TRP B 311 17.85 16.50 28.28
C TRP B 311 17.32 15.79 27.05
N VAL B 312 16.39 14.88 27.25
CA VAL B 312 15.88 13.95 26.24
C VAL B 312 14.34 13.75 26.31
N SER B 313 13.67 14.43 27.23
CA SER B 313 12.23 14.28 27.43
C SER B 313 11.76 15.42 28.28
N ASN B 314 10.46 15.67 28.25
CA ASN B 314 9.85 16.64 29.10
C ASN B 314 9.13 15.95 30.28
N VAL B 315 9.82 15.94 31.39
CA VAL B 315 9.36 15.23 32.58
C VAL B 315 9.50 16.16 33.80
N GLN B 316 8.95 17.37 33.67
CA GLN B 316 9.21 18.39 34.67
C GLN B 316 8.59 18.01 36.00
N SER B 317 7.53 17.21 36.01
CA SER B 317 6.89 16.75 37.26
C SER B 317 7.87 15.93 38.11
N MET B 318 8.96 15.43 37.51
CA MET B 318 9.97 14.69 38.28
C MET B 318 10.99 15.64 39.00
N SER B 319 10.91 16.94 38.71
CA SER B 319 11.88 17.93 39.20
C SER B 319 11.96 18.01 40.75
N GLY B 320 10.85 17.85 41.40
CA GLY B 320 10.85 17.83 42.85
C GLY B 320 11.57 16.68 43.49
N PHE B 321 11.93 15.64 42.75
CA PHE B 321 12.61 14.50 43.24
C PHE B 321 14.12 14.66 43.13
N PHE B 322 14.59 15.79 42.59
CA PHE B 322 16.04 16.09 42.66
C PHE B 322 16.32 17.55 42.95
N SER B 323 15.39 18.23 43.59
CA SER B 323 15.56 19.69 43.80
C SER B 323 16.41 20.06 45.01
N PHE B 324 16.59 19.12 45.91
CA PHE B 324 17.13 19.39 47.26
C PHE B 324 16.40 20.58 47.96
N GLN B 325 15.09 20.47 47.93
CA GLN B 325 14.19 21.43 48.52
C GLN B 325 14.23 21.13 50.00
N PHE B 326 14.58 19.91 50.35
CA PHE B 326 14.98 19.61 51.73
C PHE B 326 16.25 18.79 51.56
N ASP B 327 16.81 18.42 52.69
CA ASP B 327 18.09 17.79 52.71
C ASP B 327 17.98 16.28 52.70
N TYR B 328 18.31 15.69 51.56
CA TYR B 328 18.15 14.25 51.37
C TYR B 328 19.10 13.42 52.22
N ARG B 329 20.22 13.98 52.72
N ARG B 329 20.17 14.05 52.74
CA ARG B 329 21.13 13.19 53.59
CA ARG B 329 21.15 13.37 53.56
C ARG B 329 20.78 13.29 55.10
C ARG B 329 20.79 13.33 55.07
N ASP B 330 19.79 14.11 55.46
CA ASP B 330 19.35 14.19 56.88
C ASP B 330 18.43 13.06 57.26
N GLY B 331 18.98 12.08 57.95
CA GLY B 331 18.26 10.97 58.40
C GLY B 331 17.56 11.14 59.74
N SER B 332 17.47 12.36 60.24
CA SER B 332 16.80 12.57 61.54
C SER B 332 15.30 12.51 61.51
N ALA B 333 14.71 12.31 62.71
CA ALA B 333 13.26 12.39 62.92
C ALA B 333 12.61 13.63 62.36
N ALA B 334 13.21 14.79 62.56
CA ALA B 334 12.60 16.04 62.11
C ALA B 334 12.41 16.04 60.59
N ASN B 335 13.19 15.23 59.87
CA ASN B 335 13.16 15.22 58.41
C ASN B 335 12.44 14.01 57.86
N LYS B 336 11.92 13.16 58.72
CA LYS B 336 11.26 11.98 58.31
C LYS B 336 9.97 12.21 57.51
N ALA B 337 9.13 13.15 57.93
CA ALA B 337 7.90 13.37 57.21
C ALA B 337 8.25 13.75 55.72
N ASN B 338 9.30 14.54 55.48
CA ASN B 338 9.74 14.91 54.14
C ASN B 338 10.24 13.69 53.38
N ARG B 339 11.05 12.85 54.00
CA ARG B 339 11.60 11.67 53.28
C ARG B 339 10.47 10.72 52.98
N MET B 340 9.53 10.58 53.93
CA MET B 340 8.37 9.72 53.66
C MET B 340 7.45 10.23 52.53
N LYS B 341 7.21 11.52 52.48
CA LYS B 341 6.39 12.10 51.40
C LYS B 341 7.05 11.87 50.06
N TYR B 342 8.36 11.96 49.99
CA TYR B 342 9.12 11.65 48.75
C TYR B 342 8.92 10.22 48.36
N TYR B 343 9.17 9.31 49.29
CA TYR B 343 9.00 7.86 49.00
C TYR B 343 7.56 7.44 48.57
N ASN B 344 6.59 8.06 49.23
CA ASN B 344 5.18 7.77 49.00
C ASN B 344 4.66 8.23 47.63
N TYR B 345 5.44 9.02 46.92
CA TYR B 345 5.08 9.42 45.57
C TYR B 345 5.58 8.41 44.55
N PHE B 346 6.35 7.41 44.99
CA PHE B 346 6.77 6.27 44.13
C PHE B 346 5.71 5.19 44.09
N ARG B 347 5.48 4.64 42.89
CA ARG B 347 4.52 3.54 42.74
C ARG B 347 5.09 2.33 43.40
N GLN B 348 4.23 1.69 44.18
CA GLN B 348 4.54 0.33 44.62
C GLN B 348 4.47 -0.61 43.40
N LEU B 349 5.04 -1.81 43.53
CA LEU B 349 5.04 -2.77 42.40
C LEU B 349 3.72 -3.53 42.36
N ASP B 350 3.18 -3.75 41.18
CA ASP B 350 2.09 -4.72 41.07
C ASP B 350 2.51 -6.17 41.44
N ASN B 351 1.54 -6.95 41.91
N ASN B 351 1.61 -6.93 42.02
CA ASN B 351 1.69 -8.38 42.11
CA ASN B 351 1.86 -8.33 42.16
C ASN B 351 1.46 -9.04 40.78
C ASN B 351 1.86 -8.82 40.69
N LYS B 352 2.24 -10.05 40.47
CA LYS B 352 2.23 -10.61 39.12
C LYS B 352 1.17 -11.67 39.05
N VAL B 353 -0.06 -11.28 39.36
CA VAL B 353 -1.22 -12.17 39.32
C VAL B 353 -2.14 -11.80 38.13
N ILE B 354 -2.41 -12.80 37.30
CA ILE B 354 -3.32 -12.67 36.19
C ILE B 354 -4.70 -12.27 36.66
N GLY B 355 -5.26 -11.25 36.02
CA GLY B 355 -6.65 -10.88 36.30
C GLY B 355 -6.78 -9.78 37.35
N ASP B 356 -5.66 -9.34 37.92
CA ASP B 356 -5.69 -8.34 38.96
C ASP B 356 -5.30 -6.97 38.36
N TYR B 357 -6.28 -6.18 37.99
CA TYR B 357 -5.98 -4.94 37.30
C TYR B 357 -5.88 -3.76 38.22
N ASP B 358 -6.68 -3.74 39.27
CA ASP B 358 -6.73 -2.57 40.12
C ASP B 358 -5.53 -2.56 41.08
N GLN B 359 -4.39 -2.15 40.56
CA GLN B 359 -3.15 -2.27 41.26
C GLN B 359 -2.40 -0.96 41.09
N PRO B 360 -1.32 -0.80 41.85
CA PRO B 360 -0.65 0.52 41.89
C PRO B 360 -0.09 1.00 40.54
N GLN B 361 0.31 0.10 39.65
CA GLN B 361 0.87 0.51 38.40
C GLN B 361 -0.15 0.92 37.35
N GLN B 362 -1.44 0.86 37.68
CA GLN B 362 -2.48 1.42 36.84
C GLN B 362 -2.94 2.83 37.27
N VAL B 363 -2.30 3.35 38.30
CA VAL B 363 -2.58 4.60 38.88
C VAL B 363 -1.59 5.62 38.36
N LEU B 364 -2.09 6.72 37.78
CA LEU B 364 -1.24 7.77 37.26
C LEU B 364 -0.82 8.74 38.38
N MET B 365 -1.82 9.35 39.04
CA MET B 365 -1.58 10.51 39.90
C MET B 365 -1.68 10.13 41.39
N SER B 366 -0.96 10.91 42.22
CA SER B 366 -1.17 10.93 43.69
C SER B 366 -2.67 11.07 43.99
N SER B 367 -3.36 11.99 43.32
CA SER B 367 -4.82 12.13 43.39
C SER B 367 -5.22 13.03 42.25
N GLU B 368 -6.52 13.20 42.06
CA GLU B 368 -6.98 14.17 41.12
C GLU B 368 -7.73 15.30 41.76
N VAL B 369 -7.44 15.54 43.04
CA VAL B 369 -7.93 16.70 43.77
C VAL B 369 -7.03 17.93 43.56
N GLU B 370 -7.58 19.03 43.07
CA GLU B 370 -6.77 20.16 42.76
C GLU B 370 -5.96 20.55 43.95
N GLY B 371 -4.69 20.84 43.75
CA GLY B 371 -3.78 21.15 44.86
C GLY B 371 -2.98 19.95 45.35
N ASP B 372 -3.43 18.74 44.99
N ASP B 372 -3.40 18.75 44.94
CA ASP B 372 -2.81 17.46 45.43
CA ASP B 372 -2.79 17.50 45.42
C ASP B 372 -2.50 16.56 44.25
C ASP B 372 -2.53 16.57 44.25
N ILE B 373 -2.31 17.14 43.06
CA ILE B 373 -2.06 16.40 41.81
C ILE B 373 -0.59 16.35 41.42
N LEU B 374 -0.05 15.16 41.46
CA LEU B 374 1.34 14.89 40.93
C LEU B 374 1.41 13.50 40.32
N PRO B 375 2.07 13.36 39.17
CA PRO B 375 2.28 12.06 38.58
C PRO B 375 3.19 11.25 39.45
N LEU B 376 2.80 10.02 39.70
CA LEU B 376 3.60 9.14 40.52
C LEU B 376 4.91 8.71 39.87
N MET B 377 5.84 8.17 40.67
CA MET B 377 7.25 8.06 40.27
C MET B 377 7.73 6.62 40.14
N PRO B 378 8.68 6.37 39.19
CA PRO B 378 9.07 7.32 38.13
C PRO B 378 7.94 7.53 37.13
N MET B 379 7.87 8.73 36.53
CA MET B 379 6.80 9.01 35.56
C MET B 379 7.24 8.59 34.15
N ASN B 380 6.73 7.44 33.71
CA ASN B 380 7.10 6.81 32.46
C ASN B 380 6.10 5.70 32.22
N SER B 381 6.02 5.18 31.01
CA SER B 381 5.22 3.96 30.75
C SER B 381 5.77 2.78 31.55
N GLY B 382 4.85 1.88 31.93
CA GLY B 382 5.22 0.53 32.35
C GLY B 382 5.38 -0.45 31.21
N SER B 383 5.42 -1.74 31.58
CA SER B 383 5.73 -2.78 30.67
C SER B 383 4.52 -3.28 29.88
N ASN B 384 3.32 -2.74 30.11
CA ASN B 384 2.23 -2.88 29.17
C ASN B 384 1.20 -1.85 29.26
N SER B 385 1.46 -0.77 28.51
CA SER B 385 0.54 0.35 28.38
C SER B 385 -0.09 0.30 26.92
N VAL B 386 0.11 -0.83 26.22
CA VAL B 386 -0.25 -1.01 24.82
C VAL B 386 -1.59 -1.77 24.56
N SER B 387 -1.74 -2.94 25.20
CA SER B 387 -2.85 -3.83 24.95
C SER B 387 -3.76 -3.94 26.17
N SER B 388 -5.06 -4.01 25.96
CA SER B 388 -6.01 -4.08 27.02
C SER B 388 -6.14 -5.58 27.46
N SER B 389 -6.93 -5.79 28.48
CA SER B 389 -7.21 -7.10 29.03
C SER B 389 -7.87 -8.02 28.03
N ASN B 390 -8.66 -7.43 27.12
CA ASN B 390 -9.44 -8.20 26.15
C ASN B 390 -8.82 -8.38 24.77
N PHE B 391 -7.54 -8.02 24.59
CA PHE B 391 -6.85 -8.22 23.31
C PHE B 391 -6.35 -9.64 23.10
N TYR B 392 -6.00 -9.90 21.86
CA TYR B 392 -5.39 -11.16 21.45
C TYR B 392 -6.28 -12.39 21.72
N ASP B 393 -7.58 -12.19 21.61
CA ASP B 393 -8.51 -13.24 21.97
C ASP B 393 -8.48 -13.67 23.41
N LEU B 394 -8.02 -12.83 24.33
CA LEU B 394 -7.90 -13.22 25.70
C LEU B 394 -8.95 -12.47 26.48
N THR B 395 -9.19 -12.86 27.70
CA THR B 395 -9.99 -11.96 28.55
C THR B 395 -9.21 -11.35 29.71
N ASP B 396 -7.99 -11.84 29.96
CA ASP B 396 -7.25 -11.38 31.11
C ASP B 396 -5.72 -11.14 30.76
N ASN B 397 -5.51 -10.59 29.59
CA ASN B 397 -4.20 -10.13 29.17
C ASN B 397 -3.59 -9.23 30.25
N VAL B 398 -2.33 -9.46 30.57
CA VAL B 398 -1.67 -8.74 31.65
C VAL B 398 -1.34 -7.28 31.28
N VAL B 399 -1.79 -6.37 32.14
CA VAL B 399 -1.59 -4.97 31.95
C VAL B 399 -0.59 -4.43 33.02
N GLU B 400 0.23 -3.49 32.59
CA GLU B 400 1.05 -2.72 33.54
C GLU B 400 1.34 -1.33 32.93
N LYS B 401 0.52 -0.37 33.28
CA LYS B 401 0.45 0.88 32.53
C LYS B 401 1.62 1.84 32.77
N PHE B 402 1.97 1.98 34.04
CA PHE B 402 2.98 2.98 34.47
C PHE B 402 4.15 2.40 35.24
N LEU B 403 5.29 3.11 35.16
CA LEU B 403 6.56 2.59 35.69
C LEU B 403 6.60 2.53 37.22
N ALA B 404 7.27 1.51 37.73
CA ALA B 404 7.79 1.51 39.10
C ALA B 404 9.30 1.20 39.11
N LEU B 405 9.98 1.52 40.18
CA LEU B 405 11.34 1.04 40.38
C LEU B 405 11.30 -0.47 40.45
N ASP B 406 12.44 -1.12 40.49
CA ASP B 406 12.45 -2.52 40.84
C ASP B 406 12.31 -2.72 42.34
N ALA B 407 12.04 -3.96 42.74
CA ALA B 407 11.72 -4.25 44.14
C ALA B 407 12.87 -3.92 45.07
N THR B 408 14.10 -4.15 44.62
CA THR B 408 15.25 -3.85 45.45
C THR B 408 15.51 -2.38 45.56
N GLN B 409 15.42 -1.65 44.44
CA GLN B 409 15.62 -0.22 44.50
C GLN B 409 14.56 0.37 45.41
N LEU B 410 13.33 -0.13 45.29
CA LEU B 410 12.24 0.47 46.08
C LEU B 410 12.41 0.13 47.59
N PHE B 411 12.88 -1.07 47.88
CA PHE B 411 13.15 -1.44 49.29
C PHE B 411 14.13 -0.47 49.92
N LEU B 412 15.24 -0.23 49.24
CA LEU B 412 16.30 0.66 49.70
C LEU B 412 15.80 2.09 49.81
N LEU B 413 14.94 2.53 48.88
CA LEU B 413 14.35 3.85 49.04
C LEU B 413 13.47 3.99 50.29
N GLY B 414 12.76 2.93 50.60
CA GLY B 414 11.94 2.90 51.82
C GLY B 414 12.76 2.92 53.09
N GLN B 415 13.92 2.23 53.05
CA GLN B 415 14.89 2.30 54.19
C GLN B 415 15.38 3.69 54.38
N TRP B 416 15.70 4.38 53.29
CA TRP B 416 15.99 5.83 53.36
C TRP B 416 14.87 6.61 54.03
N ALA B 417 13.64 6.37 53.57
CA ALA B 417 12.50 7.13 54.05
C ALA B 417 12.35 6.91 55.57
N GLU B 418 12.55 5.68 56.00
CA GLU B 418 12.44 5.32 57.41
C GLU B 418 13.60 5.84 58.21
N GLY B 419 14.67 6.34 57.58
CA GLY B 419 15.79 6.93 58.30
C GLY B 419 16.87 5.86 58.55
N GLU B 420 16.70 4.67 58.02
CA GLU B 420 17.68 3.59 58.12
C GLU B 420 18.72 3.65 56.99
N PHE B 421 19.56 4.65 57.04
CA PHE B 421 20.58 4.84 56.08
C PHE B 421 21.71 5.64 56.67
N THR B 422 22.85 5.52 55.99
CA THR B 422 24.11 6.21 56.31
C THR B 422 24.51 7.21 55.30
N ALA B 423 25.27 8.19 55.76
CA ALA B 423 26.02 9.11 54.97
C ALA B 423 27.44 8.62 55.08
N GLY B 424 28.20 8.76 54.01
CA GLY B 424 29.57 8.28 54.00
C GLY B 424 29.75 7.07 53.10
N PRO B 425 30.95 6.47 53.12
CA PRO B 425 31.20 5.33 52.24
C PRO B 425 30.46 4.05 52.63
N ALA B 426 30.18 3.26 51.64
CA ALA B 426 29.55 2.00 51.97
C ALA B 426 30.44 0.86 51.58
N ASP B 427 30.25 -0.23 52.30
N ASP B 427 30.41 -0.25 52.30
CA ASP B 427 30.63 -1.58 51.90
CA ASP B 427 31.17 -1.42 51.86
C ASP B 427 30.23 -1.79 50.41
C ASP B 427 30.40 -1.97 50.59
N ASP B 428 31.14 -2.19 49.50
CA ASP B 428 30.58 -2.54 48.16
C ASP B 428 29.80 -3.84 48.25
N TYR B 429 28.80 -3.98 47.39
CA TYR B 429 28.11 -5.25 47.26
C TYR B 429 29.05 -6.27 46.65
N PRO B 430 28.80 -7.58 46.85
CA PRO B 430 29.72 -8.56 46.24
C PRO B 430 29.43 -8.77 44.76
N VAL B 431 29.65 -7.72 44.00
CA VAL B 431 29.43 -7.71 42.56
C VAL B 431 30.60 -6.96 41.96
N SER B 432 31.22 -7.50 40.95
CA SER B 432 32.30 -6.82 40.27
C SER B 432 31.82 -5.60 39.53
N ASP B 433 32.58 -4.52 39.61
CA ASP B 433 32.39 -3.30 38.81
C ASP B 433 32.43 -3.50 37.34
N MET B 434 33.23 -4.49 36.97
N MET B 434 33.22 -4.45 36.85
CA MET B 434 33.37 -4.91 35.61
CA MET B 434 33.16 -4.69 35.42
C MET B 434 32.10 -5.61 35.10
C MET B 434 31.82 -5.30 35.07
N ASP B 435 31.21 -6.05 36.00
CA ASP B 435 29.97 -6.69 35.61
C ASP B 435 28.83 -5.67 35.51
N THR B 436 28.89 -4.62 36.31
CA THR B 436 27.88 -3.59 36.33
C THR B 436 28.06 -2.63 35.19
N ALA B 437 29.30 -2.49 34.75
CA ALA B 437 29.63 -1.46 33.72
C ALA B 437 29.12 -1.72 32.31
N SER B 438 28.87 -2.98 32.00
CA SER B 438 28.35 -3.40 30.75
C SER B 438 26.82 -3.20 30.72
N ILE B 439 26.14 -4.01 31.50
CA ILE B 439 24.67 -4.09 31.44
C ILE B 439 24.04 -2.93 32.19
N GLY B 440 24.83 -2.21 32.99
CA GLY B 440 24.34 -0.99 33.66
C GLY B 440 24.11 0.11 32.60
N ASN B 441 24.64 -0.07 31.39
CA ASN B 441 24.31 0.82 30.32
C ASN B 441 23.17 0.34 29.40
N CYS B 442 22.51 -0.78 29.79
CA CYS B 442 21.32 -1.26 29.11
C CYS B 442 20.07 -0.89 29.87
N VAL B 443 18.94 -0.81 29.13
CA VAL B 443 17.63 -0.61 29.75
C VAL B 443 17.25 -1.76 30.66
N GLY B 444 16.85 -1.46 31.90
CA GLY B 444 16.23 -2.48 32.77
C GLY B 444 14.70 -2.46 32.75
N LEU B 445 14.09 -1.27 32.92
CA LEU B 445 12.63 -1.11 32.85
C LEU B 445 12.25 0.19 32.15
N PRO B 446 11.08 0.26 31.49
CA PRO B 446 10.16 -0.85 31.28
C PRO B 446 10.63 -1.72 30.16
N MET B 447 9.97 -2.86 29.98
CA MET B 447 10.35 -3.80 28.94
C MET B 447 9.14 -4.23 28.13
N CYS B 448 8.90 -3.51 27.04
CA CYS B 448 7.71 -3.76 26.18
C CYS B 448 7.98 -3.53 24.70
N PRO B 449 8.99 -4.21 24.14
CA PRO B 449 9.87 -5.18 24.82
C PRO B 449 11.11 -4.59 25.50
N GLY B 450 11.48 -3.37 25.12
CA GLY B 450 12.68 -2.77 25.61
C GLY B 450 13.61 -2.45 24.47
N ILE B 451 14.91 -2.34 24.77
CA ILE B 451 15.86 -1.96 23.77
C ILE B 451 16.82 -3.13 23.56
N GLU B 452 17.76 -3.38 24.50
CA GLU B 452 18.73 -4.46 24.22
C GLU B 452 18.10 -5.87 24.45
N MET B 453 17.36 -5.99 25.54
CA MET B 453 16.86 -7.29 26.06
C MET B 453 15.49 -7.08 26.70
N THR B 454 14.73 -8.18 26.96
CA THR B 454 13.43 -8.00 27.51
C THR B 454 13.28 -8.87 28.72
N TRP B 455 12.04 -9.14 29.07
CA TRP B 455 11.73 -9.59 30.46
C TRP B 455 12.13 -11.02 30.84
N SER B 456 12.76 -11.73 29.91
CA SER B 456 13.41 -12.99 30.29
C SER B 456 14.53 -12.74 31.24
N LEU B 457 15.15 -11.55 31.17
CA LEU B 457 16.25 -11.26 32.08
C LEU B 457 15.81 -11.12 33.49
N GLN B 458 14.50 -10.98 33.74
CA GLN B 458 14.05 -10.88 35.10
C GLN B 458 13.82 -12.27 35.72
N ASN B 459 13.91 -13.31 34.90
CA ASN B 459 13.53 -14.63 35.35
C ASN B 459 14.72 -15.38 35.91
N PRO B 460 14.73 -15.69 37.22
CA PRO B 460 15.91 -16.26 37.80
C PRO B 460 16.37 -17.57 37.17
N VAL B 461 15.48 -18.27 36.44
CA VAL B 461 15.81 -19.57 35.92
C VAL B 461 16.80 -19.59 34.78
N ILE B 462 17.07 -18.44 34.17
CA ILE B 462 18.07 -18.36 33.12
C ILE B 462 19.47 -18.12 33.67
N TYR B 463 19.60 -17.96 34.99
CA TYR B 463 20.85 -17.68 35.63
C TYR B 463 21.35 -18.85 36.44
N LYS B 464 22.64 -19.03 36.47
CA LYS B 464 23.22 -20.02 37.40
C LYS B 464 23.55 -19.36 38.69
N ASP B 465 23.73 -18.05 38.69
CA ASP B 465 23.99 -17.31 39.96
C ASP B 465 23.74 -15.83 39.61
N ALA B 466 23.67 -14.97 40.60
CA ALA B 466 23.58 -13.52 40.30
C ALA B 466 24.52 -13.08 39.19
N TYR B 467 23.99 -12.34 38.20
CA TYR B 467 24.78 -11.73 37.06
C TYR B 467 25.37 -12.77 36.11
N GLN B 468 25.13 -14.06 36.37
CA GLN B 468 25.69 -15.13 35.51
C GLN B 468 24.70 -16.01 34.74
N ILE B 469 24.72 -15.92 33.42
CA ILE B 469 23.79 -16.63 32.60
C ILE B 469 24.15 -18.14 32.62
N LYS B 470 23.15 -18.96 32.83
CA LYS B 470 23.34 -20.41 32.76
C LYS B 470 23.38 -20.85 31.33
N HIS B 471 24.37 -21.70 31.00
CA HIS B 471 24.54 -22.21 29.63
C HIS B 471 23.80 -23.55 29.48
N TYR B 472 22.98 -23.71 28.46
CA TYR B 472 22.42 -24.99 28.11
C TYR B 472 23.38 -25.81 27.28
N GLN B 473 23.59 -27.10 27.62
CA GLN B 473 24.41 -28.03 26.75
C GLN B 473 25.82 -27.49 26.61
N ASP B 474 26.43 -27.62 25.42
CA ASP B 474 27.88 -27.39 25.24
C ASP B 474 28.23 -27.40 23.75
N LYS B 475 29.47 -27.12 23.45
CA LYS B 475 29.89 -26.84 22.09
C LYS B 475 29.61 -28.04 21.17
N ALA B 476 29.85 -29.24 21.65
CA ALA B 476 29.67 -30.44 20.82
C ALA B 476 28.23 -30.68 20.44
N TYR B 477 27.35 -30.42 21.40
CA TYR B 477 25.93 -30.60 21.17
C TYR B 477 25.49 -29.74 20.01
N PHE B 478 25.89 -28.46 19.99
CA PHE B 478 25.43 -27.53 18.92
C PHE B 478 26.13 -27.83 17.59
N ASP B 479 27.40 -28.24 17.65
CA ASP B 479 28.12 -28.69 16.40
C ASP B 479 27.24 -29.69 15.61
N VAL B 480 26.69 -30.69 16.30
CA VAL B 480 25.86 -31.70 15.69
C VAL B 480 24.41 -31.32 15.42
N ASN B 481 23.78 -30.61 16.34
CA ASN B 481 22.30 -30.41 16.33
C ASN B 481 21.91 -29.04 15.81
N GLY B 482 22.81 -28.09 15.90
CA GLY B 482 22.41 -26.68 15.69
C GLY B 482 21.61 -26.21 16.91
N LEU B 483 20.96 -25.06 16.78
CA LEU B 483 20.25 -24.48 17.91
C LEU B 483 18.84 -24.96 17.87
N THR B 484 18.17 -24.85 19.02
CA THR B 484 16.79 -25.31 19.17
C THR B 484 15.76 -24.17 19.04
N PRO B 485 15.07 -24.09 17.90
CA PRO B 485 14.34 -22.84 17.61
C PRO B 485 13.15 -22.59 18.55
N GLU B 486 12.49 -23.66 18.96
CA GLU B 486 11.28 -23.50 19.75
C GLU B 486 11.51 -23.51 21.25
N ARG B 487 12.74 -23.80 21.69
CA ARG B 487 13.02 -24.02 23.10
C ARG B 487 12.98 -22.69 23.88
N ASP B 488 12.14 -22.65 24.88
CA ASP B 488 12.14 -21.57 25.84
C ASP B 488 13.00 -21.87 27.05
N GLU B 489 14.21 -21.26 27.11
CA GLU B 489 15.05 -21.30 28.27
C GLU B 489 14.32 -21.01 29.60
N CYS B 490 13.29 -20.18 29.57
CA CYS B 490 12.51 -19.84 30.80
C CYS B 490 11.56 -20.97 31.23
N GLU B 491 11.17 -21.78 30.27
CA GLU B 491 10.28 -22.94 30.53
C GLU B 491 11.13 -24.12 30.94
N GLU B 492 12.19 -24.38 30.18
CA GLU B 492 13.02 -25.58 30.51
C GLU B 492 13.90 -25.42 31.73
N GLU B 493 14.35 -24.20 32.00
CA GLU B 493 15.16 -23.89 33.19
C GLU B 493 16.59 -24.46 33.20
N THR B 494 17.02 -25.08 32.11
CA THR B 494 18.32 -25.73 32.06
C THR B 494 19.37 -24.88 31.35
N GLY B 495 19.12 -23.59 31.14
CA GLY B 495 20.10 -22.72 30.54
C GLY B 495 19.66 -22.10 29.23
N CYS B 496 20.50 -21.18 28.77
CA CYS B 496 20.34 -20.42 27.50
C CYS B 496 21.18 -20.96 26.38
N GLU B 497 20.65 -20.84 25.19
CA GLU B 497 21.33 -21.06 23.94
C GLU B 497 21.72 -19.71 23.36
N PRO B 498 22.73 -19.68 22.49
CA PRO B 498 23.00 -18.52 21.64
C PRO B 498 21.73 -18.05 20.95
N GLY B 499 21.53 -16.74 21.00
CA GLY B 499 20.28 -16.11 20.55
C GLY B 499 19.14 -15.90 21.52
N ASP B 500 19.21 -16.51 22.69
CA ASP B 500 18.06 -16.50 23.60
C ASP B 500 17.83 -15.17 24.25
N LEU B 501 18.89 -14.42 24.51
CA LEU B 501 18.65 -13.13 25.24
C LEU B 501 18.08 -11.99 24.35
N THR B 502 18.25 -12.10 23.03
CA THR B 502 17.74 -11.08 22.12
C THR B 502 16.56 -11.48 21.21
N LYS B 503 16.13 -12.76 21.21
CA LYS B 503 15.22 -13.23 20.18
C LYS B 503 13.82 -12.62 20.29
N ARG B 504 13.40 -12.25 21.48
CA ARG B 504 12.06 -11.66 21.68
C ARG B 504 11.87 -10.25 21.16
N MET B 505 12.97 -9.55 20.96
CA MET B 505 12.95 -8.17 20.49
C MET B 505 12.42 -8.03 19.08
N ALA B 506 12.06 -6.80 18.72
CA ALA B 506 11.52 -6.63 17.39
C ALA B 506 12.50 -7.06 16.30
N CYS B 507 11.93 -7.62 15.24
CA CYS B 507 12.65 -8.11 14.11
C CYS B 507 12.20 -7.41 12.84
N PRO B 508 12.94 -6.35 12.36
CA PRO B 508 14.21 -5.77 12.80
C PRO B 508 14.07 -4.85 14.02
N TRP B 509 15.17 -4.65 14.73
CA TRP B 509 15.18 -3.79 15.94
C TRP B 509 14.75 -2.37 15.68
N GLN B 510 14.89 -1.92 14.40
CA GLN B 510 14.52 -0.51 14.09
C GLN B 510 13.03 -0.24 14.34
N ALA B 511 12.19 -1.29 14.33
CA ALA B 511 10.82 -1.16 14.81
C ALA B 511 10.73 -0.81 16.29
N ASP B 512 11.55 -1.44 17.15
CA ASP B 512 11.57 -1.06 18.59
C ASP B 512 12.00 0.44 18.71
N PHE B 513 12.89 0.90 17.83
CA PHE B 513 13.53 2.24 17.97
C PHE B 513 12.53 3.27 17.46
N PHE B 514 11.89 2.97 16.34
CA PHE B 514 10.85 3.84 15.80
C PHE B 514 9.71 4.08 16.79
N ASN B 515 9.35 3.07 17.57
CA ASN B 515 8.22 3.10 18.50
C ASN B 515 8.55 3.42 19.97
N CYS B 516 9.86 3.51 20.27
CA CYS B 516 10.37 3.77 21.64
C CYS B 516 10.38 5.26 21.80
N THR B 517 9.21 5.83 21.91
CA THR B 517 9.06 7.27 21.87
C THR B 517 8.23 7.68 23.06
N ILE B 518 6.94 7.86 22.82
CA ILE B 518 5.96 8.13 23.85
C ILE B 518 4.77 7.22 23.70
N GLN B 519 3.97 7.13 24.77
CA GLN B 519 2.69 6.41 24.72
C GLN B 519 1.67 7.29 25.36
N THR B 520 0.46 7.35 24.76
CA THR B 520 -0.64 8.07 25.34
C THR B 520 -1.42 7.00 26.13
N VAL B 521 -1.32 7.04 27.43
CA VAL B 521 -1.83 5.99 28.34
C VAL B 521 -3.09 6.36 29.11
N ASN B 522 -4.10 5.52 28.96
CA ASN B 522 -5.37 5.72 29.67
C ASN B 522 -5.15 5.63 31.17
N PHE B 523 -5.76 6.52 31.97
CA PHE B 523 -5.67 6.34 33.42
C PHE B 523 -7.02 6.31 34.19
N SER B 524 -8.09 5.90 33.51
CA SER B 524 -9.45 5.85 34.12
C SER B 524 -9.92 4.41 34.29
N GLU B 525 -9.44 3.46 33.48
CA GLU B 525 -9.94 2.04 33.55
C GLU B 525 -8.75 1.09 33.57
N PRO B 526 -8.52 0.45 34.74
CA PRO B 526 -7.29 -0.29 34.91
C PRO B 526 -7.08 -1.39 33.93
N SER B 527 -8.18 -1.95 33.41
CA SER B 527 -8.10 -3.07 32.43
C SER B 527 -7.96 -2.65 30.95
N VAL B 528 -7.98 -1.33 30.70
CA VAL B 528 -8.05 -0.82 29.35
C VAL B 528 -6.86 -0.01 29.00
N ASN B 529 -6.20 -0.37 27.90
CA ASN B 529 -5.22 0.52 27.28
C ASN B 529 -5.69 1.21 25.99
N LYS B 530 -6.39 0.47 25.12
CA LYS B 530 -6.91 1.02 23.92
C LYS B 530 -8.37 0.58 23.75
N ALA B 531 -9.05 1.31 22.91
CA ALA B 531 -10.46 1.07 22.64
C ALA B 531 -10.74 1.51 21.21
N SER B 532 -11.86 1.09 20.64
CA SER B 532 -12.32 1.67 19.42
C SER B 532 -12.96 3.01 19.80
N GLN B 533 -12.78 4.01 18.92
CA GLN B 533 -13.36 5.33 19.05
C GLN B 533 -14.15 5.62 17.76
N THR B 534 -15.44 5.88 17.93
CA THR B 534 -16.33 6.26 16.78
C THR B 534 -16.80 7.65 16.98
N GLU B 535 -16.46 8.45 16.02
CA GLU B 535 -16.81 9.86 16.01
C GLU B 535 -17.80 10.13 14.89
N THR B 536 -19.02 10.53 15.24
CA THR B 536 -20.08 10.79 14.24
C THR B 536 -20.36 12.28 14.24
N VAL B 537 -20.20 12.95 13.09
CA VAL B 537 -20.43 14.37 13.00
C VAL B 537 -21.67 14.59 12.12
N THR B 538 -22.76 15.12 12.68
CA THR B 538 -23.99 15.28 11.89
C THR B 538 -24.17 16.78 11.68
N SER B 539 -24.19 17.21 10.42
CA SER B 539 -24.10 18.64 10.05
C SER B 539 -25.31 19.10 9.23
N ARG B 540 -26.01 20.12 9.70
CA ARG B 540 -27.10 20.70 8.92
C ARG B 540 -26.60 21.99 8.27
N THR B 541 -26.62 22.06 6.94
CA THR B 541 -26.19 23.28 6.22
C THR B 541 -27.44 24.05 5.84
N HIS B 542 -27.46 25.31 6.20
CA HIS B 542 -28.62 26.15 5.92
C HIS B 542 -28.21 27.41 5.19
N TYR B 543 -28.93 27.70 4.12
CA TYR B 543 -28.64 28.84 3.28
C TYR B 543 -29.80 29.76 3.31
N GLU B 544 -29.52 31.06 3.34
CA GLU B 544 -30.56 32.09 3.19
C GLU B 544 -29.99 33.16 2.32
N TRP B 545 -30.83 33.79 1.53
CA TRP B 545 -30.35 34.88 0.68
C TRP B 545 -31.06 36.13 1.04
N GLY B 546 -30.37 37.26 0.95
CA GLY B 546 -30.95 38.54 1.40
C GLY B 546 -30.45 39.72 0.64
N ASN B 547 -30.63 40.90 1.22
CA ASN B 547 -30.42 42.15 0.49
C ASN B 547 -31.09 42.17 -0.88
N LEU B 548 -32.28 41.61 -0.98
CA LEU B 548 -33.01 41.45 -2.23
C LEU B 548 -33.85 42.68 -2.48
N PRO B 549 -34.22 42.97 -3.75
CA PRO B 549 -35.13 44.13 -3.97
C PRO B 549 -36.50 43.97 -3.25
N ALA B 550 -37.19 45.07 -3.07
CA ALA B 550 -38.54 45.02 -2.47
C ALA B 550 -39.46 44.11 -3.20
N GLY B 551 -40.15 43.25 -2.46
CA GLY B 551 -41.03 42.31 -3.04
C GLY B 551 -40.41 41.00 -3.48
N VAL B 552 -39.07 40.91 -3.50
CA VAL B 552 -38.45 39.65 -3.89
C VAL B 552 -38.04 38.81 -2.66
N SER B 553 -38.25 37.51 -2.74
CA SER B 553 -37.82 36.59 -1.72
C SER B 553 -37.52 35.28 -2.39
N VAL B 554 -36.68 34.47 -1.80
CA VAL B 554 -36.46 33.14 -2.31
C VAL B 554 -36.43 32.20 -1.10
N PRO B 555 -36.81 30.95 -1.28
CA PRO B 555 -36.86 30.07 -0.15
C PRO B 555 -35.43 29.78 0.34
N ASP B 556 -35.30 29.56 1.65
CA ASP B 556 -34.09 29.01 2.26
C ASP B 556 -33.86 27.66 1.71
N GLN B 557 -32.64 27.16 1.78
CA GLN B 557 -32.37 25.79 1.42
C GLN B 557 -31.65 25.14 2.58
N SER B 558 -31.95 23.89 2.88
CA SER B 558 -31.13 23.23 3.85
C SER B 558 -30.99 21.76 3.56
N SER B 559 -29.89 21.18 4.04
CA SER B 559 -29.75 19.75 3.94
C SER B 559 -28.87 19.23 5.10
N VAL B 560 -28.82 17.91 5.25
CA VAL B 560 -28.14 17.31 6.38
C VAL B 560 -27.19 16.27 5.84
N SER B 561 -26.01 16.20 6.43
CA SER B 561 -24.93 15.32 5.95
C SER B 561 -24.30 14.70 7.19
N ALA B 562 -23.71 13.51 7.09
CA ALA B 562 -22.99 12.96 8.23
C ALA B 562 -21.77 12.18 7.85
N THR B 563 -20.75 12.25 8.71
CA THR B 563 -19.55 11.42 8.60
C THR B 563 -19.48 10.56 9.89
N LYS B 564 -18.98 9.35 9.74
CA LYS B 564 -18.80 8.41 10.86
C LYS B 564 -17.40 7.88 10.74
N ASN B 565 -16.50 8.36 11.58
CA ASN B 565 -15.14 7.84 11.64
C ASN B 565 -14.96 6.80 12.78
N VAL B 566 -14.44 5.65 12.40
CA VAL B 566 -14.15 4.56 13.30
C VAL B 566 -12.62 4.25 13.29
N ASP B 567 -11.90 4.51 14.38
CA ASP B 567 -10.57 3.98 14.64
C ASP B 567 -10.68 2.84 15.63
N GLU B 568 -10.16 1.68 15.21
CA GLU B 568 -10.35 0.44 15.94
C GLU B 568 -9.62 0.19 17.32
N LYS B 569 -8.42 0.76 17.45
CA LYS B 569 -7.53 0.61 18.65
C LYS B 569 -6.81 1.93 18.86
N VAL B 570 -7.35 2.82 19.65
CA VAL B 570 -6.64 4.03 20.01
C VAL B 570 -6.70 4.18 21.49
N PRO B 571 -5.82 5.01 22.06
CA PRO B 571 -5.83 5.20 23.49
C PRO B 571 -7.21 5.67 23.99
N LEU B 572 -7.70 5.10 25.05
CA LEU B 572 -8.95 5.50 25.63
C LEU B 572 -8.77 6.75 26.45
N PRO B 573 -9.50 7.82 26.16
CA PRO B 573 -9.41 8.99 27.07
C PRO B 573 -10.09 8.77 28.37
N PRO B 574 -9.68 9.46 29.44
CA PRO B 574 -8.58 10.46 29.44
C PRO B 574 -7.23 9.76 29.51
N ALA B 575 -6.27 10.34 28.82
CA ALA B 575 -4.94 9.72 28.75
C ALA B 575 -3.82 10.71 29.04
N TYR B 576 -2.67 10.11 29.38
CA TYR B 576 -1.47 10.83 29.81
C TYR B 576 -0.25 10.54 28.96
N TYR B 577 0.37 11.60 28.48
CA TYR B 577 1.57 11.54 27.59
C TYR B 577 2.76 11.04 28.39
N SER B 578 3.17 9.81 28.09
CA SER B 578 4.16 9.10 28.87
C SER B 578 5.34 8.64 28.04
N TYR B 579 6.56 8.78 28.57
CA TYR B 579 7.71 8.37 27.80
C TYR B 579 7.95 6.85 27.83
N TRP B 580 8.72 6.36 26.87
CA TRP B 580 9.06 4.99 26.84
C TRP B 580 10.43 4.90 27.54
N PRO B 582 13.67 7.49 27.56
CA PRO B 582 14.32 8.72 27.13
C PRO B 582 15.83 8.61 26.99
N PRO B 583 16.50 7.86 27.89
CA PRO B 583 17.93 7.76 27.74
C PRO B 583 18.41 7.00 26.49
N GLN B 584 17.62 6.04 26.05
CA GLN B 584 18.02 5.10 25.01
C GLN B 584 17.36 5.42 23.67
N SER B 585 16.34 6.30 23.67
CA SER B 585 15.65 6.63 22.43
C SER B 585 15.07 8.02 22.67
N PRO B 586 15.90 9.06 22.49
CA PRO B 586 15.57 10.42 22.86
C PRO B 586 14.39 10.96 22.09
N TRP B 587 13.71 11.96 22.66
CA TRP B 587 12.51 12.45 22.05
C TRP B 587 12.52 13.95 21.93
N ASP B 588 12.71 14.68 23.03
CA ASP B 588 12.82 16.13 23.03
C ASP B 588 14.23 16.54 23.40
N VAL B 589 14.96 17.07 22.43
CA VAL B 589 16.41 17.36 22.59
C VAL B 589 16.74 18.70 22.09
N LEU B 590 17.92 19.21 22.51
CA LEU B 590 18.33 20.54 22.13
C LEU B 590 19.20 20.52 20.90
N THR B 591 18.95 21.44 19.98
CA THR B 591 19.77 21.60 18.86
C THR B 591 21.12 22.19 19.32
N GLY B 592 22.15 21.77 18.60
CA GLY B 592 23.50 21.93 18.98
C GLY B 592 24.49 22.63 18.05
N GLU B 593 24.07 23.05 16.85
CA GLU B 593 25.03 23.58 15.86
C GLU B 593 25.36 25.00 16.16
N LEU B 594 26.63 25.30 16.44
CA LEU B 594 26.97 26.65 16.88
C LEU B 594 27.60 27.42 15.75
N ASP B 595 27.86 26.84 14.58
N ASP B 595 27.72 26.77 14.58
CA ASP B 595 28.50 27.66 13.49
CA ASP B 595 28.43 27.28 13.39
C ASP B 595 27.44 27.73 12.35
C ASP B 595 27.32 27.75 12.36
N THR B 596 27.60 28.71 11.48
CA THR B 596 26.61 29.08 10.48
C THR B 596 26.32 27.88 9.56
N GLU B 597 27.37 27.19 9.11
CA GLU B 597 27.15 26.05 8.22
C GLU B 597 26.21 25.00 8.80
N GLY B 598 26.45 24.63 10.06
CA GLY B 598 25.63 23.59 10.78
C GLY B 598 24.20 24.13 10.96
N GLN B 599 24.06 25.44 11.18
CA GLN B 599 22.69 26.04 11.31
C GLN B 599 21.91 26.10 9.99
N LEU B 600 22.59 26.44 8.92
CA LEU B 600 21.94 26.39 7.61
C LEU B 600 21.51 24.97 7.23
N HIS B 601 22.37 24.00 7.47
CA HIS B 601 22.00 22.63 7.14
C HIS B 601 20.89 22.07 8.03
N SER B 602 20.93 22.43 9.31
CA SER B 602 19.94 21.94 10.28
C SER B 602 18.63 22.73 10.20
N HIS B 603 18.71 23.98 9.71
CA HIS B 603 17.60 24.90 9.55
C HIS B 603 17.16 25.44 10.92
N LEU B 604 17.98 25.29 11.94
CA LEU B 604 17.56 25.70 13.28
C LEU B 604 18.65 26.47 14.01
N PRO B 605 18.25 27.45 14.84
CA PRO B 605 19.20 28.07 15.77
C PRO B 605 19.63 27.06 16.84
N ALA B 606 20.75 27.26 17.50
CA ALA B 606 21.16 26.40 18.60
C ALA B 606 20.31 26.62 19.83
N GLY B 607 20.21 25.63 20.68
CA GLY B 607 19.56 25.81 22.00
C GLY B 607 18.05 25.59 22.03
N GLN B 608 17.46 25.22 20.87
CA GLN B 608 16.01 25.10 20.76
C GLN B 608 15.66 23.62 20.97
N GLN B 609 14.59 23.33 21.71
CA GLN B 609 14.17 21.98 21.90
C GLN B 609 13.34 21.58 20.71
N ILE B 610 13.65 20.43 20.13
CA ILE B 610 12.92 19.94 19.01
C ILE B 610 12.88 18.44 19.01
N ASN B 611 12.10 17.87 18.10
CA ASN B 611 11.96 16.41 18.08
C ASN B 611 13.24 15.71 17.55
N TYR B 612 13.70 14.75 18.30
CA TYR B 612 14.91 14.04 18.05
C TYR B 612 14.87 13.29 16.72
N ALA B 613 13.70 12.73 16.39
CA ALA B 613 13.54 11.90 15.17
C ALA B 613 12.96 12.66 13.97
N ARG B 614 13.02 14.00 14.00
CA ARG B 614 12.38 14.82 12.99
C ARG B 614 12.95 14.44 11.63
N GLY B 615 12.05 14.26 10.66
CA GLY B 615 12.45 13.84 9.34
C GLY B 615 12.33 12.33 9.08
N ILE B 616 12.39 11.51 10.12
CA ILE B 616 12.15 10.06 10.02
C ILE B 616 10.67 9.89 10.23
N ASN B 617 9.92 9.97 9.14
CA ASN B 617 8.46 10.10 9.17
C ASN B 617 7.72 8.77 9.06
N SER B 618 8.45 7.70 8.82
CA SER B 618 7.89 6.36 8.74
C SER B 618 8.80 5.30 9.29
N TYR B 619 8.20 4.15 9.55
CA TYR B 619 8.99 3.01 10.07
C TYR B 619 10.04 2.59 9.05
N SER B 620 9.64 2.53 7.77
CA SER B 620 10.57 2.18 6.70
C SER B 620 11.76 3.15 6.65
N GLN B 621 11.51 4.42 6.80
CA GLN B 621 12.64 5.33 6.84
C GLN B 621 13.56 5.05 8.03
N MET B 622 13.02 4.70 9.21
CA MET B 622 13.89 4.36 10.31
C MET B 622 14.75 3.16 10.01
N VAL B 623 14.16 2.20 9.31
CA VAL B 623 14.91 0.97 9.01
C VAL B 623 16.12 1.31 8.11
N GLU B 624 15.95 2.27 7.19
CA GLU B 624 17.00 2.70 6.29
C GLU B 624 17.95 3.71 6.87
N HIS B 625 17.46 4.64 7.69
CA HIS B 625 18.22 5.85 8.09
C HIS B 625 18.47 6.10 9.58
N TRP B 626 18.27 5.09 10.42
CA TRP B 626 18.66 5.11 11.83
C TRP B 626 20.00 5.76 12.07
N SER B 627 20.97 5.50 11.19
CA SER B 627 22.34 5.91 11.49
C SER B 627 22.60 7.40 11.26
N ALA B 628 21.58 8.11 10.76
CA ALA B 628 21.67 9.56 10.53
C ALA B 628 21.38 10.37 11.80
N LEU B 629 20.78 9.73 12.79
CA LEU B 629 20.36 10.42 14.03
C LEU B 629 21.53 10.87 14.90
N ALA B 630 21.21 11.86 15.72
CA ALA B 630 22.20 12.50 16.54
C ALA B 630 22.61 11.63 17.72
N PHE B 631 23.82 11.91 18.24
CA PHE B 631 24.17 11.50 19.57
C PHE B 631 24.02 12.67 20.52
N ILE B 632 23.28 12.43 21.60
CA ILE B 632 23.03 13.46 22.62
C ILE B 632 24.14 13.36 23.62
N ARG B 633 24.88 14.46 23.75
CA ARG B 633 26.07 14.46 24.56
C ARG B 633 26.34 15.78 25.30
N ASP B 634 27.06 15.68 26.40
CA ASP B 634 27.37 16.84 27.29
C ASP B 634 28.48 17.65 26.67
N ARG B 635 28.10 18.82 26.14
CA ARG B 635 29.03 19.73 25.53
C ARG B 635 29.98 20.42 26.57
N ASN B 636 29.58 20.31 27.84
CA ASN B 636 30.30 20.92 28.99
C ASN B 636 30.88 19.81 29.92
N GLN B 637 31.19 18.63 29.34
CA GLN B 637 31.68 17.47 30.12
C GLN B 637 32.90 17.76 30.96
N ASN B 638 33.76 18.69 30.57
CA ASN B 638 34.92 19.05 31.44
C ASN B 638 34.59 19.72 32.76
N ASN B 639 33.34 20.12 32.98
CA ASN B 639 32.96 20.89 34.16
C ASN B 639 31.87 20.19 34.91
N ASP B 640 32.30 19.35 35.80
CA ASP B 640 31.44 18.56 36.58
C ASP B 640 30.36 19.35 37.30
N GLY B 641 29.13 18.86 37.22
CA GLY B 641 27.99 19.52 37.81
C GLY B 641 27.29 20.59 36.96
N PHE B 642 27.78 20.90 35.75
CA PHE B 642 27.15 21.94 34.90
C PHE B 642 26.89 21.41 33.49
N PRO B 643 26.07 20.33 33.37
CA PRO B 643 25.86 19.68 32.14
C PRO B 643 25.17 20.57 31.11
N PHE B 644 25.49 20.37 29.82
CA PHE B 644 24.76 21.00 28.72
C PHE B 644 24.70 20.00 27.56
N PHE B 645 23.62 19.21 27.49
CA PHE B 645 23.46 18.15 26.46
C PHE B 645 22.72 18.69 25.24
N THR B 646 23.30 18.48 24.08
CA THR B 646 22.66 18.79 22.82
C THR B 646 22.91 17.66 21.84
N GLU B 647 22.24 17.74 20.72
CA GLU B 647 22.48 16.88 19.57
C GLU B 647 23.91 17.18 19.15
N THR B 648 24.59 16.14 18.72
CA THR B 648 25.83 16.28 17.97
C THR B 648 25.80 15.22 16.87
N GLU B 649 26.53 15.47 15.77
CA GLU B 649 26.80 14.45 14.73
C GLU B 649 25.52 13.98 13.97
N ARG B 650 24.46 14.80 13.93
CA ARG B 650 23.29 14.46 13.12
C ARG B 650 23.68 14.60 11.65
N ASN B 651 23.21 13.73 10.81
CA ASN B 651 23.56 13.78 9.33
C ASN B 651 22.51 14.70 8.69
N HIS B 652 22.69 16.00 8.93
CA HIS B 652 21.69 17.01 8.51
C HIS B 652 21.41 17.00 7.03
N GLU B 653 22.45 16.73 6.26
CA GLU B 653 22.35 16.73 4.82
C GLU B 653 21.36 15.73 4.24
N LEU B 654 21.08 14.64 4.98
CA LEU B 654 20.04 13.68 4.53
C LEU B 654 18.69 14.30 4.37
N PHE B 655 18.38 15.32 5.19
CA PHE B 655 17.02 15.74 5.41
C PHE B 655 16.73 16.95 4.55
N ASP B 656 15.54 17.03 4.00
CA ASP B 656 15.04 18.25 3.36
C ASP B 656 14.18 18.95 4.37
N PHE B 657 13.76 20.18 4.06
CA PHE B 657 13.08 21.02 5.02
C PHE B 657 12.06 21.90 4.29
N LYS B 658 10.88 22.08 4.85
CA LYS B 658 9.90 23.04 4.30
C LYS B 658 9.26 23.79 5.46
N GLU B 659 9.16 25.09 5.30
CA GLU B 659 8.47 25.88 6.25
C GLU B 659 7.06 26.13 5.72
N VAL B 660 6.07 25.60 6.38
CA VAL B 660 4.67 25.72 5.94
C VAL B 660 3.97 26.87 6.69
N LEU B 661 3.41 27.87 6.02
CA LEU B 661 2.73 28.94 6.74
C LEU B 661 1.39 28.42 7.19
N VAL B 662 0.91 28.85 8.34
CA VAL B 662 -0.29 28.20 8.95
C VAL B 662 -1.52 28.43 8.06
N GLY B 663 -1.55 29.54 7.34
CA GLY B 663 -2.59 29.81 6.39
C GLY B 663 -2.66 28.91 5.17
N GLN B 664 -1.59 28.21 4.90
CA GLN B 664 -1.64 27.17 3.86
C GLN B 664 -2.53 26.06 4.32
N VAL B 665 -2.58 25.83 5.64
CA VAL B 665 -3.39 24.79 6.19
C VAL B 665 -4.81 25.29 6.39
N THR B 666 -4.97 26.49 6.93
CA THR B 666 -6.29 26.95 7.31
C THR B 666 -7.09 27.64 6.20
N GLY B 667 -6.41 28.12 5.16
CA GLY B 667 -7.12 28.94 4.19
C GLY B 667 -7.16 30.41 4.49
N ASN B 668 -6.77 30.79 5.72
CA ASN B 668 -6.75 32.20 6.18
C ASN B 668 -5.35 32.82 6.15
N SER B 669 -5.10 33.73 5.21
CA SER B 669 -3.77 34.27 5.03
C SER B 669 -3.30 35.06 6.24
N GLU B 670 -4.18 35.50 7.09
CA GLU B 670 -3.75 36.20 8.28
C GLU B 670 -2.91 35.25 9.23
N ASP B 671 -3.14 33.95 9.11
CA ASP B 671 -2.45 32.96 9.93
C ASP B 671 -1.03 32.79 9.46
N ASN B 672 -0.69 33.39 8.31
CA ASN B 672 0.65 33.29 7.78
C ASN B 672 1.72 33.99 8.59
N GLU B 673 1.36 34.73 9.65
CA GLU B 673 2.34 35.21 10.62
C GLU B 673 3.00 34.11 11.39
N THR B 674 2.46 32.91 11.34
CA THR B 674 3.00 31.78 12.02
C THR B 674 3.30 30.68 11.00
N SER B 675 4.36 29.91 11.24
CA SER B 675 4.80 28.85 10.34
C SER B 675 5.18 27.62 11.13
N LEU B 676 5.22 26.49 10.43
CA LEU B 676 5.51 25.19 11.03
C LEU B 676 6.68 24.63 10.25
N PRO B 677 7.71 24.15 10.93
CA PRO B 677 8.81 23.52 10.21
C PRO B 677 8.51 22.06 9.95
N VAL B 678 8.85 21.55 8.78
CA VAL B 678 8.60 20.16 8.46
C VAL B 678 9.90 19.59 7.89
N PHE B 679 10.46 18.60 8.56
CA PHE B 679 11.60 17.85 8.08
C PHE B 679 11.18 16.53 7.44
N PHE B 680 11.89 16.13 6.39
CA PHE B 680 11.57 14.93 5.69
C PHE B 680 12.76 14.48 4.88
N ILE B 681 12.65 13.28 4.33
CA ILE B 681 13.70 12.67 3.53
C ILE B 681 13.20 12.50 2.09
N ASN B 682 13.85 13.18 1.16
CA ASN B 682 13.50 12.97 -0.24
C ASN B 682 14.37 11.86 -0.82
N ALA B 683 13.82 10.72 -1.14
CA ALA B 683 14.64 9.59 -1.70
C ALA B 683 15.39 9.92 -3.03
N ASN B 684 14.88 10.92 -3.74
CA ASN B 684 15.49 11.33 -4.99
C ASN B 684 16.68 12.23 -4.81
N LYS B 685 17.14 12.50 -3.58
CA LYS B 685 18.47 13.11 -3.38
C LYS B 685 19.70 12.30 -3.86
#